data_1ENN
# 
_entry.id   1ENN 
# 
_audit_conform.dict_name       mmcif_pdbx.dic 
_audit_conform.dict_version    5.386 
_audit_conform.dict_location   http://mmcif.pdb.org/dictionaries/ascii/mmcif_pdbx.dic 
# 
loop_
_database_2.database_id 
_database_2.database_code 
_database_2.pdbx_database_accession 
_database_2.pdbx_DOI 
PDB   1ENN         pdb_00001enn 10.2210/pdb1enn/pdb 
NDB   BD0037       ?            ?                   
RCSB  RCSB010748   ?            ?                   
WWPDB D_1000010748 ?            ?                   
# 
loop_
_pdbx_audit_revision_history.ordinal 
_pdbx_audit_revision_history.data_content_type 
_pdbx_audit_revision_history.major_revision 
_pdbx_audit_revision_history.minor_revision 
_pdbx_audit_revision_history.revision_date 
1 'Structure model' 1 0 2000-05-03 
2 'Structure model' 1 1 2008-04-27 
3 'Structure model' 1 2 2011-07-13 
4 'Structure model' 1 3 2024-02-07 
# 
_pdbx_audit_revision_details.ordinal             1 
_pdbx_audit_revision_details.revision_ordinal    1 
_pdbx_audit_revision_details.data_content_type   'Structure model' 
_pdbx_audit_revision_details.provider            repository 
_pdbx_audit_revision_details.type                'Initial release' 
_pdbx_audit_revision_details.description         ? 
_pdbx_audit_revision_details.details             ? 
# 
loop_
_pdbx_audit_revision_group.ordinal 
_pdbx_audit_revision_group.revision_ordinal 
_pdbx_audit_revision_group.data_content_type 
_pdbx_audit_revision_group.group 
1 2 'Structure model' 'Version format compliance' 
2 3 'Structure model' 'Version format compliance' 
3 4 'Structure model' 'Data collection'           
4 4 'Structure model' 'Database references'       
5 4 'Structure model' 'Derived calculations'      
# 
loop_
_pdbx_audit_revision_category.ordinal 
_pdbx_audit_revision_category.revision_ordinal 
_pdbx_audit_revision_category.data_content_type 
_pdbx_audit_revision_category.category 
1 4 'Structure model' chem_comp_atom         
2 4 'Structure model' chem_comp_bond         
3 4 'Structure model' database_2             
4 4 'Structure model' diffrn_source          
5 4 'Structure model' pdbx_struct_conn_angle 
6 4 'Structure model' struct_conn            
7 4 'Structure model' struct_site            
# 
loop_
_pdbx_audit_revision_item.ordinal 
_pdbx_audit_revision_item.revision_ordinal 
_pdbx_audit_revision_item.data_content_type 
_pdbx_audit_revision_item.item 
1  4 'Structure model' '_database_2.pdbx_DOI'                        
2  4 'Structure model' '_database_2.pdbx_database_accession'         
3  4 'Structure model' '_diffrn_source.pdbx_synchrotron_site'        
4  4 'Structure model' '_pdbx_struct_conn_angle.ptnr1_auth_asym_id'  
5  4 'Structure model' '_pdbx_struct_conn_angle.ptnr1_auth_comp_id'  
6  4 'Structure model' '_pdbx_struct_conn_angle.ptnr1_auth_seq_id'   
7  4 'Structure model' '_pdbx_struct_conn_angle.ptnr1_label_alt_id'  
8  4 'Structure model' '_pdbx_struct_conn_angle.ptnr1_label_asym_id' 
9  4 'Structure model' '_pdbx_struct_conn_angle.ptnr1_label_atom_id' 
10 4 'Structure model' '_pdbx_struct_conn_angle.ptnr1_label_comp_id' 
11 4 'Structure model' '_pdbx_struct_conn_angle.ptnr1_label_seq_id'  
12 4 'Structure model' '_pdbx_struct_conn_angle.ptnr1_symmetry'      
13 4 'Structure model' '_pdbx_struct_conn_angle.ptnr2_auth_asym_id'  
14 4 'Structure model' '_pdbx_struct_conn_angle.ptnr2_auth_seq_id'   
15 4 'Structure model' '_pdbx_struct_conn_angle.ptnr2_label_asym_id' 
16 4 'Structure model' '_pdbx_struct_conn_angle.ptnr3_auth_asym_id'  
17 4 'Structure model' '_pdbx_struct_conn_angle.ptnr3_auth_comp_id'  
18 4 'Structure model' '_pdbx_struct_conn_angle.ptnr3_auth_seq_id'   
19 4 'Structure model' '_pdbx_struct_conn_angle.ptnr3_label_alt_id'  
20 4 'Structure model' '_pdbx_struct_conn_angle.ptnr3_label_asym_id' 
21 4 'Structure model' '_pdbx_struct_conn_angle.ptnr3_label_atom_id' 
22 4 'Structure model' '_pdbx_struct_conn_angle.ptnr3_label_comp_id' 
23 4 'Structure model' '_pdbx_struct_conn_angle.ptnr3_label_seq_id'  
24 4 'Structure model' '_pdbx_struct_conn_angle.ptnr3_symmetry'      
25 4 'Structure model' '_pdbx_struct_conn_angle.value'               
26 4 'Structure model' '_struct_conn.conn_type_id'                   
27 4 'Structure model' '_struct_conn.id'                             
28 4 'Structure model' '_struct_conn.pdbx_dist_value'                
29 4 'Structure model' '_struct_conn.pdbx_leaving_atom_flag'         
30 4 'Structure model' '_struct_conn.pdbx_ptnr2_label_alt_id'        
31 4 'Structure model' '_struct_conn.ptnr1_auth_asym_id'             
32 4 'Structure model' '_struct_conn.ptnr1_auth_comp_id'             
33 4 'Structure model' '_struct_conn.ptnr1_auth_seq_id'              
34 4 'Structure model' '_struct_conn.ptnr1_label_asym_id'            
35 4 'Structure model' '_struct_conn.ptnr1_label_atom_id'            
36 4 'Structure model' '_struct_conn.ptnr1_label_comp_id'            
37 4 'Structure model' '_struct_conn.ptnr1_label_seq_id'             
38 4 'Structure model' '_struct_conn.ptnr2_auth_asym_id'             
39 4 'Structure model' '_struct_conn.ptnr2_auth_comp_id'             
40 4 'Structure model' '_struct_conn.ptnr2_auth_seq_id'              
41 4 'Structure model' '_struct_conn.ptnr2_label_asym_id'            
42 4 'Structure model' '_struct_conn.ptnr2_label_atom_id'            
43 4 'Structure model' '_struct_conn.ptnr2_label_comp_id'            
44 4 'Structure model' '_struct_conn.ptnr2_label_seq_id'             
45 4 'Structure model' '_struct_conn.ptnr2_symmetry'                 
46 4 'Structure model' '_struct_site.pdbx_auth_asym_id'              
47 4 'Structure model' '_struct_site.pdbx_auth_comp_id'              
48 4 'Structure model' '_struct_site.pdbx_auth_seq_id'               
# 
_pdbx_database_PDB_obs_spr.id               SPRSDE 
_pdbx_database_PDB_obs_spr.pdb_id           1ENN 
_pdbx_database_PDB_obs_spr.replace_pdb_id   475D 
_pdbx_database_PDB_obs_spr.date             2001-07-20 
_pdbx_database_PDB_obs_spr.details          ? 
# 
_pdbx_database_status.status_code                     REL 
_pdbx_database_status.entry_id                        1ENN 
_pdbx_database_status.recvd_initial_deposition_date   2000-03-21 
_pdbx_database_status.deposit_site                    RCSB 
_pdbx_database_status.process_site                    RCSB 
_pdbx_database_status.status_code_sf                  REL 
_pdbx_database_status.SG_entry                        . 
_pdbx_database_status.pdb_format_compatible           Y 
_pdbx_database_status.status_code_mr                  ? 
_pdbx_database_status.status_code_cs                  ? 
_pdbx_database_status.status_code_nmr_data            ? 
_pdbx_database_status.methods_development_category    ? 
# 
_pdbx_database_related.db_name        NDB 
_pdbx_database_related.db_id          BD0016 
_pdbx_database_related.details        'PRELIMINARY REFINEMENT OF THIS STRUCTURE' 
_pdbx_database_related.content_type   unspecified 
# 
loop_
_audit_author.name 
_audit_author.pdbx_ordinal 
'Soler-Lopez, M.' 1 
'Malinina, L.'    2 
'Subirana, J.A.'  3 
# 
_citation.id                        primary 
_citation.title                     
'Solvent organization in an oligonucleotide crystal. The structure of d(GCGAATTCG)2 at atomic resolution.' 
_citation.journal_abbrev            J.Biol.Chem. 
_citation.journal_volume            275 
_citation.page_first                23034 
_citation.page_last                 23044 
_citation.year                      2000 
_citation.journal_id_ASTM           JBCHA3 
_citation.country                   US 
_citation.journal_id_ISSN           0021-9258 
_citation.journal_id_CSD            0071 
_citation.book_publisher            ? 
_citation.pdbx_database_id_PubMed   10749874 
_citation.pdbx_database_id_DOI      10.1074/jbc.M002119200 
# 
loop_
_citation_author.citation_id 
_citation_author.name 
_citation_author.ordinal 
_citation_author.identifier_ORCID 
primary 'Soler-Lopez, M.' 1 ? 
primary 'Malinina, L.'    2 ? 
primary 'Subirana, J.A.'  3 ? 
# 
loop_
_entity.id 
_entity.type 
_entity.src_method 
_entity.pdbx_description 
_entity.formula_weight 
_entity.pdbx_number_of_molecules 
_entity.pdbx_ec 
_entity.pdbx_mutation 
_entity.pdbx_fragment 
_entity.details 
1 polymer     syn 
;DNA (5'-D(*GP*CP*GP*AP*AP*TP*TP*CP*G)-3')
;
2755.823 2   ? ? ? ? 
2 non-polymer syn 'MAGNESIUM ION'                             24.305   7   ? ? ? ? 
3 non-polymer syn 'CHLORIDE ION'                              35.453   1   ? ? ? ? 
4 non-polymer syn 'OXYGEN ATOM'                               15.999   3   ? ? ? ? 
5 water       nat water                                       18.015   151 ? ? ? ? 
# 
_entity_poly.entity_id                      1 
_entity_poly.type                           polydeoxyribonucleotide 
_entity_poly.nstd_linkage                   no 
_entity_poly.nstd_monomer                   no 
_entity_poly.pdbx_seq_one_letter_code       '(DG)(DC)(DG)(DA)(DA)(DT)(DT)(DC)(DG)' 
_entity_poly.pdbx_seq_one_letter_code_can   GCGAATTCG 
_entity_poly.pdbx_strand_id                 A,B 
_entity_poly.pdbx_target_identifier         ? 
# 
loop_
_pdbx_entity_nonpoly.entity_id 
_pdbx_entity_nonpoly.name 
_pdbx_entity_nonpoly.comp_id 
2 'MAGNESIUM ION' MG  
3 'CHLORIDE ION'  CL  
4 'OXYGEN ATOM'   O   
5 water           HOH 
# 
loop_
_entity_poly_seq.entity_id 
_entity_poly_seq.num 
_entity_poly_seq.mon_id 
_entity_poly_seq.hetero 
1 1 DG n 
1 2 DC n 
1 3 DG n 
1 4 DA n 
1 5 DA n 
1 6 DT n 
1 7 DT n 
1 8 DC n 
1 9 DG n 
# 
loop_
_chem_comp.id 
_chem_comp.type 
_chem_comp.mon_nstd_flag 
_chem_comp.name 
_chem_comp.pdbx_synonyms 
_chem_comp.formula 
_chem_comp.formula_weight 
CL  non-polymer   . 'CHLORIDE ION'                       ? 'Cl -1'           35.453  
DA  'DNA linking' y "2'-DEOXYADENOSINE-5'-MONOPHOSPHATE" ? 'C10 H14 N5 O6 P' 331.222 
DC  'DNA linking' y "2'-DEOXYCYTIDINE-5'-MONOPHOSPHATE"  ? 'C9 H14 N3 O7 P'  307.197 
DG  'DNA linking' y "2'-DEOXYGUANOSINE-5'-MONOPHOSPHATE" ? 'C10 H14 N5 O7 P' 347.221 
DT  'DNA linking' y "THYMIDINE-5'-MONOPHOSPHATE"         ? 'C10 H15 N2 O8 P' 322.208 
HOH non-polymer   . WATER                                ? 'H2 O'            18.015  
MG  non-polymer   . 'MAGNESIUM ION'                      ? 'Mg 2'            24.305  
O   non-polymer   . 'OXYGEN ATOM'                        ? O                 15.999  
# 
loop_
_pdbx_poly_seq_scheme.asym_id 
_pdbx_poly_seq_scheme.entity_id 
_pdbx_poly_seq_scheme.seq_id 
_pdbx_poly_seq_scheme.mon_id 
_pdbx_poly_seq_scheme.ndb_seq_num 
_pdbx_poly_seq_scheme.pdb_seq_num 
_pdbx_poly_seq_scheme.auth_seq_num 
_pdbx_poly_seq_scheme.pdb_mon_id 
_pdbx_poly_seq_scheme.auth_mon_id 
_pdbx_poly_seq_scheme.pdb_strand_id 
_pdbx_poly_seq_scheme.pdb_ins_code 
_pdbx_poly_seq_scheme.hetero 
A 1 1 DG 1 1  1  DG G A . n 
A 1 2 DC 2 2  2  DC C A . n 
A 1 3 DG 3 3  3  DG G A . n 
A 1 4 DA 4 4  4  DA A A . n 
A 1 5 DA 5 5  5  DA A A . n 
A 1 6 DT 6 6  6  DT T A . n 
A 1 7 DT 7 7  7  DT T A . n 
A 1 8 DC 8 8  8  DC C A . n 
A 1 9 DG 9 9  9  DG G A . n 
B 1 1 DG 1 10 10 DG G B . n 
B 1 2 DC 2 11 11 DC C B . n 
B 1 3 DG 3 12 12 DG G B . n 
B 1 4 DA 4 13 13 DA A B . n 
B 1 5 DA 5 14 14 DA A B . n 
B 1 6 DT 6 15 15 DT T B . n 
B 1 7 DT 7 16 16 DT T B . n 
B 1 8 DC 8 17 17 DC C B . n 
B 1 9 DG 9 18 18 DG G B . n 
# 
loop_
_pdbx_nonpoly_scheme.asym_id 
_pdbx_nonpoly_scheme.entity_id 
_pdbx_nonpoly_scheme.mon_id 
_pdbx_nonpoly_scheme.ndb_seq_num 
_pdbx_nonpoly_scheme.pdb_seq_num 
_pdbx_nonpoly_scheme.auth_seq_num 
_pdbx_nonpoly_scheme.pdb_mon_id 
_pdbx_nonpoly_scheme.auth_mon_id 
_pdbx_nonpoly_scheme.pdb_strand_id 
_pdbx_nonpoly_scheme.pdb_ins_code 
C 2 MG  1  19  19  MG  MG  A . 
D 2 MG  1  26  26  MG  MG  A . 
E 2 MG  1  31  31  MG  MG  A . 
F 2 MG  1  38  38  MG  MG  A . 
G 2 MG  1  50  50  MG  MG  A . 
H 3 CL  1  51  51  CL  CL  A . 
I 4 O   1  180 180 O   O   A . 
J 2 MG  1  44  44  MG  MG  B . 
K 2 MG  1  49  49  MG  MG  B . 
L 4 O   1  179 179 O   O   B . 
M 4 O   1  181 181 O   O   B . 
N 5 HOH 1  20  20  HOH HOH A . 
N 5 HOH 2  22  22  HOH HOH A . 
N 5 HOH 3  24  24  HOH HOH A . 
N 5 HOH 4  25  25  HOH HOH A . 
N 5 HOH 5  27  27  HOH HOH A . 
N 5 HOH 6  28  28  HOH HOH A . 
N 5 HOH 7  29  29  HOH HOH A . 
N 5 HOH 8  30  30  HOH HOH A . 
N 5 HOH 9  34  34  HOH HOH A . 
N 5 HOH 10 39  39  HOH HOH A . 
N 5 HOH 11 40  40  HOH HOH A . 
N 5 HOH 12 41  41  HOH HOH A . 
N 5 HOH 13 42  42  HOH HOH A . 
N 5 HOH 14 43  43  HOH HOH A . 
N 5 HOH 15 45  45  HOH HOH A . 
N 5 HOH 16 48  48  HOH HOH A . 
N 5 HOH 17 52  52  HOH HOH A . 
N 5 HOH 18 55  55  HOH HOH A . 
N 5 HOH 19 58  58  HOH HOH A . 
N 5 HOH 20 60  60  HOH HOH A . 
N 5 HOH 21 61  61  HOH HOH A . 
N 5 HOH 22 62  62  HOH HOH A . 
N 5 HOH 23 63  63  HOH HOH A . 
N 5 HOH 24 64  64  HOH HOH A . 
N 5 HOH 25 65  65  HOH HOH A . 
N 5 HOH 26 66  66  HOH HOH A . 
N 5 HOH 27 67  67  HOH HOH A . 
N 5 HOH 28 68  68  HOH HOH A . 
N 5 HOH 29 69  69  HOH HOH A . 
N 5 HOH 30 70  70  HOH HOH A . 
N 5 HOH 31 72  72  HOH HOH A . 
N 5 HOH 32 73  73  HOH HOH A . 
N 5 HOH 33 74  74  HOH HOH A . 
N 5 HOH 34 75  75  HOH HOH A . 
N 5 HOH 35 76  76  HOH HOH A . 
N 5 HOH 36 77  77  HOH HOH A . 
N 5 HOH 37 78  78  HOH HOH A . 
N 5 HOH 38 79  79  HOH HOH A . 
N 5 HOH 39 81  81  HOH HOH A . 
N 5 HOH 40 82  82  HOH HOH A . 
N 5 HOH 41 83  83  HOH HOH A . 
N 5 HOH 42 84  84  HOH HOH A . 
N 5 HOH 43 85  85  HOH HOH A . 
N 5 HOH 44 86  86  HOH HOH A . 
N 5 HOH 45 87  87  HOH HOH A . 
N 5 HOH 46 88  88  HOH HOH A . 
N 5 HOH 47 90  90  HOH HOH A . 
N 5 HOH 48 112 112 HOH HOH A . 
N 5 HOH 49 114 114 HOH HOH A . 
N 5 HOH 50 115 115 HOH HOH A . 
N 5 HOH 51 116 116 HOH HOH A . 
N 5 HOH 52 118 118 HOH HOH A . 
N 5 HOH 53 119 119 HOH HOH A . 
N 5 HOH 54 120 120 HOH HOH A . 
N 5 HOH 55 121 121 HOH HOH A . 
N 5 HOH 56 122 122 HOH HOH A . 
N 5 HOH 57 123 123 HOH HOH A . 
N 5 HOH 58 126 126 HOH HOH A . 
N 5 HOH 59 127 127 HOH HOH A . 
N 5 HOH 60 130 130 HOH HOH A . 
N 5 HOH 61 133 133 HOH HOH A . 
N 5 HOH 62 134 134 HOH HOH A . 
N 5 HOH 63 139 139 HOH HOH A . 
N 5 HOH 64 140 140 HOH HOH A . 
N 5 HOH 65 141 141 HOH HOH A . 
N 5 HOH 66 142 142 HOH HOH A . 
N 5 HOH 67 143 143 HOH HOH A . 
N 5 HOH 68 146 146 HOH HOH A . 
N 5 HOH 69 148 148 HOH HOH A . 
N 5 HOH 70 149 149 HOH HOH A . 
N 5 HOH 71 152 152 HOH HOH A . 
N 5 HOH 72 156 156 HOH HOH A . 
N 5 HOH 73 158 158 HOH HOH A . 
N 5 HOH 74 162 162 HOH HOH A . 
N 5 HOH 75 163 163 HOH HOH A . 
N 5 HOH 76 165 165 HOH HOH A . 
N 5 HOH 77 166 166 HOH HOH A . 
N 5 HOH 78 169 169 HOH HOH A . 
N 5 HOH 79 170 170 HOH HOH A . 
N 5 HOH 80 172 172 HOH HOH A . 
N 5 HOH 81 173 173 HOH HOH A . 
N 5 HOH 82 174 174 HOH HOH A . 
N 5 HOH 83 176 176 HOH HOH A . 
N 5 HOH 84 177 177 HOH HOH A . 
N 5 HOH 85 178 178 HOH HOH A . 
O 5 HOH 1  21  21  HOH HOH B . 
O 5 HOH 2  23  23  HOH HOH B . 
O 5 HOH 3  32  32  HOH HOH B . 
O 5 HOH 4  33  33  HOH HOH B . 
O 5 HOH 5  35  35  HOH HOH B . 
O 5 HOH 6  36  36  HOH HOH B . 
O 5 HOH 7  37  37  HOH HOH B . 
O 5 HOH 8  46  46  HOH HOH B . 
O 5 HOH 9  47  47  HOH HOH B . 
O 5 HOH 10 53  53  HOH HOH B . 
O 5 HOH 11 54  54  HOH HOH B . 
O 5 HOH 12 56  56  HOH HOH B . 
O 5 HOH 13 57  57  HOH HOH B . 
O 5 HOH 14 59  59  HOH HOH B . 
O 5 HOH 15 71  71  HOH HOH B . 
O 5 HOH 16 80  80  HOH HOH B . 
O 5 HOH 17 89  89  HOH HOH B . 
O 5 HOH 18 91  91  HOH HOH B . 
O 5 HOH 19 92  92  HOH HOH B . 
O 5 HOH 20 93  93  HOH HOH B . 
O 5 HOH 21 94  94  HOH HOH B . 
O 5 HOH 22 95  95  HOH HOH B . 
O 5 HOH 23 96  96  HOH HOH B . 
O 5 HOH 24 97  97  HOH HOH B . 
O 5 HOH 25 98  98  HOH HOH B . 
O 5 HOH 26 99  99  HOH HOH B . 
O 5 HOH 27 100 100 HOH HOH B . 
O 5 HOH 28 101 101 HOH HOH B . 
O 5 HOH 29 102 102 HOH HOH B . 
O 5 HOH 30 103 103 HOH HOH B . 
O 5 HOH 31 104 104 HOH HOH B . 
O 5 HOH 32 105 105 HOH HOH B . 
O 5 HOH 33 106 106 HOH HOH B . 
O 5 HOH 34 107 107 HOH HOH B . 
O 5 HOH 35 108 108 HOH HOH B . 
O 5 HOH 36 109 109 HOH HOH B . 
O 5 HOH 37 110 110 HOH HOH B . 
O 5 HOH 38 111 111 HOH HOH B . 
O 5 HOH 39 113 113 HOH HOH B . 
O 5 HOH 40 117 117 HOH HOH B . 
O 5 HOH 41 124 124 HOH HOH B . 
O 5 HOH 42 125 125 HOH HOH B . 
O 5 HOH 43 128 128 HOH HOH B . 
O 5 HOH 44 129 129 HOH HOH B . 
O 5 HOH 45 131 131 HOH HOH B . 
O 5 HOH 46 132 132 HOH HOH B . 
O 5 HOH 47 135 135 HOH HOH B . 
O 5 HOH 48 136 136 HOH HOH B . 
O 5 HOH 49 137 137 HOH HOH B . 
O 5 HOH 50 138 138 HOH HOH B . 
O 5 HOH 51 145 145 HOH HOH B . 
O 5 HOH 52 147 147 HOH HOH B . 
O 5 HOH 53 150 150 HOH HOH B . 
O 5 HOH 54 151 151 HOH HOH B . 
O 5 HOH 55 153 153 HOH HOH B . 
O 5 HOH 56 154 154 HOH HOH B . 
O 5 HOH 57 155 155 HOH HOH B . 
O 5 HOH 58 157 157 HOH HOH B . 
O 5 HOH 59 159 159 HOH HOH B . 
O 5 HOH 60 160 160 HOH HOH B . 
O 5 HOH 61 161 161 HOH HOH B . 
O 5 HOH 62 164 164 HOH HOH B . 
O 5 HOH 63 167 167 HOH HOH B . 
O 5 HOH 64 168 168 HOH HOH B . 
O 5 HOH 65 171 171 HOH HOH B . 
O 5 HOH 66 175 175 HOH HOH B . 
# 
loop_
_software.name 
_software.classification 
_software.version 
_software.citation_id 
_software.pdbx_ordinal 
DENZO     'data reduction' . ? 1 
SCALEPACK 'data scaling'   . ? 2 
X-PLOR    'model building' . ? 3 
SHELXL-97 refinement       . ? 4 
X-PLOR    phasing          . ? 5 
# 
_cell.entry_id           1ENN 
_cell.length_a           21.938 
_cell.length_b           36.540 
_cell.length_c           52.728 
_cell.angle_alpha        90.00 
_cell.angle_beta         90.00 
_cell.angle_gamma        90.00 
_cell.Z_PDB              8 
_cell.pdbx_unique_axis   ? 
# 
_symmetry.entry_id                         1ENN 
_symmetry.space_group_name_H-M             'P 21 21 21' 
_symmetry.pdbx_full_space_group_name_H-M   ? 
_symmetry.cell_setting                     ? 
_symmetry.Int_Tables_number                19 
# 
_exptl.entry_id          1ENN 
_exptl.method            'X-RAY DIFFRACTION' 
_exptl.crystals_number   1 
# 
_exptl_crystal.id                    1 
_exptl_crystal.density_meas          ? 
_exptl_crystal.density_percent_sol   33.24 
_exptl_crystal.density_Matthews      1.84 
_exptl_crystal.description           ? 
# 
_exptl_crystal_grow.crystal_id      1 
_exptl_crystal_grow.method          'VAPOR DIFFUSION' 
_exptl_crystal_grow.temp            293 
_exptl_crystal_grow.temp_details    ? 
_exptl_crystal_grow.pH              7.1 
_exptl_crystal_grow.pdbx_details    
'ACRIDINE-(ARG)4 ADDUCT, CACODYLATE, MGCL2, MPD, pH 7.1, vapor diffusion at 293K, VAPOR DIFFUSION' 
_exptl_crystal_grow.pdbx_pH_range   . 
# 
loop_
_exptl_crystal_grow_comp.crystal_id 
_exptl_crystal_grow_comp.id 
_exptl_crystal_grow_comp.sol_id 
_exptl_crystal_grow_comp.name 
_exptl_crystal_grow_comp.volume 
_exptl_crystal_grow_comp.conc 
_exptl_crystal_grow_comp.details 
1 1 1 'ACRIDINE-(ARG)4 ADDUCT' ? ? ? 
1 2 1 CACODYLATE               ? ? ? 
1 3 1 MGCL2                    ? ? ? 
1 4 1 MPD                      ? ? ? 
1 5 2 MGCL2                    ? ? ? 
1 6 2 MPD                      ? ? ? 
# 
_diffrn.id                     1 
_diffrn.ambient_temp           110 
_diffrn.ambient_temp_details   ? 
_diffrn.crystal_id             1 
# 
_diffrn_detector.diffrn_id              1 
_diffrn_detector.detector               'IMAGE PLATE' 
_diffrn_detector.type                   MARRESEARCH 
_diffrn_detector.pdbx_collection_date   1998-08-06 
_diffrn_detector.details                ? 
# 
_diffrn_radiation.diffrn_id                        1 
_diffrn_radiation.wavelength_id                    1 
_diffrn_radiation.pdbx_monochromatic_or_laue_m_l   M 
_diffrn_radiation.monochromator                    ? 
_diffrn_radiation.pdbx_diffrn_protocol             'SINGLE WAVELENGTH' 
_diffrn_radiation.pdbx_scattering_type             x-ray 
# 
_diffrn_radiation_wavelength.id           1 
_diffrn_radiation_wavelength.wavelength   0.9076 
_diffrn_radiation_wavelength.wt           1.0 
# 
_diffrn_source.diffrn_id                   1 
_diffrn_source.source                      SYNCHROTRON 
_diffrn_source.type                        'EMBL/DESY, HAMBURG BEAMLINE X11' 
_diffrn_source.pdbx_synchrotron_site       'EMBL/DESY, HAMBURG' 
_diffrn_source.pdbx_synchrotron_beamline   X11 
_diffrn_source.pdbx_wavelength             0.9076 
_diffrn_source.pdbx_wavelength_list        ? 
# 
_reflns.entry_id                     1ENN 
_reflns.observed_criterion_sigma_I   0.0 
_reflns.observed_criterion_sigma_F   0.0 
_reflns.d_resolution_low             30 
_reflns.d_resolution_high            0.89 
_reflns.number_obs                   32684 
_reflns.number_all                   320317 
_reflns.percent_possible_obs         97.6 
_reflns.pdbx_Rmerge_I_obs            0.059 
_reflns.pdbx_Rsym_value              ? 
_reflns.pdbx_netI_over_sigmaI        ? 
_reflns.B_iso_Wilson_estimate        ? 
_reflns.pdbx_redundancy              6.9 
_reflns.R_free_details               ? 
_reflns.pdbx_diffrn_id               1 
_reflns.pdbx_ordinal                 1 
# 
_reflns_shell.d_res_high             0.89 
_reflns_shell.d_res_low              0.90 
_reflns_shell.percent_possible_all   59 
_reflns_shell.Rmerge_I_obs           0.3 
_reflns_shell.pdbx_Rsym_value        ? 
_reflns_shell.meanI_over_sigI_obs    ? 
_reflns_shell.pdbx_redundancy        1.43 
_reflns_shell.percent_possible_obs   ? 
_reflns_shell.number_unique_all      ? 
_reflns_shell.pdbx_diffrn_id         ? 
_reflns_shell.pdbx_ordinal           1 
# 
_refine.entry_id                                 1ENN 
_refine.ls_number_reflns_obs                     29278 
_refine.ls_number_reflns_all                     32479 
_refine.pdbx_ls_sigma_I                          0.0 
_refine.pdbx_ls_sigma_F                          0.0 
_refine.pdbx_data_cutoff_high_absF               ? 
_refine.pdbx_data_cutoff_low_absF                ? 
_refine.pdbx_data_cutoff_high_rms_absF           ? 
_refine.ls_d_res_low                             30 
_refine.ls_d_res_high                            0.89 
_refine.ls_percent_reflns_obs                    97.6 
_refine.ls_R_factor_obs                          0.135 
_refine.ls_R_factor_all                          0.14 
_refine.ls_R_factor_R_work                       0.135 
_refine.ls_R_factor_R_free                       0.161 
_refine.ls_R_factor_R_free_error                 ? 
_refine.ls_R_factor_R_free_error_details         ? 
_refine.ls_percent_reflns_R_free                 10 
_refine.ls_number_reflns_R_free                  3201 
_refine.ls_number_parameters                     ? 
_refine.ls_number_restraints                     ? 
_refine.occupancy_min                            ? 
_refine.occupancy_max                            ? 
_refine.B_iso_mean                               ? 
_refine.aniso_B[1][1]                            ? 
_refine.aniso_B[2][2]                            ? 
_refine.aniso_B[3][3]                            ? 
_refine.aniso_B[1][2]                            ? 
_refine.aniso_B[1][3]                            ? 
_refine.aniso_B[2][3]                            ? 
_refine.solvent_model_details                    ? 
_refine.solvent_model_param_ksol                 ? 
_refine.solvent_model_param_bsol                 ? 
_refine.pdbx_ls_cross_valid_method               THROUGHOUT 
_refine.details                                  
;'OXYGEN ATOMS' 179, 180, 181 REPRESENT ADDITIONAL PEAKS OF ELECTRON DENSITY FOUND AT DISTANCES 0.9-1.4 A FROM EITHER ATOM OF THE PHOSPHATE GROUPS 9, 12, 14. MOST LIKELY, THESE THREE 'OXYGENS' ARE A SIGN OF DISORDER OF THESE PHOSPHATES AND WERE REFINED AS OXYGEN ATOMS.
;
_refine.pdbx_starting_model                      ? 
_refine.pdbx_method_to_determine_struct          ? 
_refine.pdbx_isotropic_thermal_model             ? 
_refine.pdbx_stereochemistry_target_values       ? 
_refine.pdbx_stereochem_target_val_spec_case     ? 
_refine.pdbx_R_Free_selection_details            RANDOM 
_refine.pdbx_overall_ESU_R                       ? 
_refine.pdbx_overall_ESU_R_Free                  ? 
_refine.overall_SU_ML                            ? 
_refine.overall_SU_B                             ? 
_refine.ls_redundancy_reflns_obs                 ? 
_refine.correlation_coeff_Fo_to_Fc               ? 
_refine.correlation_coeff_Fo_to_Fc_free          ? 
_refine.overall_SU_R_Cruickshank_DPI             ? 
_refine.overall_SU_R_free                        ? 
_refine.pdbx_solvent_vdw_probe_radii             ? 
_refine.pdbx_solvent_ion_probe_radii             ? 
_refine.pdbx_solvent_shrinkage_radii             ? 
_refine.pdbx_refine_id                           'X-RAY DIFFRACTION' 
_refine.pdbx_diffrn_id                           1 
_refine.pdbx_TLS_residual_ADP_flag               ? 
_refine.pdbx_overall_phase_error                 ? 
_refine.pdbx_overall_SU_R_free_Cruickshank_DPI   ? 
_refine.pdbx_overall_SU_R_Blow_DPI               ? 
_refine.pdbx_overall_SU_R_free_Blow_DPI          ? 
# 
_refine_hist.pdbx_refine_id                   'X-RAY DIFFRACTION' 
_refine_hist.cycle_id                         LAST 
_refine_hist.pdbx_number_atoms_protein        0 
_refine_hist.pdbx_number_atoms_nucleic_acid   391 
_refine_hist.pdbx_number_atoms_ligand         8 
_refine_hist.number_atoms_solvent             169 
_refine_hist.number_atoms_total               568 
_refine_hist.d_res_high                       0.89 
_refine_hist.d_res_low                        30 
# 
loop_
_refine_ls_restr.type 
_refine_ls_restr.dev_ideal 
_refine_ls_restr.dev_ideal_target 
_refine_ls_restr.weight 
_refine_ls_restr.number 
_refine_ls_restr.pdbx_refine_id 
_refine_ls_restr.pdbx_restraint_function 
s_bond_d               0.017 ? ? ? 'X-RAY DIFFRACTION' ? 
s_angle_d              2.6   ? ? ? 'X-RAY DIFFRACTION' ? 
s_similar_dist         ?     ? ? ? 'X-RAY DIFFRACTION' ? 
s_from_restr_planes    ?     ? ? ? 'X-RAY DIFFRACTION' ? 
s_zero_chiral_vol      ?     ? ? ? 'X-RAY DIFFRACTION' ? 
s_non_zero_chiral_vol  ?     ? ? ? 'X-RAY DIFFRACTION' ? 
s_anti_bump_dis_restr  ?     ? ? ? 'X-RAY DIFFRACTION' ? 
s_rigid_bond_adp_cmpnt ?     ? ? ? 'X-RAY DIFFRACTION' ? 
s_similar_adp_cmpnt    ?     ? ? ? 'X-RAY DIFFRACTION' ? 
s_approx_iso_adps      ?     ? ? ? 'X-RAY DIFFRACTION' ? 
# 
_struct.entry_id                  1ENN 
_struct.title                     
'SOLVENT ORGANIZATION IN AN OLIGONUCLEOTIDE CRYSTAL: THE STRUCTURE OF D(GCGAATTCG)2 AT ATOMIC RESOLUTION' 
_struct.pdbx_model_details        ? 
_struct.pdbx_CASP_flag            ? 
_struct.pdbx_model_type_details   ? 
# 
_struct_keywords.entry_id        1ENN 
_struct_keywords.pdbx_keywords   DNA 
_struct_keywords.text            'B-DNA, ATOMIC RESOLUTION, IONS, HYDRATION, BASE TRIPLET, DNA' 
# 
loop_
_struct_asym.id 
_struct_asym.pdbx_blank_PDB_chainid_flag 
_struct_asym.pdbx_modified 
_struct_asym.entity_id 
_struct_asym.details 
A N N 1 ? 
B N N 1 ? 
C N N 2 ? 
D N N 2 ? 
E N N 2 ? 
F N N 2 ? 
G N N 2 ? 
H N N 3 ? 
I N N 4 ? 
J N N 2 ? 
K N N 2 ? 
L N N 4 ? 
M N N 4 ? 
N N N 5 ? 
O N N 5 ? 
# 
_struct_ref.id                         1 
_struct_ref.entity_id                  1 
_struct_ref.db_name                    PDB 
_struct_ref.db_code                    1ENN 
_struct_ref.pdbx_db_accession          1ENN 
_struct_ref.pdbx_db_isoform            ? 
_struct_ref.pdbx_seq_one_letter_code   ? 
_struct_ref.pdbx_align_begin           ? 
# 
loop_
_struct_ref_seq.align_id 
_struct_ref_seq.ref_id 
_struct_ref_seq.pdbx_PDB_id_code 
_struct_ref_seq.pdbx_strand_id 
_struct_ref_seq.seq_align_beg 
_struct_ref_seq.pdbx_seq_align_beg_ins_code 
_struct_ref_seq.seq_align_end 
_struct_ref_seq.pdbx_seq_align_end_ins_code 
_struct_ref_seq.pdbx_db_accession 
_struct_ref_seq.db_align_beg 
_struct_ref_seq.pdbx_db_align_beg_ins_code 
_struct_ref_seq.db_align_end 
_struct_ref_seq.pdbx_db_align_end_ins_code 
_struct_ref_seq.pdbx_auth_seq_align_beg 
_struct_ref_seq.pdbx_auth_seq_align_end 
1 1 1ENN A 1 ? 9 ? 1ENN 1  ? 9  ? 1  9  
2 1 1ENN B 1 ? 9 ? 1ENN 10 ? 18 ? 10 18 
# 
_pdbx_struct_assembly.id                   1 
_pdbx_struct_assembly.details              author_defined_assembly 
_pdbx_struct_assembly.method_details       ? 
_pdbx_struct_assembly.oligomeric_details   dimeric 
_pdbx_struct_assembly.oligomeric_count     2 
# 
_pdbx_struct_assembly_gen.assembly_id       1 
_pdbx_struct_assembly_gen.oper_expression   1 
_pdbx_struct_assembly_gen.asym_id_list      A,B,C,D,E,F,G,H,I,J,K,L,M,N,O 
# 
_pdbx_struct_oper_list.id                   1 
_pdbx_struct_oper_list.type                 'identity operation' 
_pdbx_struct_oper_list.name                 1_555 
_pdbx_struct_oper_list.symmetry_operation   x,y,z 
_pdbx_struct_oper_list.matrix[1][1]         1.0000000000 
_pdbx_struct_oper_list.matrix[1][2]         0.0000000000 
_pdbx_struct_oper_list.matrix[1][3]         0.0000000000 
_pdbx_struct_oper_list.vector[1]            0.0000000000 
_pdbx_struct_oper_list.matrix[2][1]         0.0000000000 
_pdbx_struct_oper_list.matrix[2][2]         1.0000000000 
_pdbx_struct_oper_list.matrix[2][3]         0.0000000000 
_pdbx_struct_oper_list.vector[2]            0.0000000000 
_pdbx_struct_oper_list.matrix[3][1]         0.0000000000 
_pdbx_struct_oper_list.matrix[3][2]         0.0000000000 
_pdbx_struct_oper_list.matrix[3][3]         1.0000000000 
_pdbx_struct_oper_list.vector[3]            0.0000000000 
# 
_struct_biol.id                    1 
_struct_biol.pdbx_parent_biol_id   ? 
_struct_biol.details               ? 
# 
loop_
_struct_conn.id 
_struct_conn.conn_type_id 
_struct_conn.pdbx_leaving_atom_flag 
_struct_conn.pdbx_PDB_id 
_struct_conn.ptnr1_label_asym_id 
_struct_conn.ptnr1_label_comp_id 
_struct_conn.ptnr1_label_seq_id 
_struct_conn.ptnr1_label_atom_id 
_struct_conn.pdbx_ptnr1_label_alt_id 
_struct_conn.pdbx_ptnr1_PDB_ins_code 
_struct_conn.pdbx_ptnr1_standard_comp_id 
_struct_conn.ptnr1_symmetry 
_struct_conn.ptnr2_label_asym_id 
_struct_conn.ptnr2_label_comp_id 
_struct_conn.ptnr2_label_seq_id 
_struct_conn.ptnr2_label_atom_id 
_struct_conn.pdbx_ptnr2_label_alt_id 
_struct_conn.pdbx_ptnr2_PDB_ins_code 
_struct_conn.ptnr1_auth_asym_id 
_struct_conn.ptnr1_auth_comp_id 
_struct_conn.ptnr1_auth_seq_id 
_struct_conn.ptnr2_auth_asym_id 
_struct_conn.ptnr2_auth_comp_id 
_struct_conn.ptnr2_auth_seq_id 
_struct_conn.ptnr2_symmetry 
_struct_conn.pdbx_ptnr3_label_atom_id 
_struct_conn.pdbx_ptnr3_label_seq_id 
_struct_conn.pdbx_ptnr3_label_comp_id 
_struct_conn.pdbx_ptnr3_label_asym_id 
_struct_conn.pdbx_ptnr3_label_alt_id 
_struct_conn.pdbx_ptnr3_PDB_ins_code 
_struct_conn.details 
_struct_conn.pdbx_dist_value 
_struct_conn.pdbx_value_order 
_struct_conn.pdbx_role 
covale1  covale one  ? A DG  9 OP1 ? ? ? 1_555 I O   . O   ? ? A DG  9   A O   180 1_555 ? ? ? ? ? ? ?            1.385 ? ? 
covale2  covale both ? A DG  9 P   ? ? ? 1_555 I O   . O   ? ? A DG  9   A O   180 1_555 ? ? ? ? ? ? ?            1.495 ? ? 
covale3  covale both ? B DG  3 P   ? ? ? 1_555 M O   . O   ? ? B DG  12  B O   181 1_555 ? ? ? ? ? ? ?            1.374 ? ? 
covale4  covale one  ? B DG  3 OP2 ? ? ? 1_555 M O   . O   ? ? B DG  12  B O   181 1_555 ? ? ? ? ? ? ?            0.959 ? ? 
covale5  covale one  ? B DA  5 OP1 ? ? ? 1_555 L O   . O   ? ? B DA  14  B O   179 1_555 ? ? ? ? ? ? ?            1.102 ? ? 
covale6  covale both ? B DA  5 P   ? ? ? 1_555 L O   . O   ? ? B DA  14  B O   179 1_555 ? ? ? ? ? ? ?            1.685 ? ? 
metalc1  metalc ?    ? A DG  1 N7  ? ? ? 1_555 D MG  . MG  ? ? A DG  1   A MG  26  1_555 ? ? ? ? ? ? ?            2.334 ? ? 
metalc2  metalc ?    ? A DA  4 OP2 ? ? ? 1_555 F MG  . MG  ? ? A DA  4   A MG  38  1_555 ? ? ? ? ? ? ?            2.002 ? ? 
metalc3  metalc ?    ? C MG  . MG  ? ? ? 1_555 N HOH . O   ? ? A MG  19  A HOH 20  1_555 ? ? ? ? ? ? ?            2.055 ? ? 
metalc4  metalc ?    ? C MG  . MG  ? ? ? 1_555 N HOH . O   ? ? A MG  19  A HOH 22  1_555 ? ? ? ? ? ? ?            2.078 ? ? 
metalc5  metalc ?    ? C MG  . MG  ? ? ? 1_555 N HOH . O   ? ? A MG  19  A HOH 24  1_555 ? ? ? ? ? ? ?            2.050 ? ? 
metalc6  metalc ?    ? C MG  . MG  ? ? ? 1_555 N HOH . O   ? ? A MG  19  A HOH 25  1_555 ? ? ? ? ? ? ?            2.062 ? ? 
metalc7  metalc ?    ? C MG  . MG  ? ? ? 1_555 O HOH . O   ? ? A MG  19  B HOH 21  1_555 ? ? ? ? ? ? ?            2.035 ? ? 
metalc8  metalc ?    ? C MG  . MG  ? ? ? 1_555 O HOH . O   ? ? A MG  19  B HOH 23  1_555 ? ? ? ? ? ? ?            2.057 ? ? 
metalc9  metalc ?    ? D MG  . MG  ? ? ? 1_555 N HOH . O   ? ? A MG  26  A HOH 27  1_555 ? ? ? ? ? ? ?            2.107 ? ? 
metalc10 metalc ?    ? D MG  . MG  ? ? ? 1_555 N HOH . O   ? ? A MG  26  A HOH 28  1_555 ? ? ? ? ? ? ?            2.051 ? ? 
metalc11 metalc ?    ? D MG  . MG  ? ? ? 1_555 N HOH . O   ? ? A MG  26  A HOH 29  1_555 ? ? ? ? ? ? ?            2.089 ? ? 
metalc12 metalc ?    ? D MG  . MG  ? ? ? 1_555 N HOH . O   ? ? A MG  26  A HOH 30  1_555 ? ? ? ? ? ? ?            2.033 ? ? 
metalc13 metalc ?    ? D MG  . MG  ? ? ? 1_555 N HOH . O   ? ? A MG  26  A HOH 143 1_455 ? ? ? ? ? ? ?            2.278 ? ? 
metalc14 metalc ?    ? D MG  . MG  ? ? ? 1_555 B DG  3 OP1 ? ? A MG  26  B DG  12  4_455 ? ? ? ? ? ? ?            1.997 ? ? 
metalc15 metalc ?    ? E MG  . MG  ? ? ? 1_555 N HOH . O   ? ? A MG  31  A HOH 34  1_555 ? ? ? ? ? ? ?            2.061 ? ? 
metalc16 metalc ?    ? E MG  . MG  ? ? ? 1_555 O HOH . O   ? ? A MG  31  B HOH 32  1_555 ? ? ? ? ? ? ?            2.006 ? ? 
metalc17 metalc ?    ? E MG  . MG  ? ? ? 1_555 O HOH . O   ? ? A MG  31  B HOH 33  1_555 ? ? ? ? ? ? ?            2.083 ? ? 
metalc18 metalc ?    ? E MG  . MG  ? ? ? 1_555 O HOH . O   ? ? A MG  31  B HOH 35  1_555 ? ? ? ? ? ? ?            2.045 ? ? 
metalc19 metalc ?    ? E MG  . MG  ? ? ? 1_555 O HOH . O   A ? A MG  31  B HOH 36  1_555 ? ? ? ? ? ? ?            2.141 ? ? 
metalc20 metalc ?    ? E MG  . MG  ? ? ? 1_555 O HOH . O   B ? A MG  31  B HOH 36  1_555 ? ? ? ? ? ? ?            1.933 ? ? 
metalc21 metalc ?    ? E MG  . MG  ? ? ? 1_555 O HOH . O   A ? A MG  31  B HOH 37  1_555 ? ? ? ? ? ? ?            2.002 ? ? 
metalc22 metalc ?    ? E MG  . MG  ? ? ? 1_555 O HOH . O   B ? A MG  31  B HOH 37  1_555 ? ? ? ? ? ? ?            2.389 ? ? 
metalc23 metalc ?    ? F MG  . MG  ? ? ? 1_555 N HOH . O   ? ? A MG  38  A HOH 39  1_555 ? ? ? ? ? ? ?            1.983 ? ? 
metalc24 metalc ?    ? F MG  . MG  ? ? ? 1_555 N HOH . O   ? ? A MG  38  A HOH 40  1_555 ? ? ? ? ? ? ?            2.053 ? ? 
metalc25 metalc ?    ? F MG  . MG  ? ? ? 1_555 N HOH . O   ? ? A MG  38  A HOH 41  1_555 ? ? ? ? ? ? ?            2.095 ? ? 
metalc26 metalc ?    ? F MG  . MG  ? ? ? 1_555 N HOH . O   ? ? A MG  38  A HOH 42  1_555 ? ? ? ? ? ? ?            2.025 ? ? 
metalc27 metalc ?    ? F MG  . MG  ? ? ? 1_555 N HOH . O   A ? A MG  38  A HOH 43  1_555 ? ? ? ? ? ? ?            2.136 ? ? 
metalc28 metalc ?    ? F MG  . MG  ? ? ? 1_555 N HOH . O   B ? A MG  38  A HOH 43  1_555 ? ? ? ? ? ? ?            1.955 ? ? 
metalc29 metalc ?    ? N HOH . O   ? ? ? 1_555 J MG  . MG  ? ? A HOH 45  B MG  44  1_555 ? ? ? ? ? ? ?            2.156 ? ? 
metalc30 metalc ?    ? N HOH . O   ? ? ? 1_555 J MG  . MG  ? ? A HOH 48  B MG  44  1_555 ? ? ? ? ? ? ?            2.238 ? ? 
metalc31 metalc ?    ? G MG  . MG  ? ? ? 1_555 N HOH . O   ? ? A MG  50  A HOH 90  1_555 ? ? ? ? ? ? ?            2.056 ? ? 
metalc32 metalc ?    ? G MG  . MG  ? ? ? 1_555 N HOH . O   A ? A MG  50  A HOH 158 1_555 ? ? ? ? ? ? ?            2.014 ? ? 
metalc33 metalc ?    ? G MG  . MG  ? ? ? 1_555 N HOH . O   B ? A MG  50  A HOH 158 1_555 ? ? ? ? ? ? ?            1.873 ? ? 
metalc34 metalc ?    ? G MG  . MG  ? ? ? 1_555 N HOH . O   ? ? A MG  50  A HOH 177 1_555 ? ? ? ? ? ? ?            1.791 ? ? 
metalc35 metalc ?    ? G MG  . MG  ? ? ? 1_555 O HOH . O   C ? A MG  50  B HOH 160 1_555 ? ? ? ? ? ? ?            1.808 ? ? 
metalc36 metalc ?    ? G MG  . MG  ? ? ? 1_555 O HOH . O   B ? A MG  50  B HOH 160 1_555 ? ? ? ? ? ? ?            2.033 ? ? 
metalc37 metalc ?    ? N HOH . O   ? ? ? 1_555 K MG  . MG  ? ? A HOH 52  B MG  49  1_555 ? ? ? ? ? ? ?            1.882 ? ? 
metalc38 metalc ?    ? N HOH . O   ? ? ? 1_555 K MG  . MG  ? ? A HOH 58  B MG  49  1_555 ? ? ? ? ? ? ?            2.050 ? ? 
metalc39 metalc ?    ? N HOH . O   ? ? ? 1_555 J MG  . MG  ? ? A HOH 176 B MG  44  1_555 ? ? ? ? ? ? ?            2.124 ? ? 
metalc40 metalc ?    ? J MG  . MG  ? ? ? 1_555 O HOH . O   ? ? B MG  44  B HOH 46  1_555 ? ? ? ? ? ? ?            1.949 ? ? 
metalc41 metalc ?    ? J MG  . MG  ? ? ? 1_555 O HOH . O   ? ? B MG  44  B HOH 47  1_555 ? ? ? ? ? ? ?            2.214 ? ? 
metalc42 metalc ?    ? J MG  . MG  ? ? ? 1_555 O HOH . O   ? ? B MG  44  B HOH 171 2_664 ? ? ? ? ? ? ?            2.015 ? ? 
metalc43 metalc ?    ? K MG  . MG  ? ? ? 1_555 O HOH . O   ? ? B MG  49  B HOH 53  1_555 ? ? ? ? ? ? ?            2.214 ? ? 
metalc44 metalc ?    ? K MG  . MG  ? ? ? 1_555 O HOH . O   ? ? B MG  49  B HOH 54  1_555 ? ? ? ? ? ? ?            2.327 ? ? 
metalc45 metalc ?    ? K MG  . MG  ? ? ? 1_555 O HOH . O   ? ? B MG  49  B HOH 56  1_555 ? ? ? ? ? ? ?            1.942 ? ? 
metalc46 metalc ?    ? K MG  . MG  ? ? ? 1_555 O HOH . O   ? ? B MG  49  B HOH 57  1_555 ? ? ? ? ? ? ?            2.721 ? ? 
hydrog1  hydrog ?    ? A DC  2 N3  ? ? ? 1_555 B DG  9 N1  ? ? A DC  2   B DG  18  1_555 ? ? ? ? ? ? WATSON-CRICK ?     ? ? 
hydrog2  hydrog ?    ? A DC  2 N4  ? ? ? 1_555 B DG  9 O6  ? ? A DC  2   B DG  18  1_555 ? ? ? ? ? ? WATSON-CRICK ?     ? ? 
hydrog3  hydrog ?    ? A DC  2 O2  ? ? ? 1_555 B DG  9 N2  ? ? A DC  2   B DG  18  1_555 ? ? ? ? ? ? WATSON-CRICK ?     ? ? 
hydrog4  hydrog ?    ? A DG  3 N1  ? ? ? 1_555 B DC  8 N3  ? ? A DG  3   B DC  17  1_555 ? ? ? ? ? ? WATSON-CRICK ?     ? ? 
hydrog5  hydrog ?    ? A DG  3 N2  ? ? ? 1_555 B DC  8 O2  ? ? A DG  3   B DC  17  1_555 ? ? ? ? ? ? WATSON-CRICK ?     ? ? 
hydrog6  hydrog ?    ? A DG  3 O6  ? ? ? 1_555 B DC  8 N4  ? ? A DG  3   B DC  17  1_555 ? ? ? ? ? ? WATSON-CRICK ?     ? ? 
hydrog7  hydrog ?    ? A DA  4 N1  ? ? ? 1_555 B DT  7 N3  ? ? A DA  4   B DT  16  1_555 ? ? ? ? ? ? WATSON-CRICK ?     ? ? 
hydrog8  hydrog ?    ? A DA  4 N6  ? ? ? 1_555 B DT  7 O4  ? ? A DA  4   B DT  16  1_555 ? ? ? ? ? ? WATSON-CRICK ?     ? ? 
hydrog9  hydrog ?    ? A DA  5 N1  ? ? ? 1_555 B DT  6 N3  ? ? A DA  5   B DT  15  1_555 ? ? ? ? ? ? WATSON-CRICK ?     ? ? 
hydrog10 hydrog ?    ? A DA  5 N6  ? ? ? 1_555 B DT  6 O4  ? ? A DA  5   B DT  15  1_555 ? ? ? ? ? ? WATSON-CRICK ?     ? ? 
hydrog11 hydrog ?    ? A DT  6 N3  ? ? ? 1_555 B DA  5 N1  ? ? A DT  6   B DA  14  1_555 ? ? ? ? ? ? WATSON-CRICK ?     ? ? 
hydrog12 hydrog ?    ? A DT  6 O4  ? ? ? 1_555 B DA  5 N6  ? ? A DT  6   B DA  14  1_555 ? ? ? ? ? ? WATSON-CRICK ?     ? ? 
hydrog13 hydrog ?    ? A DT  7 N3  ? ? ? 1_555 B DA  4 N1  ? ? A DT  7   B DA  13  1_555 ? ? ? ? ? ? WATSON-CRICK ?     ? ? 
hydrog14 hydrog ?    ? A DT  7 O4  ? ? ? 1_555 B DA  4 N6  ? ? A DT  7   B DA  13  1_555 ? ? ? ? ? ? WATSON-CRICK ?     ? ? 
hydrog15 hydrog ?    ? A DC  8 N3  ? ? ? 1_555 B DG  3 N1  ? ? A DC  8   B DG  12  1_555 ? ? ? ? ? ? WATSON-CRICK ?     ? ? 
hydrog16 hydrog ?    ? A DC  8 N4  ? ? ? 1_555 B DG  3 O6  ? ? A DC  8   B DG  12  1_555 ? ? ? ? ? ? WATSON-CRICK ?     ? ? 
hydrog17 hydrog ?    ? A DC  8 O2  ? ? ? 1_555 B DG  3 N2  ? ? A DC  8   B DG  12  1_555 ? ? ? ? ? ? WATSON-CRICK ?     ? ? 
hydrog18 hydrog ?    ? A DG  9 N1  ? ? ? 1_555 B DC  2 N3  ? ? A DG  9   B DC  11  1_555 ? ? ? ? ? ? WATSON-CRICK ?     ? ? 
hydrog19 hydrog ?    ? A DG  9 N2  ? ? ? 1_555 B DC  2 O2  ? ? A DG  9   B DC  11  1_555 ? ? ? ? ? ? WATSON-CRICK ?     ? ? 
hydrog20 hydrog ?    ? A DG  9 O6  ? ? ? 1_555 B DC  2 N4  ? ? A DG  9   B DC  11  1_555 ? ? ? ? ? ? WATSON-CRICK ?     ? ? 
# 
loop_
_struct_conn_type.id 
_struct_conn_type.criteria 
_struct_conn_type.reference 
covale ? ? 
metalc ? ? 
hydrog ? ? 
# 
loop_
_pdbx_struct_conn_angle.id 
_pdbx_struct_conn_angle.ptnr1_label_atom_id 
_pdbx_struct_conn_angle.ptnr1_label_alt_id 
_pdbx_struct_conn_angle.ptnr1_label_asym_id 
_pdbx_struct_conn_angle.ptnr1_label_comp_id 
_pdbx_struct_conn_angle.ptnr1_label_seq_id 
_pdbx_struct_conn_angle.ptnr1_auth_atom_id 
_pdbx_struct_conn_angle.ptnr1_auth_asym_id 
_pdbx_struct_conn_angle.ptnr1_auth_comp_id 
_pdbx_struct_conn_angle.ptnr1_auth_seq_id 
_pdbx_struct_conn_angle.ptnr1_PDB_ins_code 
_pdbx_struct_conn_angle.ptnr1_symmetry 
_pdbx_struct_conn_angle.ptnr2_label_atom_id 
_pdbx_struct_conn_angle.ptnr2_label_alt_id 
_pdbx_struct_conn_angle.ptnr2_label_asym_id 
_pdbx_struct_conn_angle.ptnr2_label_comp_id 
_pdbx_struct_conn_angle.ptnr2_label_seq_id 
_pdbx_struct_conn_angle.ptnr2_auth_atom_id 
_pdbx_struct_conn_angle.ptnr2_auth_asym_id 
_pdbx_struct_conn_angle.ptnr2_auth_comp_id 
_pdbx_struct_conn_angle.ptnr2_auth_seq_id 
_pdbx_struct_conn_angle.ptnr2_PDB_ins_code 
_pdbx_struct_conn_angle.ptnr2_symmetry 
_pdbx_struct_conn_angle.ptnr3_label_atom_id 
_pdbx_struct_conn_angle.ptnr3_label_alt_id 
_pdbx_struct_conn_angle.ptnr3_label_asym_id 
_pdbx_struct_conn_angle.ptnr3_label_comp_id 
_pdbx_struct_conn_angle.ptnr3_label_seq_id 
_pdbx_struct_conn_angle.ptnr3_auth_atom_id 
_pdbx_struct_conn_angle.ptnr3_auth_asym_id 
_pdbx_struct_conn_angle.ptnr3_auth_comp_id 
_pdbx_struct_conn_angle.ptnr3_auth_seq_id 
_pdbx_struct_conn_angle.ptnr3_PDB_ins_code 
_pdbx_struct_conn_angle.ptnr3_symmetry 
_pdbx_struct_conn_angle.value 
_pdbx_struct_conn_angle.value_esd 
1   N7  ? A DG  1 ? A DG  1   ? 1_555 MG ? D MG . ? A MG 26 ? 1_555 O   ? N HOH . ? A HOH 27  ? 1_555 172.4 ? 
2   N7  ? A DG  1 ? A DG  1   ? 1_555 MG ? D MG . ? A MG 26 ? 1_555 O   ? N HOH . ? A HOH 28  ? 1_555 90.0  ? 
3   O   ? N HOH . ? A HOH 27  ? 1_555 MG ? D MG . ? A MG 26 ? 1_555 O   ? N HOH . ? A HOH 28  ? 1_555 93.7  ? 
4   N7  ? A DG  1 ? A DG  1   ? 1_555 MG ? D MG . ? A MG 26 ? 1_555 O   ? N HOH . ? A HOH 29  ? 1_555 87.9  ? 
5   O   ? N HOH . ? A HOH 27  ? 1_555 MG ? D MG . ? A MG 26 ? 1_555 O   ? N HOH . ? A HOH 29  ? 1_555 88.3  ? 
6   O   ? N HOH . ? A HOH 28  ? 1_555 MG ? D MG . ? A MG 26 ? 1_555 O   ? N HOH . ? A HOH 29  ? 1_555 177.7 ? 
7   N7  ? A DG  1 ? A DG  1   ? 1_555 MG ? D MG . ? A MG 26 ? 1_555 O   ? N HOH . ? A HOH 30  ? 1_555 84.2  ? 
8   O   ? N HOH . ? A HOH 27  ? 1_555 MG ? D MG . ? A MG 26 ? 1_555 O   ? N HOH . ? A HOH 30  ? 1_555 89.2  ? 
9   O   ? N HOH . ? A HOH 28  ? 1_555 MG ? D MG . ? A MG 26 ? 1_555 O   ? N HOH . ? A HOH 30  ? 1_555 88.7  ? 
10  O   ? N HOH . ? A HOH 29  ? 1_555 MG ? D MG . ? A MG 26 ? 1_555 O   ? N HOH . ? A HOH 30  ? 1_555 90.1  ? 
11  N7  ? A DG  1 ? A DG  1   ? 1_555 MG ? D MG . ? A MG 26 ? 1_555 O   ? N HOH . ? A HOH 143 ? 1_455 132.2 ? 
12  O   ? N HOH . ? A HOH 27  ? 1_555 MG ? D MG . ? A MG 26 ? 1_555 O   ? N HOH . ? A HOH 143 ? 1_455 42.1  ? 
13  O   ? N HOH . ? A HOH 28  ? 1_555 MG ? D MG . ? A MG 26 ? 1_555 O   ? N HOH . ? A HOH 143 ? 1_455 81.8  ? 
14  O   ? N HOH . ? A HOH 29  ? 1_555 MG ? D MG . ? A MG 26 ? 1_555 O   ? N HOH . ? A HOH 143 ? 1_455 98.9  ? 
15  O   ? N HOH . ? A HOH 30  ? 1_555 MG ? D MG . ? A MG 26 ? 1_555 O   ? N HOH . ? A HOH 143 ? 1_455 48.9  ? 
16  N7  ? A DG  1 ? A DG  1   ? 1_555 MG ? D MG . ? A MG 26 ? 1_555 OP1 ? B DG  3 ? B DG  12  ? 4_455 95.0  ? 
17  O   ? N HOH . ? A HOH 27  ? 1_555 MG ? D MG . ? A MG 26 ? 1_555 OP1 ? B DG  3 ? B DG  12  ? 4_455 91.4  ? 
18  O   ? N HOH . ? A HOH 28  ? 1_555 MG ? D MG . ? A MG 26 ? 1_555 OP1 ? B DG  3 ? B DG  12  ? 4_455 93.9  ? 
19  O   ? N HOH . ? A HOH 29  ? 1_555 MG ? D MG . ? A MG 26 ? 1_555 OP1 ? B DG  3 ? B DG  12  ? 4_455 87.3  ? 
20  O   ? N HOH . ? A HOH 30  ? 1_555 MG ? D MG . ? A MG 26 ? 1_555 OP1 ? B DG  3 ? B DG  12  ? 4_455 177.3 ? 
21  O   ? N HOH . ? A HOH 143 ? 1_455 MG ? D MG . ? A MG 26 ? 1_555 OP1 ? B DG  3 ? B DG  12  ? 4_455 132.2 ? 
22  OP2 ? A DA  4 ? A DA  4   ? 1_555 MG ? F MG . ? A MG 38 ? 1_555 O   ? N HOH . ? A HOH 39  ? 1_555 90.3  ? 
23  OP2 ? A DA  4 ? A DA  4   ? 1_555 MG ? F MG . ? A MG 38 ? 1_555 O   ? N HOH . ? A HOH 40  ? 1_555 96.5  ? 
24  O   ? N HOH . ? A HOH 39  ? 1_555 MG ? F MG . ? A MG 38 ? 1_555 O   ? N HOH . ? A HOH 40  ? 1_555 172.0 ? 
25  OP2 ? A DA  4 ? A DA  4   ? 1_555 MG ? F MG . ? A MG 38 ? 1_555 O   ? N HOH . ? A HOH 41  ? 1_555 177.3 ? 
26  O   ? N HOH . ? A HOH 39  ? 1_555 MG ? F MG . ? A MG 38 ? 1_555 O   ? N HOH . ? A HOH 41  ? 1_555 91.5  ? 
27  O   ? N HOH . ? A HOH 40  ? 1_555 MG ? F MG . ? A MG 38 ? 1_555 O   ? N HOH . ? A HOH 41  ? 1_555 81.6  ? 
28  OP2 ? A DA  4 ? A DA  4   ? 1_555 MG ? F MG . ? A MG 38 ? 1_555 O   ? N HOH . ? A HOH 42  ? 1_555 94.3  ? 
29  O   ? N HOH . ? A HOH 39  ? 1_555 MG ? F MG . ? A MG 38 ? 1_555 O   ? N HOH . ? A HOH 42  ? 1_555 83.3  ? 
30  O   ? N HOH . ? A HOH 40  ? 1_555 MG ? F MG . ? A MG 38 ? 1_555 O   ? N HOH . ? A HOH 42  ? 1_555 100.4 ? 
31  O   ? N HOH . ? A HOH 41  ? 1_555 MG ? F MG . ? A MG 38 ? 1_555 O   ? N HOH . ? A HOH 42  ? 1_555 87.8  ? 
32  OP2 ? A DA  4 ? A DA  4   ? 1_555 MG ? F MG . ? A MG 38 ? 1_555 O   A N HOH . ? A HOH 43  ? 1_555 91.8  ? 
33  O   ? N HOH . ? A HOH 39  ? 1_555 MG ? F MG . ? A MG 38 ? 1_555 O   A N HOH . ? A HOH 43  ? 1_555 88.1  ? 
34  O   ? N HOH . ? A HOH 40  ? 1_555 MG ? F MG . ? A MG 38 ? 1_555 O   A N HOH . ? A HOH 43  ? 1_555 87.5  ? 
35  O   ? N HOH . ? A HOH 41  ? 1_555 MG ? F MG . ? A MG 38 ? 1_555 O   A N HOH . ? A HOH 43  ? 1_555 86.3  ? 
36  O   ? N HOH . ? A HOH 42  ? 1_555 MG ? F MG . ? A MG 38 ? 1_555 O   A N HOH . ? A HOH 43  ? 1_555 169.4 ? 
37  OP2 ? A DA  4 ? A DA  4   ? 1_555 MG ? F MG . ? A MG 38 ? 1_555 O   B N HOH . ? A HOH 43  ? 1_555 93.5  ? 
38  O   ? N HOH . ? A HOH 39  ? 1_555 MG ? F MG . ? A MG 38 ? 1_555 O   B N HOH . ? A HOH 43  ? 1_555 69.7  ? 
39  O   ? N HOH . ? A HOH 40  ? 1_555 MG ? F MG . ? A MG 38 ? 1_555 O   B N HOH . ? A HOH 43  ? 1_555 105.6 ? 
40  O   ? N HOH . ? A HOH 41  ? 1_555 MG ? F MG . ? A MG 38 ? 1_555 O   B N HOH . ? A HOH 43  ? 1_555 85.3  ? 
41  O   ? N HOH . ? A HOH 42  ? 1_555 MG ? F MG . ? A MG 38 ? 1_555 O   B N HOH . ? A HOH 43  ? 1_555 151.8 ? 
42  O   A N HOH . ? A HOH 43  ? 1_555 MG ? F MG . ? A MG 38 ? 1_555 O   B N HOH . ? A HOH 43  ? 1_555 18.5  ? 
43  O   ? N HOH . ? A HOH 20  ? 1_555 MG ? C MG . ? A MG 19 ? 1_555 O   ? N HOH . ? A HOH 22  ? 1_555 86.2  ? 
44  O   ? N HOH . ? A HOH 20  ? 1_555 MG ? C MG . ? A MG 19 ? 1_555 O   ? N HOH . ? A HOH 24  ? 1_555 92.1  ? 
45  O   ? N HOH . ? A HOH 22  ? 1_555 MG ? C MG . ? A MG 19 ? 1_555 O   ? N HOH . ? A HOH 24  ? 1_555 89.5  ? 
46  O   ? N HOH . ? A HOH 20  ? 1_555 MG ? C MG . ? A MG 19 ? 1_555 O   ? N HOH . ? A HOH 25  ? 1_555 92.1  ? 
47  O   ? N HOH . ? A HOH 22  ? 1_555 MG ? C MG . ? A MG 19 ? 1_555 O   ? N HOH . ? A HOH 25  ? 1_555 177.1 ? 
48  O   ? N HOH . ? A HOH 24  ? 1_555 MG ? C MG . ? A MG 19 ? 1_555 O   ? N HOH . ? A HOH 25  ? 1_555 88.3  ? 
49  O   ? N HOH . ? A HOH 20  ? 1_555 MG ? C MG . ? A MG 19 ? 1_555 O   ? O HOH . ? B HOH 21  ? 1_555 86.3  ? 
50  O   ? N HOH . ? A HOH 22  ? 1_555 MG ? C MG . ? A MG 19 ? 1_555 O   ? O HOH . ? B HOH 21  ? 1_555 94.6  ? 
51  O   ? N HOH . ? A HOH 24  ? 1_555 MG ? C MG . ? A MG 19 ? 1_555 O   ? O HOH . ? B HOH 21  ? 1_555 175.5 ? 
52  O   ? N HOH . ? A HOH 25  ? 1_555 MG ? C MG . ? A MG 19 ? 1_555 O   ? O HOH . ? B HOH 21  ? 1_555 87.6  ? 
53  O   ? N HOH . ? A HOH 20  ? 1_555 MG ? C MG . ? A MG 19 ? 1_555 O   ? O HOH . ? B HOH 23  ? 1_555 174.9 ? 
54  O   ? N HOH . ? A HOH 22  ? 1_555 MG ? C MG . ? A MG 19 ? 1_555 O   ? O HOH . ? B HOH 23  ? 1_555 89.8  ? 
55  O   ? N HOH . ? A HOH 24  ? 1_555 MG ? C MG . ? A MG 19 ? 1_555 O   ? O HOH . ? B HOH 23  ? 1_555 91.0  ? 
56  O   ? N HOH . ? A HOH 25  ? 1_555 MG ? C MG . ? A MG 19 ? 1_555 O   ? O HOH . ? B HOH 23  ? 1_555 92.1  ? 
57  O   ? O HOH . ? B HOH 21  ? 1_555 MG ? C MG . ? A MG 19 ? 1_555 O   ? O HOH . ? B HOH 23  ? 1_555 90.9  ? 
58  O   ? N HOH . ? A HOH 34  ? 1_555 MG ? E MG . ? A MG 31 ? 1_555 O   ? O HOH . ? B HOH 32  ? 1_555 88.6  ? 
59  O   ? N HOH . ? A HOH 34  ? 1_555 MG ? E MG . ? A MG 31 ? 1_555 O   ? O HOH . ? B HOH 33  ? 1_555 83.6  ? 
60  O   ? O HOH . ? B HOH 32  ? 1_555 MG ? E MG . ? A MG 31 ? 1_555 O   ? O HOH . ? B HOH 33  ? 1_555 90.4  ? 
61  O   ? N HOH . ? A HOH 34  ? 1_555 MG ? E MG . ? A MG 31 ? 1_555 O   ? O HOH . ? B HOH 35  ? 1_555 175.3 ? 
62  O   ? O HOH . ? B HOH 32  ? 1_555 MG ? E MG . ? A MG 31 ? 1_555 O   ? O HOH . ? B HOH 35  ? 1_555 86.7  ? 
63  O   ? O HOH . ? B HOH 33  ? 1_555 MG ? E MG . ? A MG 31 ? 1_555 O   ? O HOH . ? B HOH 35  ? 1_555 95.8  ? 
64  O   ? N HOH . ? A HOH 34  ? 1_555 MG ? E MG . ? A MG 31 ? 1_555 O   A O HOH . ? B HOH 36  ? 1_555 95.0  ? 
65  O   ? O HOH . ? B HOH 32  ? 1_555 MG ? E MG . ? A MG 31 ? 1_555 O   A O HOH . ? B HOH 36  ? 1_555 169.5 ? 
66  O   ? O HOH . ? B HOH 33  ? 1_555 MG ? E MG . ? A MG 31 ? 1_555 O   A O HOH . ? B HOH 36  ? 1_555 80.3  ? 
67  O   ? O HOH . ? B HOH 35  ? 1_555 MG ? E MG . ? A MG 31 ? 1_555 O   A O HOH . ? B HOH 36  ? 1_555 89.5  ? 
68  O   ? N HOH . ? A HOH 34  ? 1_555 MG ? E MG . ? A MG 31 ? 1_555 O   B O HOH . ? B HOH 36  ? 1_555 90.5  ? 
69  O   ? O HOH . ? B HOH 32  ? 1_555 MG ? E MG . ? A MG 31 ? 1_555 O   B O HOH . ? B HOH 36  ? 1_555 156.4 ? 
70  O   ? O HOH . ? B HOH 33  ? 1_555 MG ? E MG . ? A MG 31 ? 1_555 O   B O HOH . ? B HOH 36  ? 1_555 113.0 ? 
71  O   ? O HOH . ? B HOH 35  ? 1_555 MG ? E MG . ? A MG 31 ? 1_555 O   B O HOH . ? B HOH 36  ? 1_555 94.0  ? 
72  O   A O HOH . ? B HOH 36  ? 1_555 MG ? E MG . ? A MG 31 ? 1_555 O   B O HOH . ? B HOH 36  ? 1_555 33.7  ? 
73  O   ? N HOH . ? A HOH 34  ? 1_555 MG ? E MG . ? A MG 31 ? 1_555 O   A O HOH . ? B HOH 37  ? 1_555 90.7  ? 
74  O   ? O HOH . ? B HOH 32  ? 1_555 MG ? E MG . ? A MG 31 ? 1_555 O   A O HOH . ? B HOH 37  ? 1_555 95.5  ? 
75  O   ? O HOH . ? B HOH 33  ? 1_555 MG ? E MG . ? A MG 31 ? 1_555 O   A O HOH . ? B HOH 37  ? 1_555 171.7 ? 
76  O   ? O HOH . ? B HOH 35  ? 1_555 MG ? E MG . ? A MG 31 ? 1_555 O   A O HOH . ? B HOH 37  ? 1_555 90.3  ? 
77  O   A O HOH . ? B HOH 36  ? 1_555 MG ? E MG . ? A MG 31 ? 1_555 O   A O HOH . ? B HOH 37  ? 1_555 94.3  ? 
78  O   B O HOH . ? B HOH 36  ? 1_555 MG ? E MG . ? A MG 31 ? 1_555 O   A O HOH . ? B HOH 37  ? 1_555 60.8  ? 
79  O   ? N HOH . ? A HOH 34  ? 1_555 MG ? E MG . ? A MG 31 ? 1_555 O   B O HOH . ? B HOH 37  ? 1_555 82.1  ? 
80  O   ? O HOH . ? B HOH 32  ? 1_555 MG ? E MG . ? A MG 31 ? 1_555 O   B O HOH . ? B HOH 37  ? 1_555 64.7  ? 
81  O   ? O HOH . ? B HOH 33  ? 1_555 MG ? E MG . ? A MG 31 ? 1_555 O   B O HOH . ? B HOH 37  ? 1_555 151.5 ? 
82  O   ? O HOH . ? B HOH 35  ? 1_555 MG ? E MG . ? A MG 31 ? 1_555 O   B O HOH . ? B HOH 37  ? 1_555 96.4  ? 
83  O   A O HOH . ? B HOH 36  ? 1_555 MG ? E MG . ? A MG 31 ? 1_555 O   B O HOH . ? B HOH 37  ? 1_555 125.5 ? 
84  O   B O HOH . ? B HOH 36  ? 1_555 MG ? E MG . ? A MG 31 ? 1_555 O   B O HOH . ? B HOH 37  ? 1_555 91.8  ? 
85  O   A O HOH . ? B HOH 37  ? 1_555 MG ? E MG . ? A MG 31 ? 1_555 O   B O HOH . ? B HOH 37  ? 1_555 31.9  ? 
86  O   ? N HOH . ? A HOH 45  ? 1_555 MG ? J MG . ? B MG 44 ? 1_555 O   ? N HOH . ? A HOH 48  ? 1_555 85.4  ? 
87  O   ? N HOH . ? A HOH 45  ? 1_555 MG ? J MG . ? B MG 44 ? 1_555 O   ? N HOH . ? A HOH 176 ? 1_555 87.5  ? 
88  O   ? N HOH . ? A HOH 48  ? 1_555 MG ? J MG . ? B MG 44 ? 1_555 O   ? N HOH . ? A HOH 176 ? 1_555 81.2  ? 
89  O   ? N HOH . ? A HOH 45  ? 1_555 MG ? J MG . ? B MG 44 ? 1_555 O   ? O HOH . ? B HOH 46  ? 1_555 90.6  ? 
90  O   ? N HOH . ? A HOH 48  ? 1_555 MG ? J MG . ? B MG 44 ? 1_555 O   ? O HOH . ? B HOH 46  ? 1_555 97.8  ? 
91  O   ? N HOH . ? A HOH 176 ? 1_555 MG ? J MG . ? B MG 44 ? 1_555 O   ? O HOH . ? B HOH 46  ? 1_555 177.9 ? 
92  O   ? N HOH . ? A HOH 45  ? 1_555 MG ? J MG . ? B MG 44 ? 1_555 O   ? O HOH . ? B HOH 47  ? 1_555 157.3 ? 
93  O   ? N HOH . ? A HOH 48  ? 1_555 MG ? J MG . ? B MG 44 ? 1_555 O   ? O HOH . ? B HOH 47  ? 1_555 72.3  ? 
94  O   ? N HOH . ? A HOH 176 ? 1_555 MG ? J MG . ? B MG 44 ? 1_555 O   ? O HOH . ? B HOH 47  ? 1_555 93.5  ? 
95  O   ? O HOH . ? B HOH 46  ? 1_555 MG ? J MG . ? B MG 44 ? 1_555 O   ? O HOH . ? B HOH 47  ? 1_555 88.0  ? 
96  O   ? N HOH . ? A HOH 45  ? 1_555 MG ? J MG . ? B MG 44 ? 1_555 O   ? O HOH . ? B HOH 171 ? 2_664 92.5  ? 
97  O   ? N HOH . ? A HOH 48  ? 1_555 MG ? J MG . ? B MG 44 ? 1_555 O   ? O HOH . ? B HOH 171 ? 2_664 177.6 ? 
98  O   ? N HOH . ? A HOH 176 ? 1_555 MG ? J MG . ? B MG 44 ? 1_555 O   ? O HOH . ? B HOH 171 ? 2_664 97.5  ? 
99  O   ? O HOH . ? B HOH 46  ? 1_555 MG ? J MG . ? B MG 44 ? 1_555 O   ? O HOH . ? B HOH 171 ? 2_664 83.4  ? 
100 O   ? O HOH . ? B HOH 47  ? 1_555 MG ? J MG . ? B MG 44 ? 1_555 O   ? O HOH . ? B HOH 171 ? 2_664 109.9 ? 
101 O   ? N HOH . ? A HOH 90  ? 1_555 MG ? G MG . ? A MG 50 ? 1_555 O   A N HOH . ? A HOH 158 ? 1_555 82.5  ? 
102 O   ? N HOH . ? A HOH 90  ? 1_555 MG ? G MG . ? A MG 50 ? 1_555 O   B N HOH . ? A HOH 158 ? 1_555 84.2  ? 
103 O   A N HOH . ? A HOH 158 ? 1_555 MG ? G MG . ? A MG 50 ? 1_555 O   B N HOH . ? A HOH 158 ? 1_555 37.2  ? 
104 O   ? N HOH . ? A HOH 90  ? 1_555 MG ? G MG . ? A MG 50 ? 1_555 O   ? N HOH . ? A HOH 177 ? 1_555 81.2  ? 
105 O   A N HOH . ? A HOH 158 ? 1_555 MG ? G MG . ? A MG 50 ? 1_555 O   ? N HOH . ? A HOH 177 ? 1_555 86.1  ? 
106 O   B N HOH . ? A HOH 158 ? 1_555 MG ? G MG . ? A MG 50 ? 1_555 O   ? N HOH . ? A HOH 177 ? 1_555 49.4  ? 
107 O   ? N HOH . ? A HOH 90  ? 1_555 MG ? G MG . ? A MG 50 ? 1_555 O   C O HOH . ? B HOH 160 ? 1_555 169.2 ? 
108 O   A N HOH . ? A HOH 158 ? 1_555 MG ? G MG . ? A MG 50 ? 1_555 O   C O HOH . ? B HOH 160 ? 1_555 104.4 ? 
109 O   B N HOH . ? A HOH 158 ? 1_555 MG ? G MG . ? A MG 50 ? 1_555 O   C O HOH . ? B HOH 160 ? 1_555 96.3  ? 
110 O   ? N HOH . ? A HOH 177 ? 1_555 MG ? G MG . ? A MG 50 ? 1_555 O   C O HOH . ? B HOH 160 ? 1_555 90.9  ? 
111 O   ? N HOH . ? A HOH 90  ? 1_555 MG ? G MG . ? A MG 50 ? 1_555 O   B O HOH . ? B HOH 160 ? 1_555 141.3 ? 
112 O   A N HOH . ? A HOH 158 ? 1_555 MG ? G MG . ? A MG 50 ? 1_555 O   B O HOH . ? B HOH 160 ? 1_555 100.7 ? 
113 O   B N HOH . ? A HOH 158 ? 1_555 MG ? G MG . ? A MG 50 ? 1_555 O   B O HOH . ? B HOH 160 ? 1_555 121.4 ? 
114 O   ? N HOH . ? A HOH 177 ? 1_555 MG ? G MG . ? A MG 50 ? 1_555 O   B O HOH . ? B HOH 160 ? 1_555 137.3 ? 
115 O   C O HOH . ? B HOH 160 ? 1_555 MG ? G MG . ? A MG 50 ? 1_555 O   B O HOH . ? B HOH 160 ? 1_555 46.5  ? 
116 O   ? N HOH . ? A HOH 52  ? 1_555 MG ? K MG . ? B MG 49 ? 1_555 O   ? N HOH . ? A HOH 58  ? 1_555 87.7  ? 
117 O   ? N HOH . ? A HOH 52  ? 1_555 MG ? K MG . ? B MG 49 ? 1_555 O   ? O HOH . ? B HOH 53  ? 1_555 94.5  ? 
118 O   ? N HOH . ? A HOH 58  ? 1_555 MG ? K MG . ? B MG 49 ? 1_555 O   ? O HOH . ? B HOH 53  ? 1_555 169.4 ? 
119 O   ? N HOH . ? A HOH 52  ? 1_555 MG ? K MG . ? B MG 49 ? 1_555 O   ? O HOH . ? B HOH 54  ? 1_555 83.4  ? 
120 O   ? N HOH . ? A HOH 58  ? 1_555 MG ? K MG . ? B MG 49 ? 1_555 O   ? O HOH . ? B HOH 54  ? 1_555 87.9  ? 
121 O   ? O HOH . ? B HOH 53  ? 1_555 MG ? K MG . ? B MG 49 ? 1_555 O   ? O HOH . ? B HOH 54  ? 1_555 82.0  ? 
122 O   ? N HOH . ? A HOH 52  ? 1_555 MG ? K MG . ? B MG 49 ? 1_555 O   ? O HOH . ? B HOH 56  ? 1_555 117.8 ? 
123 O   ? N HOH . ? A HOH 58  ? 1_555 MG ? K MG . ? B MG 49 ? 1_555 O   ? O HOH . ? B HOH 56  ? 1_555 96.7  ? 
124 O   ? O HOH . ? B HOH 53  ? 1_555 MG ? K MG . ? B MG 49 ? 1_555 O   ? O HOH . ? B HOH 56  ? 1_555 91.5  ? 
125 O   ? O HOH . ? B HOH 54  ? 1_555 MG ? K MG . ? B MG 49 ? 1_555 O   ? O HOH . ? B HOH 56  ? 1_555 158.4 ? 
126 O   ? N HOH . ? A HOH 52  ? 1_555 MG ? K MG . ? B MG 49 ? 1_555 O   ? O HOH . ? B HOH 57  ? 1_555 69.6  ? 
127 O   ? N HOH . ? A HOH 58  ? 1_555 MG ? K MG . ? B MG 49 ? 1_555 O   ? O HOH . ? B HOH 57  ? 1_555 127.2 ? 
128 O   ? O HOH . ? B HOH 53  ? 1_555 MG ? K MG . ? B MG 49 ? 1_555 O   ? O HOH . ? B HOH 57  ? 1_555 63.1  ? 
129 O   ? O HOH . ? B HOH 54  ? 1_555 MG ? K MG . ? B MG 49 ? 1_555 O   ? O HOH . ? B HOH 57  ? 1_555 132.7 ? 
130 O   ? O HOH . ? B HOH 56  ? 1_555 MG ? K MG . ? B MG 49 ? 1_555 O   ? O HOH . ? B HOH 57  ? 1_555 58.8  ? 
# 
loop_
_struct_site.id 
_struct_site.pdbx_evidence_code 
_struct_site.pdbx_auth_asym_id 
_struct_site.pdbx_auth_comp_id 
_struct_site.pdbx_auth_seq_id 
_struct_site.pdbx_auth_ins_code 
_struct_site.pdbx_num_residues 
_struct_site.details 
AC1 Software A MG 19  ? 6 'BINDING SITE FOR RESIDUE MG A 19' 
AC2 Software A MG 26  ? 7 'BINDING SITE FOR RESIDUE MG A 26' 
AC3 Software A MG 31  ? 6 'BINDING SITE FOR RESIDUE MG A 31' 
AC4 Software A MG 38  ? 6 'BINDING SITE FOR RESIDUE MG A 38' 
AC5 Software B MG 44  ? 8 'BINDING SITE FOR RESIDUE MG B 44' 
AC6 Software B MG 49  ? 6 'BINDING SITE FOR RESIDUE MG B 49' 
AC7 Software A MG 50  ? 4 'BINDING SITE FOR RESIDUE MG A 50' 
AC8 Software A CL 51  ? 5 'BINDING SITE FOR RESIDUE CL A 51' 
AC9 Software B O  179 ? 4 'BINDING SITE FOR RESIDUE O B 179' 
BC1 Software A O  180 ? 3 'BINDING SITE FOR RESIDUE O A 180' 
BC2 Software B O  181 ? 3 'BINDING SITE FOR RESIDUE O B 181' 
# 
loop_
_struct_site_gen.id 
_struct_site_gen.site_id 
_struct_site_gen.pdbx_num_res 
_struct_site_gen.label_comp_id 
_struct_site_gen.label_asym_id 
_struct_site_gen.label_seq_id 
_struct_site_gen.pdbx_auth_ins_code 
_struct_site_gen.auth_comp_id 
_struct_site_gen.auth_asym_id 
_struct_site_gen.auth_seq_id 
_struct_site_gen.label_atom_id 
_struct_site_gen.label_alt_id 
_struct_site_gen.symmetry 
_struct_site_gen.details 
1  AC1 6 HOH N . ? HOH A 20  . ? 1_555 ? 
2  AC1 6 HOH N . ? HOH A 22  . ? 1_555 ? 
3  AC1 6 HOH N . ? HOH A 24  . ? 1_555 ? 
4  AC1 6 HOH N . ? HOH A 25  . ? 1_555 ? 
5  AC1 6 HOH O . ? HOH B 21  . ? 1_555 ? 
6  AC1 6 HOH O . ? HOH B 23  . ? 1_555 ? 
7  AC2 7 DG  A 1 ? DG  A 1   . ? 1_555 ? 
8  AC2 7 HOH N . ? HOH A 27  . ? 1_555 ? 
9  AC2 7 HOH N . ? HOH A 28  . ? 1_555 ? 
10 AC2 7 HOH N . ? HOH A 29  . ? 1_555 ? 
11 AC2 7 HOH N . ? HOH A 30  . ? 1_555 ? 
12 AC2 7 HOH N . ? HOH A 143 . ? 1_455 ? 
13 AC2 7 DG  B 3 ? DG  B 12  . ? 4_455 ? 
14 AC3 6 HOH N . ? HOH A 34  . ? 1_555 ? 
15 AC3 6 HOH O . ? HOH B 32  . ? 1_555 ? 
16 AC3 6 HOH O . ? HOH B 33  . ? 1_555 ? 
17 AC3 6 HOH O . ? HOH B 35  . ? 1_555 ? 
18 AC3 6 HOH O . ? HOH B 36  . ? 1_555 ? 
19 AC3 6 HOH O . ? HOH B 37  . ? 1_555 ? 
20 AC4 6 DA  A 4 ? DA  A 4   . ? 1_555 ? 
21 AC4 6 HOH N . ? HOH A 39  . ? 1_555 ? 
22 AC4 6 HOH N . ? HOH A 40  . ? 1_555 ? 
23 AC4 6 HOH N . ? HOH A 41  . ? 1_555 ? 
24 AC4 6 HOH N . ? HOH A 42  . ? 1_555 ? 
25 AC4 6 HOH N . ? HOH A 43  . ? 1_555 ? 
26 AC5 8 HOH N . ? HOH A 45  . ? 1_555 ? 
27 AC5 8 HOH N . ? HOH A 48  . ? 1_555 ? 
28 AC5 8 HOH N . ? HOH A 176 . ? 1_555 ? 
29 AC5 8 DC  B 2 ? DC  B 11  . ? 2_664 ? 
30 AC5 8 HOH O . ? HOH B 46  . ? 1_555 ? 
31 AC5 8 HOH O . ? HOH B 47  . ? 1_555 ? 
32 AC5 8 HOH O . ? HOH B 168 . ? 2_664 ? 
33 AC5 8 HOH O . ? HOH B 171 . ? 2_664 ? 
34 AC6 6 HOH N . ? HOH A 52  . ? 1_555 ? 
35 AC6 6 HOH N . ? HOH A 58  . ? 1_555 ? 
36 AC6 6 HOH O . ? HOH B 53  . ? 1_555 ? 
37 AC6 6 HOH O . ? HOH B 54  . ? 1_555 ? 
38 AC6 6 HOH O . ? HOH B 56  . ? 1_555 ? 
39 AC6 6 HOH O . ? HOH B 57  . ? 1_555 ? 
40 AC7 4 HOH N . ? HOH A 90  . ? 1_555 ? 
41 AC7 4 HOH N . ? HOH A 158 . ? 1_555 ? 
42 AC7 4 HOH N . ? HOH A 177 . ? 1_555 ? 
43 AC7 4 HOH O . ? HOH B 160 . ? 1_555 ? 
44 AC8 5 DG  A 1 ? DG  A 1   . ? 1_555 ? 
45 AC8 5 DC  A 2 ? DC  A 2   . ? 1_555 ? 
46 AC8 5 HOH N . ? HOH A 20  . ? 1_555 ? 
47 AC8 5 HOH N . ? HOH A 114 . ? 1_555 ? 
48 AC8 5 DG  B 1 ? DG  B 10  . ? 2_564 ? 
49 AC9 4 DG  A 3 ? DG  A 3   . ? 4_455 ? 
50 AC9 4 DA  B 4 ? DA  B 13  . ? 1_555 ? 
51 AC9 4 DA  B 5 ? DA  B 14  . ? 1_555 ? 
52 AC9 4 HOH O . ? HOH B 59  . ? 1_555 ? 
53 BC1 3 DC  A 8 ? DC  A 8   . ? 1_555 ? 
54 BC1 3 DG  A 9 ? DG  A 9   . ? 1_555 ? 
55 BC1 3 HOH N . ? HOH A 87  . ? 1_555 ? 
56 BC2 3 HOH N . ? HOH A 121 . ? 4_555 ? 
57 BC2 3 DC  B 2 ? DC  B 11  . ? 1_555 ? 
58 BC2 3 DG  B 3 ? DG  B 12  . ? 1_555 ? 
# 
loop_
_pdbx_validate_close_contact.id 
_pdbx_validate_close_contact.PDB_model_num 
_pdbx_validate_close_contact.auth_atom_id_1 
_pdbx_validate_close_contact.auth_asym_id_1 
_pdbx_validate_close_contact.auth_comp_id_1 
_pdbx_validate_close_contact.auth_seq_id_1 
_pdbx_validate_close_contact.PDB_ins_code_1 
_pdbx_validate_close_contact.label_alt_id_1 
_pdbx_validate_close_contact.auth_atom_id_2 
_pdbx_validate_close_contact.auth_asym_id_2 
_pdbx_validate_close_contact.auth_comp_id_2 
_pdbx_validate_close_contact.auth_seq_id_2 
_pdbx_validate_close_contact.PDB_ins_code_2 
_pdbx_validate_close_contact.label_alt_id_2 
_pdbx_validate_close_contact.dist 
1 1 "O3'" B DA  13  ? ? O B O   179 ? ? 1.81 
2 1 "O5'" A DG  9   ? ? O A O   180 ? ? 1.87 
3 1 "O3'" A DC  8   ? ? O A O   180 ? ? 1.87 
4 1 O     B O   179 ? ? O B HOH 59  ? ? 1.87 
5 1 O     A HOH 148 ? ? O A HOH 149 ? ? 1.94 
6 1 "C5'" A DG  9   ? ? O A O   180 ? ? 1.97 
7 1 "O5'" B DG  12  ? ? O B O   181 ? ? 1.97 
8 1 "O3'" B DC  11  ? ? O B O   181 ? ? 2.11 
# 
loop_
_pdbx_validate_symm_contact.id 
_pdbx_validate_symm_contact.PDB_model_num 
_pdbx_validate_symm_contact.auth_atom_id_1 
_pdbx_validate_symm_contact.auth_asym_id_1 
_pdbx_validate_symm_contact.auth_comp_id_1 
_pdbx_validate_symm_contact.auth_seq_id_1 
_pdbx_validate_symm_contact.PDB_ins_code_1 
_pdbx_validate_symm_contact.label_alt_id_1 
_pdbx_validate_symm_contact.site_symmetry_1 
_pdbx_validate_symm_contact.auth_atom_id_2 
_pdbx_validate_symm_contact.auth_asym_id_2 
_pdbx_validate_symm_contact.auth_comp_id_2 
_pdbx_validate_symm_contact.auth_seq_id_2 
_pdbx_validate_symm_contact.PDB_ins_code_2 
_pdbx_validate_symm_contact.label_alt_id_2 
_pdbx_validate_symm_contact.site_symmetry_2 
_pdbx_validate_symm_contact.dist 
1 1 O A HOH 27 ? ? 1_555 O A HOH 143 ? ? 1_455 1.58 
2 1 O A HOH 30 ? ? 1_555 O A HOH 143 ? ? 1_455 1.80 
# 
loop_
_pdbx_validate_rmsd_bond.id 
_pdbx_validate_rmsd_bond.PDB_model_num 
_pdbx_validate_rmsd_bond.auth_atom_id_1 
_pdbx_validate_rmsd_bond.auth_asym_id_1 
_pdbx_validate_rmsd_bond.auth_comp_id_1 
_pdbx_validate_rmsd_bond.auth_seq_id_1 
_pdbx_validate_rmsd_bond.PDB_ins_code_1 
_pdbx_validate_rmsd_bond.label_alt_id_1 
_pdbx_validate_rmsd_bond.auth_atom_id_2 
_pdbx_validate_rmsd_bond.auth_asym_id_2 
_pdbx_validate_rmsd_bond.auth_comp_id_2 
_pdbx_validate_rmsd_bond.auth_seq_id_2 
_pdbx_validate_rmsd_bond.PDB_ins_code_2 
_pdbx_validate_rmsd_bond.label_alt_id_2 
_pdbx_validate_rmsd_bond.bond_value 
_pdbx_validate_rmsd_bond.bond_target_value 
_pdbx_validate_rmsd_bond.bond_deviation 
_pdbx_validate_rmsd_bond.bond_standard_deviation 
_pdbx_validate_rmsd_bond.linker_flag 
1 1 "C5'" A DG 1  ? ? "C4'" A DG 1  ? ? 1.571 1.512 0.059  0.007 N 
2 1 "O3'" A DG 1  ? ? P     A DC 2  ? A 1.527 1.607 -0.080 0.012 Y 
3 1 P     A DC 2  ? A "O5'" A DC 2  ? ? 1.660 1.593 0.067  0.010 N 
4 1 P     B DC 11 ? B "O5'" B DC 11 ? B 1.700 1.593 0.107  0.010 N 
# 
loop_
_pdbx_validate_rmsd_angle.id 
_pdbx_validate_rmsd_angle.PDB_model_num 
_pdbx_validate_rmsd_angle.auth_atom_id_1 
_pdbx_validate_rmsd_angle.auth_asym_id_1 
_pdbx_validate_rmsd_angle.auth_comp_id_1 
_pdbx_validate_rmsd_angle.auth_seq_id_1 
_pdbx_validate_rmsd_angle.PDB_ins_code_1 
_pdbx_validate_rmsd_angle.label_alt_id_1 
_pdbx_validate_rmsd_angle.auth_atom_id_2 
_pdbx_validate_rmsd_angle.auth_asym_id_2 
_pdbx_validate_rmsd_angle.auth_comp_id_2 
_pdbx_validate_rmsd_angle.auth_seq_id_2 
_pdbx_validate_rmsd_angle.PDB_ins_code_2 
_pdbx_validate_rmsd_angle.label_alt_id_2 
_pdbx_validate_rmsd_angle.auth_atom_id_3 
_pdbx_validate_rmsd_angle.auth_asym_id_3 
_pdbx_validate_rmsd_angle.auth_comp_id_3 
_pdbx_validate_rmsd_angle.auth_seq_id_3 
_pdbx_validate_rmsd_angle.PDB_ins_code_3 
_pdbx_validate_rmsd_angle.label_alt_id_3 
_pdbx_validate_rmsd_angle.angle_value 
_pdbx_validate_rmsd_angle.angle_target_value 
_pdbx_validate_rmsd_angle.angle_deviation 
_pdbx_validate_rmsd_angle.angle_standard_deviation 
_pdbx_validate_rmsd_angle.linker_flag 
1  1 "O5'" A DG 1  ? B "C5'" A DG 1  ? ? "C4'" A DG 1  ? ? 103.40 109.40 -6.00  0.80 N 
2  1 "C3'" A DG 1  ? ? "O3'" A DG 1  ? ? P     A DC 2  ? B 129.97 119.70 10.27  1.20 Y 
3  1 "O5'" A DC 2  ? ? P     A DC 2  ? A OP1   A DC 2  ? A 99.94  105.70 -5.76  0.90 N 
4  1 "O5'" A DC 2  ? ? P     A DC 2  ? B OP1   A DC 2  ? B 123.56 110.70 12.86  1.20 N 
5  1 P     A DC 2  ? A "O5'" A DC 2  ? ? "C5'" A DC 2  ? ? 138.24 120.90 17.34  1.60 N 
6  1 P     A DC 2  ? B "O5'" A DC 2  ? ? "C5'" A DC 2  ? ? 109.00 120.90 -11.90 1.60 N 
7  1 "C3'" A DT 6  ? B "O3'" A DT 6  ? B P     A DT 7  ? B 142.43 119.70 22.73  1.20 Y 
8  1 P     A DT 7  ? B "O5'" A DT 7  ? B "C5'" A DT 7  ? B 111.00 120.90 -9.90  1.60 N 
9  1 "O4'" B DG 10 ? ? "C1'" B DG 10 ? ? N9    B DG 10 ? ? 110.56 108.30 2.26   0.30 N 
10 1 "C3'" B DG 10 ? ? "O3'" B DG 10 ? ? P     B DC 11 ? A 127.32 119.70 7.62   1.20 Y 
11 1 "O3'" B DG 10 ? ? P     B DC 11 ? B "O5'" B DC 11 ? B 91.00  104.00 -13.00 1.90 Y 
12 1 "O3'" B DG 10 ? ? P     B DC 11 ? B OP2   B DC 11 ? B 117.79 110.50 7.29   1.10 Y 
13 1 "O5'" B DC 11 ? A "C5'" B DC 11 ? A "C4'" B DC 11 ? ? 102.43 109.40 -6.97  0.80 N 
14 1 P     B DC 11 ? B "O5'" B DC 11 ? B "C5'" B DC 11 ? B 137.39 120.90 16.49  1.60 N 
15 1 "O4'" B DC 11 ? A "C1'" B DC 11 ? ? "C2'" B DC 11 ? ? 98.36  105.90 -7.54  0.80 N 
16 1 "O4'" B DC 11 ? A "C1'" B DC 11 ? ? N1    B DC 11 ? ? 100.32 108.00 -7.68  0.70 N 
17 1 P     B DG 18 ? B "O5'" B DG 18 ? ? "C5'" B DG 18 ? ? 134.25 120.90 13.35  1.60 N 
# 
loop_
_pdbx_validate_planes.id 
_pdbx_validate_planes.PDB_model_num 
_pdbx_validate_planes.auth_comp_id 
_pdbx_validate_planes.auth_asym_id 
_pdbx_validate_planes.auth_seq_id 
_pdbx_validate_planes.PDB_ins_code 
_pdbx_validate_planes.label_alt_id 
_pdbx_validate_planes.rmsd 
_pdbx_validate_planes.type 
1 1 DC A 2  ? A 0.074 'SIDE CHAIN' 
2 1 DT A 7  ? A 0.063 'SIDE CHAIN' 
3 1 DT B 16 ? ? 0.066 'SIDE CHAIN' 
# 
loop_
_chem_comp_atom.comp_id 
_chem_comp_atom.atom_id 
_chem_comp_atom.type_symbol 
_chem_comp_atom.pdbx_aromatic_flag 
_chem_comp_atom.pdbx_stereo_config 
_chem_comp_atom.pdbx_ordinal 
CL  CL     CL N N 1   
DA  OP3    O  N N 2   
DA  P      P  N N 3   
DA  OP1    O  N N 4   
DA  OP2    O  N N 5   
DA  "O5'"  O  N N 6   
DA  "C5'"  C  N N 7   
DA  "C4'"  C  N R 8   
DA  "O4'"  O  N N 9   
DA  "C3'"  C  N S 10  
DA  "O3'"  O  N N 11  
DA  "C2'"  C  N N 12  
DA  "C1'"  C  N R 13  
DA  N9     N  Y N 14  
DA  C8     C  Y N 15  
DA  N7     N  Y N 16  
DA  C5     C  Y N 17  
DA  C6     C  Y N 18  
DA  N6     N  N N 19  
DA  N1     N  Y N 20  
DA  C2     C  Y N 21  
DA  N3     N  Y N 22  
DA  C4     C  Y N 23  
DA  HOP3   H  N N 24  
DA  HOP2   H  N N 25  
DA  "H5'"  H  N N 26  
DA  "H5''" H  N N 27  
DA  "H4'"  H  N N 28  
DA  "H3'"  H  N N 29  
DA  "HO3'" H  N N 30  
DA  "H2'"  H  N N 31  
DA  "H2''" H  N N 32  
DA  "H1'"  H  N N 33  
DA  H8     H  N N 34  
DA  H61    H  N N 35  
DA  H62    H  N N 36  
DA  H2     H  N N 37  
DC  OP3    O  N N 38  
DC  P      P  N N 39  
DC  OP1    O  N N 40  
DC  OP2    O  N N 41  
DC  "O5'"  O  N N 42  
DC  "C5'"  C  N N 43  
DC  "C4'"  C  N R 44  
DC  "O4'"  O  N N 45  
DC  "C3'"  C  N S 46  
DC  "O3'"  O  N N 47  
DC  "C2'"  C  N N 48  
DC  "C1'"  C  N R 49  
DC  N1     N  N N 50  
DC  C2     C  N N 51  
DC  O2     O  N N 52  
DC  N3     N  N N 53  
DC  C4     C  N N 54  
DC  N4     N  N N 55  
DC  C5     C  N N 56  
DC  C6     C  N N 57  
DC  HOP3   H  N N 58  
DC  HOP2   H  N N 59  
DC  "H5'"  H  N N 60  
DC  "H5''" H  N N 61  
DC  "H4'"  H  N N 62  
DC  "H3'"  H  N N 63  
DC  "HO3'" H  N N 64  
DC  "H2'"  H  N N 65  
DC  "H2''" H  N N 66  
DC  "H1'"  H  N N 67  
DC  H41    H  N N 68  
DC  H42    H  N N 69  
DC  H5     H  N N 70  
DC  H6     H  N N 71  
DG  OP3    O  N N 72  
DG  P      P  N N 73  
DG  OP1    O  N N 74  
DG  OP2    O  N N 75  
DG  "O5'"  O  N N 76  
DG  "C5'"  C  N N 77  
DG  "C4'"  C  N R 78  
DG  "O4'"  O  N N 79  
DG  "C3'"  C  N S 80  
DG  "O3'"  O  N N 81  
DG  "C2'"  C  N N 82  
DG  "C1'"  C  N R 83  
DG  N9     N  Y N 84  
DG  C8     C  Y N 85  
DG  N7     N  Y N 86  
DG  C5     C  Y N 87  
DG  C6     C  N N 88  
DG  O6     O  N N 89  
DG  N1     N  N N 90  
DG  C2     C  N N 91  
DG  N2     N  N N 92  
DG  N3     N  N N 93  
DG  C4     C  Y N 94  
DG  HOP3   H  N N 95  
DG  HOP2   H  N N 96  
DG  "H5'"  H  N N 97  
DG  "H5''" H  N N 98  
DG  "H4'"  H  N N 99  
DG  "H3'"  H  N N 100 
DG  "HO3'" H  N N 101 
DG  "H2'"  H  N N 102 
DG  "H2''" H  N N 103 
DG  "H1'"  H  N N 104 
DG  H8     H  N N 105 
DG  H1     H  N N 106 
DG  H21    H  N N 107 
DG  H22    H  N N 108 
DT  OP3    O  N N 109 
DT  P      P  N N 110 
DT  OP1    O  N N 111 
DT  OP2    O  N N 112 
DT  "O5'"  O  N N 113 
DT  "C5'"  C  N N 114 
DT  "C4'"  C  N R 115 
DT  "O4'"  O  N N 116 
DT  "C3'"  C  N S 117 
DT  "O3'"  O  N N 118 
DT  "C2'"  C  N N 119 
DT  "C1'"  C  N R 120 
DT  N1     N  N N 121 
DT  C2     C  N N 122 
DT  O2     O  N N 123 
DT  N3     N  N N 124 
DT  C4     C  N N 125 
DT  O4     O  N N 126 
DT  C5     C  N N 127 
DT  C7     C  N N 128 
DT  C6     C  N N 129 
DT  HOP3   H  N N 130 
DT  HOP2   H  N N 131 
DT  "H5'"  H  N N 132 
DT  "H5''" H  N N 133 
DT  "H4'"  H  N N 134 
DT  "H3'"  H  N N 135 
DT  "HO3'" H  N N 136 
DT  "H2'"  H  N N 137 
DT  "H2''" H  N N 138 
DT  "H1'"  H  N N 139 
DT  H3     H  N N 140 
DT  H71    H  N N 141 
DT  H72    H  N N 142 
DT  H73    H  N N 143 
DT  H6     H  N N 144 
HOH O      O  N N 145 
HOH H1     H  N N 146 
HOH H2     H  N N 147 
MG  MG     MG N N 148 
O   O      O  N N 149 
# 
loop_
_chem_comp_bond.comp_id 
_chem_comp_bond.atom_id_1 
_chem_comp_bond.atom_id_2 
_chem_comp_bond.value_order 
_chem_comp_bond.pdbx_aromatic_flag 
_chem_comp_bond.pdbx_stereo_config 
_chem_comp_bond.pdbx_ordinal 
DA  OP3   P      sing N N 1   
DA  OP3   HOP3   sing N N 2   
DA  P     OP1    doub N N 3   
DA  P     OP2    sing N N 4   
DA  P     "O5'"  sing N N 5   
DA  OP2   HOP2   sing N N 6   
DA  "O5'" "C5'"  sing N N 7   
DA  "C5'" "C4'"  sing N N 8   
DA  "C5'" "H5'"  sing N N 9   
DA  "C5'" "H5''" sing N N 10  
DA  "C4'" "O4'"  sing N N 11  
DA  "C4'" "C3'"  sing N N 12  
DA  "C4'" "H4'"  sing N N 13  
DA  "O4'" "C1'"  sing N N 14  
DA  "C3'" "O3'"  sing N N 15  
DA  "C3'" "C2'"  sing N N 16  
DA  "C3'" "H3'"  sing N N 17  
DA  "O3'" "HO3'" sing N N 18  
DA  "C2'" "C1'"  sing N N 19  
DA  "C2'" "H2'"  sing N N 20  
DA  "C2'" "H2''" sing N N 21  
DA  "C1'" N9     sing N N 22  
DA  "C1'" "H1'"  sing N N 23  
DA  N9    C8     sing Y N 24  
DA  N9    C4     sing Y N 25  
DA  C8    N7     doub Y N 26  
DA  C8    H8     sing N N 27  
DA  N7    C5     sing Y N 28  
DA  C5    C6     sing Y N 29  
DA  C5    C4     doub Y N 30  
DA  C6    N6     sing N N 31  
DA  C6    N1     doub Y N 32  
DA  N6    H61    sing N N 33  
DA  N6    H62    sing N N 34  
DA  N1    C2     sing Y N 35  
DA  C2    N3     doub Y N 36  
DA  C2    H2     sing N N 37  
DA  N3    C4     sing Y N 38  
DC  OP3   P      sing N N 39  
DC  OP3   HOP3   sing N N 40  
DC  P     OP1    doub N N 41  
DC  P     OP2    sing N N 42  
DC  P     "O5'"  sing N N 43  
DC  OP2   HOP2   sing N N 44  
DC  "O5'" "C5'"  sing N N 45  
DC  "C5'" "C4'"  sing N N 46  
DC  "C5'" "H5'"  sing N N 47  
DC  "C5'" "H5''" sing N N 48  
DC  "C4'" "O4'"  sing N N 49  
DC  "C4'" "C3'"  sing N N 50  
DC  "C4'" "H4'"  sing N N 51  
DC  "O4'" "C1'"  sing N N 52  
DC  "C3'" "O3'"  sing N N 53  
DC  "C3'" "C2'"  sing N N 54  
DC  "C3'" "H3'"  sing N N 55  
DC  "O3'" "HO3'" sing N N 56  
DC  "C2'" "C1'"  sing N N 57  
DC  "C2'" "H2'"  sing N N 58  
DC  "C2'" "H2''" sing N N 59  
DC  "C1'" N1     sing N N 60  
DC  "C1'" "H1'"  sing N N 61  
DC  N1    C2     sing N N 62  
DC  N1    C6     sing N N 63  
DC  C2    O2     doub N N 64  
DC  C2    N3     sing N N 65  
DC  N3    C4     doub N N 66  
DC  C4    N4     sing N N 67  
DC  C4    C5     sing N N 68  
DC  N4    H41    sing N N 69  
DC  N4    H42    sing N N 70  
DC  C5    C6     doub N N 71  
DC  C5    H5     sing N N 72  
DC  C6    H6     sing N N 73  
DG  OP3   P      sing N N 74  
DG  OP3   HOP3   sing N N 75  
DG  P     OP1    doub N N 76  
DG  P     OP2    sing N N 77  
DG  P     "O5'"  sing N N 78  
DG  OP2   HOP2   sing N N 79  
DG  "O5'" "C5'"  sing N N 80  
DG  "C5'" "C4'"  sing N N 81  
DG  "C5'" "H5'"  sing N N 82  
DG  "C5'" "H5''" sing N N 83  
DG  "C4'" "O4'"  sing N N 84  
DG  "C4'" "C3'"  sing N N 85  
DG  "C4'" "H4'"  sing N N 86  
DG  "O4'" "C1'"  sing N N 87  
DG  "C3'" "O3'"  sing N N 88  
DG  "C3'" "C2'"  sing N N 89  
DG  "C3'" "H3'"  sing N N 90  
DG  "O3'" "HO3'" sing N N 91  
DG  "C2'" "C1'"  sing N N 92  
DG  "C2'" "H2'"  sing N N 93  
DG  "C2'" "H2''" sing N N 94  
DG  "C1'" N9     sing N N 95  
DG  "C1'" "H1'"  sing N N 96  
DG  N9    C8     sing Y N 97  
DG  N9    C4     sing Y N 98  
DG  C8    N7     doub Y N 99  
DG  C8    H8     sing N N 100 
DG  N7    C5     sing Y N 101 
DG  C5    C6     sing N N 102 
DG  C5    C4     doub Y N 103 
DG  C6    O6     doub N N 104 
DG  C6    N1     sing N N 105 
DG  N1    C2     sing N N 106 
DG  N1    H1     sing N N 107 
DG  C2    N2     sing N N 108 
DG  C2    N3     doub N N 109 
DG  N2    H21    sing N N 110 
DG  N2    H22    sing N N 111 
DG  N3    C4     sing N N 112 
DT  OP3   P      sing N N 113 
DT  OP3   HOP3   sing N N 114 
DT  P     OP1    doub N N 115 
DT  P     OP2    sing N N 116 
DT  P     "O5'"  sing N N 117 
DT  OP2   HOP2   sing N N 118 
DT  "O5'" "C5'"  sing N N 119 
DT  "C5'" "C4'"  sing N N 120 
DT  "C5'" "H5'"  sing N N 121 
DT  "C5'" "H5''" sing N N 122 
DT  "C4'" "O4'"  sing N N 123 
DT  "C4'" "C3'"  sing N N 124 
DT  "C4'" "H4'"  sing N N 125 
DT  "O4'" "C1'"  sing N N 126 
DT  "C3'" "O3'"  sing N N 127 
DT  "C3'" "C2'"  sing N N 128 
DT  "C3'" "H3'"  sing N N 129 
DT  "O3'" "HO3'" sing N N 130 
DT  "C2'" "C1'"  sing N N 131 
DT  "C2'" "H2'"  sing N N 132 
DT  "C2'" "H2''" sing N N 133 
DT  "C1'" N1     sing N N 134 
DT  "C1'" "H1'"  sing N N 135 
DT  N1    C2     sing N N 136 
DT  N1    C6     sing N N 137 
DT  C2    O2     doub N N 138 
DT  C2    N3     sing N N 139 
DT  N3    C4     sing N N 140 
DT  N3    H3     sing N N 141 
DT  C4    O4     doub N N 142 
DT  C4    C5     sing N N 143 
DT  C5    C7     sing N N 144 
DT  C5    C6     doub N N 145 
DT  C7    H71    sing N N 146 
DT  C7    H72    sing N N 147 
DT  C7    H73    sing N N 148 
DT  C6    H6     sing N N 149 
HOH O     H1     sing N N 150 
HOH O     H2     sing N N 151 
# 
_ndb_struct_conf_na.entry_id   1ENN 
_ndb_struct_conf_na.feature    'b-form double helix' 
# 
loop_
_ndb_struct_na_base_pair.model_number 
_ndb_struct_na_base_pair.i_label_asym_id 
_ndb_struct_na_base_pair.i_label_comp_id 
_ndb_struct_na_base_pair.i_label_seq_id 
_ndb_struct_na_base_pair.i_symmetry 
_ndb_struct_na_base_pair.j_label_asym_id 
_ndb_struct_na_base_pair.j_label_comp_id 
_ndb_struct_na_base_pair.j_label_seq_id 
_ndb_struct_na_base_pair.j_symmetry 
_ndb_struct_na_base_pair.shear 
_ndb_struct_na_base_pair.stretch 
_ndb_struct_na_base_pair.stagger 
_ndb_struct_na_base_pair.buckle 
_ndb_struct_na_base_pair.propeller 
_ndb_struct_na_base_pair.opening 
_ndb_struct_na_base_pair.pair_number 
_ndb_struct_na_base_pair.pair_name 
_ndb_struct_na_base_pair.i_auth_asym_id 
_ndb_struct_na_base_pair.i_auth_seq_id 
_ndb_struct_na_base_pair.i_PDB_ins_code 
_ndb_struct_na_base_pair.j_auth_asym_id 
_ndb_struct_na_base_pair.j_auth_seq_id 
_ndb_struct_na_base_pair.j_PDB_ins_code 
_ndb_struct_na_base_pair.hbond_type_28 
_ndb_struct_na_base_pair.hbond_type_12 
1 A DC 2 1_555 B DG 9 1_555 0.182  -0.118 0.059  0.280  -10.943 -1.180 1 A_DC2:DG18_B A 2 ? B 18 ? 19 1 
1 A DG 3 1_555 B DC 8 1_555 -0.339 -0.169 -0.040 3.955  -0.072  -2.002 2 A_DG3:DC17_B A 3 ? B 17 ? 19 1 
1 A DA 4 1_555 B DT 7 1_555 0.021  -0.118 0.042  10.986 -13.798 0.243  3 A_DA4:DT16_B A 4 ? B 16 ? 20 1 
1 A DA 5 1_555 B DT 6 1_555 0.018  -0.102 0.072  3.353  -15.805 2.816  4 A_DA5:DT15_B A 5 ? B 15 ? 20 1 
1 A DT 6 1_555 B DA 5 1_555 -0.036 -0.098 0.108  -1.892 -15.774 5.211  5 A_DT6:DA14_B A 6 ? B 14 ? 20 1 
1 A DT 7 1_555 B DA 4 1_555 -0.121 -0.143 -0.099 -8.026 -17.922 1.258  6 A_DT7:DA13_B A 7 ? B 13 ? 20 1 
1 A DC 8 1_555 B DG 3 1_555 0.267  -0.138 -0.179 -2.536 -4.310  0.957  7 A_DC8:DG12_B A 8 ? B 12 ? 19 1 
1 A DG 9 1_555 B DC 2 1_555 -0.260 -0.118 0.153  2.958  -4.551  -0.253 8 A_DG9:DC11_B A 9 ? B 11 ? 19 1 
# 
loop_
_ndb_struct_na_base_pair_step.model_number 
_ndb_struct_na_base_pair_step.i_label_asym_id_1 
_ndb_struct_na_base_pair_step.i_label_comp_id_1 
_ndb_struct_na_base_pair_step.i_label_seq_id_1 
_ndb_struct_na_base_pair_step.i_symmetry_1 
_ndb_struct_na_base_pair_step.j_label_asym_id_1 
_ndb_struct_na_base_pair_step.j_label_comp_id_1 
_ndb_struct_na_base_pair_step.j_label_seq_id_1 
_ndb_struct_na_base_pair_step.j_symmetry_1 
_ndb_struct_na_base_pair_step.i_label_asym_id_2 
_ndb_struct_na_base_pair_step.i_label_comp_id_2 
_ndb_struct_na_base_pair_step.i_label_seq_id_2 
_ndb_struct_na_base_pair_step.i_symmetry_2 
_ndb_struct_na_base_pair_step.j_label_asym_id_2 
_ndb_struct_na_base_pair_step.j_label_comp_id_2 
_ndb_struct_na_base_pair_step.j_label_seq_id_2 
_ndb_struct_na_base_pair_step.j_symmetry_2 
_ndb_struct_na_base_pair_step.shift 
_ndb_struct_na_base_pair_step.slide 
_ndb_struct_na_base_pair_step.rise 
_ndb_struct_na_base_pair_step.tilt 
_ndb_struct_na_base_pair_step.roll 
_ndb_struct_na_base_pair_step.twist 
_ndb_struct_na_base_pair_step.x_displacement 
_ndb_struct_na_base_pair_step.y_displacement 
_ndb_struct_na_base_pair_step.helical_rise 
_ndb_struct_na_base_pair_step.inclination 
_ndb_struct_na_base_pair_step.tip 
_ndb_struct_na_base_pair_step.helical_twist 
_ndb_struct_na_base_pair_step.step_number 
_ndb_struct_na_base_pair_step.step_name 
_ndb_struct_na_base_pair_step.i_auth_asym_id_1 
_ndb_struct_na_base_pair_step.i_auth_seq_id_1 
_ndb_struct_na_base_pair_step.i_PDB_ins_code_1 
_ndb_struct_na_base_pair_step.j_auth_asym_id_1 
_ndb_struct_na_base_pair_step.j_auth_seq_id_1 
_ndb_struct_na_base_pair_step.j_PDB_ins_code_1 
_ndb_struct_na_base_pair_step.i_auth_asym_id_2 
_ndb_struct_na_base_pair_step.i_auth_seq_id_2 
_ndb_struct_na_base_pair_step.i_PDB_ins_code_2 
_ndb_struct_na_base_pair_step.j_auth_asym_id_2 
_ndb_struct_na_base_pair_step.j_auth_seq_id_2 
_ndb_struct_na_base_pair_step.j_PDB_ins_code_2 
1 A DC 2 1_555 B DG 9 1_555 A DG 3 1_555 B DC 8 1_555 0.842  0.980  3.223 2.427  5.561  29.293 0.719  -1.117 3.404 10.849 -4.736 
29.902 1 AA_DC2DG3:DC17DG18_BB A 2 ? B 18 ? A 3 ? B 17 ? 
1 A DG 3 1_555 B DC 8 1_555 A DA 4 1_555 B DT 7 1_555 -0.819 1.358  3.242 -0.931 4.216  37.837 1.538  1.135  3.387 6.476  1.430  
38.073 2 AA_DG3DA4:DT16DC17_BB A 3 ? B 17 ? A 4 ? B 16 ? 
1 A DA 4 1_555 B DT 7 1_555 A DA 5 1_555 B DT 6 1_555 0.374  -0.406 3.362 -0.977 1.905  38.755 -0.848 -0.684 3.329 2.869  1.471  
38.812 3 AA_DA4DA5:DT15DT16_BB A 4 ? B 16 ? A 5 ? B 15 ? 
1 A DA 5 1_555 B DT 6 1_555 A DT 6 1_555 B DA 5 1_555 0.167  -0.631 3.315 0.326  0.112  30.916 -1.206 -0.249 3.315 0.210  -0.612 
30.918 4 AA_DA5DT6:DA14DT15_BB A 5 ? B 15 ? A 6 ? B 14 ? 
1 A DT 6 1_555 B DA 5 1_555 A DT 7 1_555 B DA 4 1_555 -0.450 -0.205 3.297 2.973  2.561  37.884 -0.640 1.068  3.234 3.931  -4.565 
38.079 5 AA_DT6DT7:DA13DA14_BB A 6 ? B 14 ? A 7 ? B 13 ? 
1 A DT 7 1_555 B DA 4 1_555 A DC 8 1_555 B DG 3 1_555 1.057  1.308  3.250 0.843  -0.842 39.565 2.030  -1.463 3.243 -1.243 -1.245 
39.583 6 AA_DT7DC8:DG12DA13_BB A 7 ? B 13 ? A 8 ? B 12 ? 
1 A DC 8 1_555 B DG 3 1_555 A DG 9 1_555 B DC 2 1_555 -1.565 0.910  3.233 -5.047 5.665  30.298 0.557  1.898  3.549 10.630 9.471  
31.212 7 AA_DC8DG9:DC11DG12_BB A 8 ? B 12 ? A 9 ? B 11 ? 
# 
_atom_sites.entry_id                    1ENN 
_atom_sites.fract_transf_matrix[1][1]   0.02829919 
_atom_sites.fract_transf_matrix[1][2]   0.03573209 
_atom_sites.fract_transf_matrix[1][3]   0.00042840 
_atom_sites.fract_transf_matrix[2][1]   -0.00337349 
_atom_sites.fract_transf_matrix[2][2]   0.00299537 
_atom_sites.fract_transf_matrix[2][3]   -0.02699259 
_atom_sites.fract_transf_matrix[3][1]   -0.01468261 
_atom_sites.fract_transf_matrix[3][2]   0.01159095 
_atom_sites.fract_transf_matrix[3][3]   0.00312126 
_atom_sites.fract_transf_vector[1]      0.377459 
_atom_sites.fract_transf_vector[2]      0.450187 
_atom_sites.fract_transf_vector[3]      0.009454 
# 
loop_
_atom_type.symbol 
C  
CL 
MG 
N  
O  
P  
# 
loop_
_atom_site.group_PDB 
_atom_site.id 
_atom_site.type_symbol 
_atom_site.label_atom_id 
_atom_site.label_alt_id 
_atom_site.label_comp_id 
_atom_site.label_asym_id 
_atom_site.label_entity_id 
_atom_site.label_seq_id 
_atom_site.pdbx_PDB_ins_code 
_atom_site.Cartn_x 
_atom_site.Cartn_y 
_atom_site.Cartn_z 
_atom_site.occupancy 
_atom_site.B_iso_or_equiv 
_atom_site.pdbx_formal_charge 
_atom_site.auth_seq_id 
_atom_site.auth_comp_id 
_atom_site.auth_asym_id 
_atom_site.auth_atom_id 
_atom_site.pdbx_PDB_model_num 
ATOM   1   O  "O5'" A DG  A 1 1 ? 11.323  -12.786 4.847   0.50 17.94 ? 1   DG  A "O5'" 1 
ATOM   2   O  "O5'" B DG  A 1 1 ? 11.693  -12.564 5.106   0.50 34.88 ? 1   DG  A "O5'" 1 
ATOM   3   C  "C5'" . DG  A 1 1 ? 10.615  -11.668 5.319   1.00 12.21 ? 1   DG  A "C5'" 1 
ATOM   4   C  "C4'" . DG  A 1 1 ? 11.067  -10.368 4.563   1.00 13.47 ? 1   DG  A "C4'" 1 
ATOM   5   O  "O4'" . DG  A 1 1 ? 11.030  -10.605 3.149   1.00 9.11  ? 1   DG  A "O4'" 1 
ATOM   6   C  "C3'" . DG  A 1 1 ? 10.198  -9.174  4.815   1.00 9.44  ? 1   DG  A "C3'" 1 
ATOM   7   O  "O3'" . DG  A 1 1 ? 10.726  -7.907  4.550   1.00 10.20 ? 1   DG  A "O3'" 1 
ATOM   8   C  "C2'" . DG  A 1 1 ? 9.113   -9.406  3.763   1.00 8.19  ? 1   DG  A "C2'" 1 
ATOM   9   C  "C1'" . DG  A 1 1 ? 9.976   -9.817  2.571   1.00 7.47  ? 1   DG  A "C1'" 1 
ATOM   10  N  N9    . DG  A 1 1 ? 9.299   -10.629 1.603   1.00 7.50  ? 1   DG  A N9    1 
ATOM   11  C  C8    . DG  A 1 1 ? 8.436   -11.675 1.829   1.00 7.72  ? 1   DG  A C8    1 
ATOM   12  N  N7    . DG  A 1 1 ? 7.964   -12.189 0.712   1.00 7.52  ? 1   DG  A N7    1 
ATOM   13  C  C5    . DG  A 1 1 ? 8.575   -11.468 -0.300  1.00 7.11  ? 1   DG  A C5    1 
ATOM   14  C  C6    . DG  A 1 1 ? 8.469   -11.550 -1.719  1.00 7.33  ? 1   DG  A C6    1 
ATOM   15  O  O6    . DG  A 1 1 ? 7.805   -12.352 -2.408  1.00 7.68  ? 1   DG  A O6    1 
ATOM   16  N  N1    . DG  A 1 1 ? 9.264   -10.596 -2.361  1.00 7.29  ? 1   DG  A N1    1 
ATOM   17  C  C2    . DG  A 1 1 ? 10.047  -9.658  -1.727  1.00 6.91  ? 1   DG  A C2    1 
ATOM   18  N  N2    . DG  A 1 1 ? 10.755  -8.834  -2.523  1.00 7.86  ? 1   DG  A N2    1 
ATOM   19  N  N3    . DG  A 1 1 ? 10.189  -9.613  -0.406  1.00 6.69  ? 1   DG  A N3    1 
ATOM   20  C  C4    . DG  A 1 1 ? 9.418   -10.514 0.225   1.00 6.62  ? 1   DG  A C4    1 
ATOM   21  P  P     A DC  A 1 2 ? 10.273  -6.613  5.221   0.44 8.27  ? 2   DC  A P     1 
ATOM   22  P  P     B DC  A 1 2 ? 11.127  -6.738  5.550   0.56 7.61  ? 2   DC  A P     1 
ATOM   23  O  OP1   A DC  A 1 2 ? 10.706  -6.426  6.645   0.44 10.30 ? 2   DC  A OP1   1 
ATOM   24  O  OP1   B DC  A 1 2 ? 12.160  -7.251  6.449   0.56 9.60  ? 2   DC  A OP1   1 
ATOM   25  O  OP2   A DC  A 1 2 ? 8.859   -6.334  4.972   0.44 9.44  ? 2   DC  A OP2   1 
ATOM   26  O  OP2   B DC  A 1 2 ? 9.889   -6.215  6.210   0.56 11.03 ? 2   DC  A OP2   1 
ATOM   27  O  "O5'" . DC  A 1 2 ? 11.396  -5.661  4.454   1.00 14.79 ? 2   DC  A "O5'" 1 
ATOM   28  C  "C5'" . DC  A 1 2 ? 12.788  -5.745  4.037   1.00 9.98  ? 2   DC  A "C5'" 1 
ATOM   29  C  "C4'" . DC  A 1 2 ? 12.943  -4.863  2.827   1.00 6.67  ? 2   DC  A "C4'" 1 
ATOM   30  O  "O4'" . DC  A 1 2 ? 12.266  -5.438  1.699   1.00 7.17  ? 2   DC  A "O4'" 1 
ATOM   31  C  "C3'" . DC  A 1 2 ? 12.364  -3.448  2.983   1.00 6.72  ? 2   DC  A "C3'" 1 
ATOM   32  O  "O3'" . DC  A 1 2 ? 13.343  -2.530  2.509   1.00 6.19  ? 2   DC  A "O3'" 1 
ATOM   33  C  "C2'" . DC  A 1 2 ? 11.131  -3.472  2.162   1.00 6.19  ? 2   DC  A "C2'" 1 
ATOM   34  C  "C1'" . DC  A 1 2 ? 11.449  -4.464  1.063   1.00 6.28  ? 2   DC  A "C1'" 1 
ATOM   35  N  N1    . DC  A 1 2 ? 10.309  -5.176  0.496   1.00 6.53  ? 2   DC  A N1    1 
ATOM   36  C  C2    . DC  A 1 2 ? 10.114  -5.172  -0.891  1.00 6.32  ? 2   DC  A C2    1 
ATOM   37  O  O2    . DC  A 1 2 ? 10.824  -4.419  -1.604  1.00 7.88  ? 2   DC  A O2    1 
ATOM   38  N  N3    . DC  A 1 2 ? 9.199   -6.000  -1.438  1.00 6.40  ? 2   DC  A N3    1 
ATOM   39  C  C4    . DC  A 1 2 ? 8.498   -6.822  -0.642  1.00 6.49  ? 2   DC  A C4    1 
ATOM   40  N  N4    . DC  A 1 2 ? 7.644   -7.666  -1.216  1.00 7.03  ? 2   DC  A N4    1 
ATOM   41  C  C5    . DC  A 1 2 ? 8.617   -6.799  0.786   1.00 6.74  ? 2   DC  A C5    1 
ATOM   42  C  C6    . DC  A 1 2 ? 9.558   -5.977  1.302   1.00 6.17  ? 2   DC  A C6    1 
ATOM   43  P  P     . DG  A 1 3 ? 13.418  -1.050  3.048   1.00 7.24  ? 3   DG  A P     1 
ATOM   44  O  OP1   . DG  A 1 3 ? 14.754  -0.553  2.654   1.00 8.53  ? 3   DG  A OP1   1 
ATOM   45  O  OP2   . DG  A 1 3 ? 13.159  -1.020  4.514   1.00 8.19  ? 3   DG  A OP2   1 
ATOM   46  O  "O5'" . DG  A 1 3 ? 12.264  -0.243  2.267   1.00 6.77  ? 3   DG  A "O5'" 1 
ATOM   47  C  "C5'" . DG  A 1 3 ? 12.499  0.094   0.898   1.00 6.68  ? 3   DG  A "C5'" 1 
ATOM   48  C  "C4'" . DG  A 1 3 ? 11.197  0.485   0.219   1.00 6.55  ? 3   DG  A "C4'" 1 
ATOM   49  O  "O4'" . DG  A 1 3 ? 10.401  -0.735  -0.024  1.00 6.61  ? 3   DG  A "O4'" 1 
ATOM   50  C  "C3'" . DG  A 1 3 ? 10.293  1.417   0.981   1.00 6.39  ? 3   DG  A "C3'" 1 
ATOM   51  O  "O3'" . DG  A 1 3 ? 9.802   2.403   0.072   1.00 7.20  ? 3   DG  A "O3'" 1 
ATOM   52  C  "C2'" . DG  A 1 3 ? 9.159   0.555   1.453   1.00 6.93  ? 3   DG  A "C2'" 1 
ATOM   53  C  "C1'" . DG  A 1 3 ? 9.033   -0.356  0.248   1.00 6.25  ? 3   DG  A "C1'" 1 
ATOM   54  N  N9    . DG  A 1 3 ? 8.263   -1.580  0.423   1.00 5.78  ? 3   DG  A N9    1 
ATOM   55  C  C8    . DG  A 1 3 ? 7.977   -2.227  1.601   1.00 6.24  ? 3   DG  A C8    1 
ATOM   56  N  N7    . DG  A 1 3 ? 7.270   -3.332  1.419   1.00 6.20  ? 3   DG  A N7    1 
ATOM   57  C  C5    . DG  A 1 3 ? 7.117   -3.390  0.026   1.00 5.87  ? 3   DG  A C5    1 
ATOM   58  C  C6    . DG  A 1 3 ? 6.390   -4.299  -0.778  1.00 5.87  ? 3   DG  A C6    1 
ATOM   59  O  O6    . DG  A 1 3 ? 5.743   -5.284  -0.401  1.00 6.46  ? 3   DG  A O6    1 
ATOM   60  N  N1    . DG  A 1 3 ? 6.432   -3.974  -2.133  1.00 6.00  ? 3   DG  A N1    1 
ATOM   61  C  C2    . DG  A 1 3 ? 7.122   -2.889  -2.642  1.00 6.37  ? 3   DG  A C2    1 
ATOM   62  N  N2    . DG  A 1 3 ? 7.064   -2.747  -3.991  1.00 7.39  ? 3   DG  A N2    1 
ATOM   63  N  N3    . DG  A 1 3 ? 7.791   -2.009  -1.909  1.00 6.27  ? 3   DG  A N3    1 
ATOM   64  C  C4    . DG  A 1 3 ? 7.740   -2.327  -0.590  1.00 6.04  ? 3   DG  A C4    1 
ATOM   65  P  P     . DA  A 1 4 ? 9.725   3.926   0.439   1.00 7.65  ? 4   DA  A P     1 
ATOM   66  O  OP1   . DA  A 1 4 ? 11.111  4.419   0.670   1.00 9.89  ? 4   DA  A OP1   1 
ATOM   67  O  OP2   . DA  A 1 4 ? 8.726   4.163   1.475   1.00 10.15 ? 4   DA  A OP2   1 
ATOM   68  O  "O5'" . DA  A 1 4 ? 9.135   4.517   -0.927  1.00 7.59  ? 4   DA  A "O5'" 1 
ATOM   69  C  "C5'" . DA  A 1 4 ? 9.873   4.401   -2.142  1.00 7.93  ? 4   DA  A "C5'" 1 
ATOM   70  C  "C4'" . DA  A 1 4 ? 8.926   4.248   -3.278  1.00 7.65  ? 4   DA  A "C4'" 1 
ATOM   71  O  "O4'" . DA  A 1 4 ? 8.209   2.993   -3.162  1.00 8.94  ? 4   DA  A "O4'" 1 
ATOM   72  C  "C3'" . DA  A 1 4 ? 7.823   5.317   -3.359  1.00 8.35  ? 4   DA  A "C3'" 1 
ATOM   73  O  "O3'" . DA  A 1 4 ? 7.610   5.575   -4.747  1.00 9.70  ? 4   DA  A "O3'" 1 
ATOM   74  C  "C2'" . DA  A 1 4 ? 6.654   4.720   -2.624  1.00 7.95  ? 4   DA  A "C2'" 1 
ATOM   75  C  "C1'" . DA  A 1 4 ? 6.793   3.230   -2.977  1.00 7.31  ? 4   DA  A "C1'" 1 
ATOM   76  N  N9    . DA  A 1 4 ? 6.321   2.317   -1.974  1.00 6.70  ? 4   DA  A N9    1 
ATOM   77  C  C8    . DA  A 1 4 ? 6.416   2.433   -0.614  1.00 7.28  ? 4   DA  A C8    1 
ATOM   78  N  N7    . DA  A 1 4 ? 5.914   1.405   0.035   1.00 7.79  ? 4   DA  A N7    1 
ATOM   79  C  C5    . DA  A 1 4 ? 5.409   0.591   -0.967  1.00 6.66  ? 4   DA  A C5    1 
ATOM   80  C  C6    . DA  A 1 4 ? 4.751   -0.654  -0.920  1.00 6.07  ? 4   DA  A C6    1 
ATOM   81  N  N6    . DA  A 1 4 ? 4.463   -1.316  0.209   1.00 6.66  ? 4   DA  A N6    1 
ATOM   82  N  N1    . DA  A 1 4 ? 4.344   -1.170  -2.098  1.00 6.38  ? 4   DA  A N1    1 
ATOM   83  C  C2    . DA  A 1 4 ? 4.619   -0.542  -3.238  1.00 6.64  ? 4   DA  A C2    1 
ATOM   84  N  N3    . DA  A 1 4 ? 5.301   0.615   -3.402  1.00 6.67  ? 4   DA  A N3    1 
ATOM   85  C  C4    . DA  A 1 4 ? 5.647   1.128   -2.213  1.00 6.18  ? 4   DA  A C4    1 
ATOM   86  P  P     . DA  A 1 5 ? 6.403   6.443   -5.324  1.00 10.77 ? 5   DA  A P     1 
ATOM   87  O  OP1   . DA  A 1 5 ? 6.855   7.009   -6.603  1.00 12.32 ? 5   DA  A OP1   1 
ATOM   88  O  OP2   . DA  A 1 5 ? 5.873   7.404   -4.339  1.00 11.52 ? 5   DA  A OP2   1 
ATOM   89  O  "O5'" . DA  A 1 5 ? 5.259   5.365   -5.555  1.00 9.34  ? 5   DA  A "O5'" 1 
ATOM   90  C  "C5'" . DA  A 1 5 ? 5.463   4.380   -6.562  1.00 9.50  ? 5   DA  A "C5'" 1 
ATOM   91  C  "C4'" . DA  A 1 5 ? 4.160   3.614   -6.750  1.00 9.74  ? 5   DA  A "C4'" 1 
ATOM   92  O  "O4'" . DA  A 1 5 ? 3.916   2.824   -5.563  1.00 9.49  ? 5   DA  A "O4'" 1 
ATOM   93  C  "C3'" . DA  A 1 5 ? 2.950   4.478   -6.944  1.00 9.39  ? 5   DA  A "C3'" 1 
ATOM   94  O  "O3'" . DA  A 1 5 ? 2.259   3.936   -8.080  1.00 11.26 ? 5   DA  A "O3'" 1 
ATOM   95  C  "C2'" . DA  A 1 5 ? 2.196   4.376   -5.650  1.00 9.12  ? 5   DA  A "C2'" 1 
ATOM   96  C  "C1'" . DA  A 1 5 ? 2.574   2.975   -5.159  1.00 7.95  ? 5   DA  A "C1'" 1 
ATOM   97  N  N9    . DA  A 1 5 ? 2.503   2.810   -3.727  1.00 7.21  ? 5   DA  A N9    1 
ATOM   98  C  C8    . DA  A 1 5 ? 3.074   3.614   -2.770  1.00 7.89  ? 5   DA  A C8    1 
ATOM   99  N  N7    . DA  A 1 5 ? 2.975   3.160   -1.535  1.00 7.47  ? 5   DA  A N7    1 
ATOM   100 C  C5    . DA  A 1 5 ? 2.286   1.971   -1.702  1.00 6.41  ? 5   DA  A C5    1 
ATOM   101 C  C6    . DA  A 1 5 ? 1.871   1.009   -0.772  1.00 6.27  ? 5   DA  A C6    1 
ATOM   102 N  N6    . DA  A 1 5 ? 2.080   1.060   0.545   1.00 7.26  ? 5   DA  A N6    1 
ATOM   103 N  N1    . DA  A 1 5 ? 1.205   -0.070  -1.243  1.00 6.42  ? 5   DA  A N1    1 
ATOM   104 C  C2    . DA  A 1 5 ? 0.984   -0.169  -2.576  1.00 6.95  ? 5   DA  A C2    1 
ATOM   105 N  N3    . DA  A 1 5 ? 1.333   0.676   -3.536  1.00 7.07  ? 5   DA  A N3    1 
ATOM   106 C  C4    . DA  A 1 5 ? 2.009   1.730   -3.041  1.00 6.47  ? 5   DA  A C4    1 
ATOM   107 P  P     . DT  A 1 6 ? 0.943   4.569   -8.664  1.00 12.29 ? 6   DT  A P     1 
ATOM   108 O  OP1   . DT  A 1 6 ? 0.883   4.261   -10.088 1.00 17.96 ? 6   DT  A OP1   1 
ATOM   109 O  OP2   . DT  A 1 6 ? 0.864   5.980   -8.280  1.00 14.97 ? 6   DT  A OP2   1 
ATOM   110 O  "O5'" . DT  A 1 6 ? -0.187  3.760   -7.897  1.00 11.86 ? 6   DT  A "O5'" 1 
ATOM   111 C  "C5'" . DT  A 1 6 ? -0.269  2.310   -8.090  1.00 11.93 ? 6   DT  A "C5'" 1 
ATOM   112 C  "C4'" . DT  A 1 6 ? -1.313  1.808   -7.145  1.00 15.23 ? 6   DT  A "C4'" 1 
ATOM   113 O  "O4'" A DT  A 1 6 ? -0.812  1.949   -5.814  0.65 12.54 ? 6   DT  A "O4'" 1 
ATOM   114 O  "O4'" B DT  A 1 6 ? -0.808  1.953   -5.795  0.35 13.20 ? 6   DT  A "O4'" 1 
ATOM   115 C  "C3'" A DT  A 1 6 ? -2.620  2.597   -7.170  0.65 19.04 ? 6   DT  A "C3'" 1 
ATOM   116 C  "C3'" B DT  A 1 6 ? -2.646  2.547   -7.145  0.35 15.68 ? 6   DT  A "C3'" 1 
ATOM   117 O  "O3'" A DT  A 1 6 ? -3.577  1.866   -7.893  0.65 19.10 ? 6   DT  A "O3'" 1 
ATOM   118 O  "O3'" B DT  A 1 6 ? -3.565  1.700   -7.781  0.35 23.09 ? 6   DT  A "O3'" 1 
ATOM   119 C  "C2'" A DT  A 1 6 ? -3.002  2.792   -5.722  0.65 13.34 ? 6   DT  A "C2'" 1 
ATOM   120 C  "C2'" B DT  A 1 6 ? -2.997  2.802   -5.710  0.35 15.49 ? 6   DT  A "C2'" 1 
ATOM   121 C  "C1'" . DT  A 1 6 ? -1.962  1.955   -4.960  1.00 10.87 ? 6   DT  A "C1'" 1 
ATOM   122 N  N1    . DT  A 1 6 ? -1.609  2.481   -3.656  1.00 9.90  ? 6   DT  A N1    1 
ATOM   123 C  C2    . DT  A 1 6 ? -1.856  1.682   -2.552  1.00 8.80  ? 6   DT  A C2    1 
ATOM   124 O  O2    . DT  A 1 6 ? -2.445  0.624   -2.612  1.00 9.32  ? 6   DT  A O2    1 
ATOM   125 N  N3    . DT  A 1 6 ? -1.419  2.183   -1.360  1.00 7.99  ? 6   DT  A N3    1 
ATOM   126 C  C4    . DT  A 1 6 ? -0.739  3.377   -1.193  1.00 8.73  ? 6   DT  A C4    1 
ATOM   127 O  O4    . DT  A 1 6 ? -0.365  3.698   -0.071  1.00 8.93  ? 6   DT  A O4    1 
ATOM   128 C  C5    . DT  A 1 6 ? -0.519  4.174   -2.381  1.00 9.16  ? 6   DT  A C5    1 
ATOM   129 C  C7    . DT  A 1 6 ? 0.165   5.504   -2.265  1.00 11.81 ? 6   DT  A C7    1 
ATOM   130 C  C6    . DT  A 1 6 ? -0.950  3.679   -3.551  1.00 10.41 ? 6   DT  A C6    1 
ATOM   131 P  P     A DT  A 1 7 ? -5.148  2.245   -7.832  0.65 19.90 ? 7   DT  A P     1 
ATOM   132 P  P     B DT  A 1 7 ? -5.112  1.502   -8.048  0.35 29.19 ? 7   DT  A P     1 
ATOM   133 O  OP1   A DT  A 1 7 ? -5.663  1.600   -9.068  0.65 19.89 ? 7   DT  A OP1   1 
ATOM   134 O  OP1   B DT  A 1 7 ? -5.200  0.400   -9.018  0.35 25.75 ? 7   DT  A OP1   1 
ATOM   135 O  OP2   A DT  A 1 7 ? -5.448  3.647   -7.587  0.65 28.50 ? 7   DT  A OP2   1 
ATOM   136 O  OP2   B DT  A 1 7 ? -5.715  2.813   -8.368  0.35 41.40 ? 7   DT  A OP2   1 
ATOM   137 O  "O5'" A DT  A 1 7 ? -5.639  1.326   -6.598  0.65 16.03 ? 7   DT  A "O5'" 1 
ATOM   138 O  "O5'" B DT  A 1 7 ? -5.717  0.971   -6.664  0.35 28.13 ? 7   DT  A "O5'" 1 
ATOM   139 C  "C5'" A DT  A 1 7 ? -5.409  -0.058  -6.518  0.65 12.44 ? 7   DT  A "C5'" 1 
ATOM   140 C  "C5'" B DT  A 1 7 ? -5.258  -0.357  -6.379  0.35 19.11 ? 7   DT  A "C5'" 1 
ATOM   141 C  "C4'" A DT  A 1 7 ? -5.958  -0.640  -5.229  0.65 13.07 ? 7   DT  A "C4'" 1 
ATOM   142 C  "C4'" B DT  A 1 7 ? -5.978  -0.772  -5.124  0.35 12.20 ? 7   DT  A "C4'" 1 
ATOM   143 O  "O4'" A DT  A 1 7 ? -5.391  -0.018  -4.066  0.65 10.48 ? 7   DT  A "O4'" 1 
ATOM   144 O  "O4'" B DT  A 1 7 ? -5.446  -0.073  -3.991  0.35 15.78 ? 7   DT  A "O4'" 1 
ATOM   145 C  "C3'" . DT  A 1 7 ? -7.472  -0.452  -5.158  1.00 10.19 ? 7   DT  A "C3'" 1 
ATOM   146 O  "O3'" . DT  A 1 7 ? -8.101  -1.691  -4.864  1.00 12.13 ? 7   DT  A "O3'" 1 
ATOM   147 C  "C2'" A DT  A 1 7 ? -7.660  0.562   -4.086  0.65 9.44  ? 7   DT  A "C2'" 1 
ATOM   148 C  "C2'" B DT  A 1 7 ? -7.657  0.624   -4.159  0.35 12.13 ? 7   DT  A "C2'" 1 
ATOM   149 C  "C1'" . DT  A 1 7 ? -6.501  0.349   -3.166  1.00 15.65 ? 7   DT  A "C1'" 1 
ATOM   150 N  N1    . DT  A 1 7 ? -5.998  1.473   -2.424  1.00 8.81  ? 7   DT  A N1    1 
ATOM   151 C  C2    . DT  A 1 7 ? -5.737  1.319   -1.078  1.00 8.63  ? 7   DT  A C2    1 
ATOM   152 O  O2    . DT  A 1 7 ? -6.044  0.313   -0.444  1.00 9.03  ? 7   DT  A O2    1 
ATOM   153 N  N3    . DT  A 1 7 ? -5.071  2.373   -0.489  1.00 8.20  ? 7   DT  A N3    1 
ATOM   154 C  C4    . DT  A 1 7 ? -4.628  3.522   -1.102  1.00 8.80  ? 7   DT  A C4    1 
ATOM   155 O  O4    . DT  A 1 7 ? -3.992  4.369   -0.468  1.00 9.89  ? 7   DT  A O4    1 
ATOM   156 C  C5    . DT  A 1 7 ? -4.949  3.626   -2.507  1.00 9.83  ? 7   DT  A C5    1 
ATOM   157 C  C7    . DT  A 1 7 ? -4.557  4.878   -3.249  1.00 9.87  ? 7   DT  A C7    1 
ATOM   158 C  C6    . DT  A 1 7 ? -5.625  2.630   -3.093  1.00 9.09  ? 7   DT  A C6    1 
ATOM   159 P  P     . DC  A 1 8 ? -9.682  -1.940  -4.899  1.00 12.51 ? 8   DC  A P     1 
ATOM   160 O  OP1   . DC  A 1 8 ? -9.923  -3.390  -5.020  1.00 16.02 ? 8   DC  A OP1   1 
ATOM   161 O  OP2   . DC  A 1 8 ? -10.315 -0.977  -5.860  1.00 13.84 ? 8   DC  A OP2   1 
ATOM   162 O  "O5'" . DC  A 1 8 ? -10.168 -1.499  -3.446  1.00 10.16 ? 8   DC  A "O5'" 1 
ATOM   163 C  "C5'" . DC  A 1 8 ? -9.816  -2.239  -2.298  1.00 12.21 ? 8   DC  A "C5'" 1 
ATOM   164 C  "C4'" . DC  A 1 8 ? -10.323 -1.503  -1.086  1.00 9.22  ? 8   DC  A "C4'" 1 
ATOM   165 O  "O4'" . DC  A 1 8 ? -9.576  -0.315  -0.933  1.00 9.30  ? 8   DC  A "O4'" 1 
ATOM   166 C  "C3'" . DC  A 1 8 ? -11.798 -1.048  -1.149  1.00 9.13  ? 8   DC  A "C3'" 1 
ATOM   167 O  "O3'" . DC  A 1 8 ? -12.390 -1.254  0.117   1.00 10.06 ? 8   DC  A "O3'" 1 
ATOM   168 C  "C2'" . DC  A 1 8 ? -11.723 0.402   -1.520  1.00 9.40  ? 8   DC  A "C2'" 1 
ATOM   169 C  "C1'" . DC  A 1 8 ? -10.498 0.791   -0.687  1.00 8.29  ? 8   DC  A "C1'" 1 
ATOM   170 N  N1    . DC  A 1 8 ? -9.813  2.006   -1.014  1.00 7.80  ? 8   DC  A N1    1 
ATOM   171 C  C2    . DC  A 1 8 ? -9.015  2.560   -0.010  1.00 7.56  ? 8   DC  A C2    1 
ATOM   172 O  O2    . DC  A 1 8 ? -8.943  1.968   1.083   1.00 8.64  ? 8   DC  A O2    1 
ATOM   173 N  N3    . DC  A 1 8 ? -8.353  3.712   -0.238  1.00 7.62  ? 8   DC  A N3    1 
ATOM   174 C  C4    . DC  A 1 8 ? -8.435  4.328   -1.415  1.00 7.33  ? 8   DC  A C4    1 
ATOM   175 N  N4    . DC  A 1 8 ? -7.751  5.462   -1.599  1.00 7.59  ? 8   DC  A N4    1 
ATOM   176 C  C5    . DC  A 1 8 ? -9.186  3.748   -2.472  1.00 7.98  ? 8   DC  A C5    1 
ATOM   177 C  C6    . DC  A 1 8 ? -9.863  2.607   -2.248  1.00 7.54  ? 8   DC  A C6    1 
ATOM   178 P  P     . DG  A 1 9 ? -13.790 -1.927  0.191   1.00 10.75 ? 9   DG  A P     1 
ATOM   179 O  OP1   . DG  A 1 9 ? -13.719 -3.343  -0.155  1.00 19.63 ? 9   DG  A OP1   1 
ATOM   180 O  OP2   . DG  A 1 9 ? -14.779 -1.110  -0.484  1.00 13.69 ? 9   DG  A OP2   1 
ATOM   181 O  "O5'" . DG  A 1 9 ? -14.057 -1.782  1.754   1.00 9.95  ? 9   DG  A "O5'" 1 
ATOM   182 C  "C5'" . DG  A 1 9 ? -13.240 -2.491  2.734   1.00 12.81 ? 9   DG  A "C5'" 1 
ATOM   183 C  "C4'" . DG  A 1 9 ? -13.351 -1.723  4.036   1.00 9.48  ? 9   DG  A "C4'" 1 
ATOM   184 O  "O4'" . DG  A 1 9 ? -12.597 -0.518  3.905   1.00 9.45  ? 9   DG  A "O4'" 1 
ATOM   185 C  "C3'" . DG  A 1 9 ? -14.777 -1.334  4.354   1.00 8.57  ? 9   DG  A "C3'" 1 
ATOM   186 O  "O3'" . DG  A 1 9 ? -15.082 -1.487  5.705   1.00 12.80 ? 9   DG  A "O3'" 1 
ATOM   187 C  "C2'" . DG  A 1 9 ? -14.871 0.135   4.026   1.00 9.47  ? 9   DG  A "C2'" 1 
ATOM   188 C  "C1'" . DG  A 1 9 ? -13.428 0.622   4.148   1.00 8.59  ? 9   DG  A "C1'" 1 
ATOM   189 N  N9    . DG  A 1 9 ? -13.036 1.650   3.198   1.00 7.75  ? 9   DG  A N9    1 
ATOM   190 C  C8    . DG  A 1 9 ? -13.347 1.728   1.862   1.00 8.20  ? 9   DG  A C8    1 
ATOM   191 N  N7    . DG  A 1 9 ? -12.761 2.753   1.256   1.00 7.78  ? 9   DG  A N7    1 
ATOM   192 C  C5    . DG  A 1 9 ? -12.044 3.364   2.273   1.00 7.89  ? 9   DG  A C5    1 
ATOM   193 C  C6    . DG  A 1 9 ? -11.251 4.561   2.217   1.00 7.97  ? 9   DG  A C6    1 
ATOM   194 O  O6    . DG  A 1 9 ? -11.034 5.285   1.224   1.00 8.06  ? 9   DG  A O6    1 
ATOM   195 N  N1    . DG  A 1 9 ? -10.724 4.855   3.468   1.00 8.26  ? 9   DG  A N1    1 
ATOM   196 C  C2    . DG  A 1 9 ? -10.911 4.116   4.610   1.00 8.19  ? 9   DG  A C2    1 
ATOM   197 N  N2    . DG  A 1 9 ? -10.301 4.572   5.710   1.00 10.25 ? 9   DG  A N2    1 
ATOM   198 N  N3    . DG  A 1 9 ? -11.666 3.020   4.665   1.00 8.51  ? 9   DG  A N3    1 
ATOM   199 C  C4    . DG  A 1 9 ? -12.188 2.703   3.467   1.00 8.33  ? 9   DG  A C4    1 
ATOM   200 O  "O5'" . DG  B 1 1 ? -9.794  15.767  0.955   1.00 14.20 ? 10  DG  B "O5'" 1 
ATOM   201 C  "C5'" . DG  B 1 1 ? -10.018 15.892  2.378   1.00 13.55 ? 10  DG  B "C5'" 1 
ATOM   202 C  "C4'" . DG  B 1 1 ? -9.587  14.560  2.981   1.00 13.55 ? 10  DG  B "C4'" 1 
ATOM   203 O  "O4'" . DG  B 1 1 ? -10.490 13.563  2.459   1.00 11.28 ? 10  DG  B "O4'" 1 
ATOM   204 C  "C3'" . DG  B 1 1 ? -8.240  14.026  2.632   1.00 11.83 ? 10  DG  B "C3'" 1 
ATOM   205 O  "O3'" . DG  B 1 1 ? -7.676  13.347  3.758   1.00 12.88 ? 10  DG  B "O3'" 1 
ATOM   206 C  "C2'" . DG  B 1 1 ? -8.458  13.073  1.459   1.00 9.98  ? 10  DG  B "C2'" 1 
ATOM   207 C  "C1'" . DG  B 1 1 ? -9.759  12.419  1.968   1.00 9.47  ? 10  DG  B "C1'" 1 
ATOM   208 N  N9    . DG  B 1 1 ? -10.540 11.702  0.981   1.00 8.89  ? 10  DG  B N9    1 
ATOM   209 C  C8    . DG  B 1 1 ? -10.791 12.040  -0.338  1.00 8.95  ? 10  DG  B C8    1 
ATOM   210 N  N7    . DG  B 1 1 ? -11.565 11.156  -0.939  1.00 8.28  ? 10  DG  B N7    1 
ATOM   211 C  C5    . DG  B 1 1 ? -11.841 10.222  0.049   1.00 7.55  ? 10  DG  B C5    1 
ATOM   212 C  C6    . DG  B 1 1 ? -12.650 9.052   0.004   1.00 6.86  ? 10  DG  B C6    1 
ATOM   213 O  O6    . DG  B 1 1 ? -13.262 8.613   -0.974  1.00 7.62  ? 10  DG  B O6    1 
ATOM   214 N  N1    . DG  B 1 1 ? -12.669 8.404   1.224   1.00 8.10  ? 10  DG  B N1    1 
ATOM   215 C  C2    . DG  B 1 1 ? -12.037 8.808   2.373   1.00 7.17  ? 10  DG  B C2    1 
ATOM   216 N  N2    . DG  B 1 1 ? -12.202 8.060   3.467   1.00 8.18  ? 10  DG  B N2    1 
ATOM   217 N  N3    . DG  B 1 1 ? -11.316 9.921   2.443   1.00 8.55  ? 10  DG  B N3    1 
ATOM   218 C  C4    . DG  B 1 1 ? -11.262 10.548  1.250   1.00 7.72  ? 10  DG  B C4    1 
ATOM   219 P  P     A DC  B 1 2 ? -6.781  13.953  4.870   0.51 10.60 ? 11  DC  B P     1 
ATOM   220 P  P     B DC  B 1 2 ? -6.105  13.448  4.027   0.49 15.86 ? 11  DC  B P     1 
ATOM   221 O  OP1   A DC  B 1 2 ? -7.356  15.213  5.409   0.51 14.60 ? 11  DC  B OP1   1 
ATOM   222 O  OP1   B DC  B 1 2 ? -5.723  14.863  4.298   0.49 25.95 ? 11  DC  B OP1   1 
ATOM   223 O  OP2   A DC  B 1 2 ? -5.449  14.152  4.184   0.51 16.66 ? 11  DC  B OP2   1 
ATOM   224 O  OP2   B DC  B 1 2 ? -5.239  12.591  3.265   0.49 26.12 ? 11  DC  B OP2   1 
ATOM   225 O  "O5'" A DC  B 1 2 ? -6.549  12.839  5.916   0.51 15.44 ? 11  DC  B "O5'" 1 
ATOM   226 O  "O5'" B DC  B 1 2 ? -6.286  12.702  5.543   0.49 21.17 ? 11  DC  B "O5'" 1 
ATOM   227 C  "C5'" A DC  B 1 2 ? -7.585  12.756  6.872   0.51 15.67 ? 11  DC  B "C5'" 1 
ATOM   228 C  "C5'" B DC  B 1 2 ? -7.289  12.674  6.631   0.49 20.31 ? 11  DC  B "C5'" 1 
ATOM   229 C  "C4'" . DC  B 1 2 ? -7.509  11.320  7.308   1.00 13.66 ? 11  DC  B "C4'" 1 
ATOM   230 O  "O4'" A DC  B 1 2 ? -8.015  10.574  6.131   0.51 19.40 ? 11  DC  B "O4'" 1 
ATOM   231 O  "O4'" B DC  B 1 2 ? -8.204  10.511  6.384   0.49 9.06  ? 11  DC  B "O4'" 1 
ATOM   232 C  "C3'" . DC  B 1 2 ? -6.204  10.662  7.644   1.00 8.85  ? 11  DC  B "C3'" 1 
ATOM   233 O  "O3'" . DC  B 1 2 ? -6.272  10.060  8.920   1.00 8.35  ? 11  DC  B "O3'" 1 
ATOM   234 C  "C2'" . DC  B 1 2 ? -6.025  9.641   6.520   1.00 9.14  ? 11  DC  B "C2'" 1 
ATOM   235 C  "C1'" . DC  B 1 2 ? -7.451  9.256   6.188   1.00 9.82  ? 11  DC  B "C1'" 1 
ATOM   236 N  N1    . DC  B 1 2 ? -7.796  8.771   4.878   1.00 8.55  ? 11  DC  B N1    1 
ATOM   237 C  C2    . DC  B 1 2 ? -8.559  7.610   4.757   1.00 8.99  ? 11  DC  B C2    1 
ATOM   238 O  O2    . DC  B 1 2 ? -8.871  6.973   5.776   1.00 10.17 ? 11  DC  B O2    1 
ATOM   239 N  N3    . DC  B 1 2 ? -9.004  7.229   3.515   1.00 7.92  ? 11  DC  B N3    1 
ATOM   240 C  C4    . DC  B 1 2 ? -8.706  7.958   2.444   1.00 8.24  ? 11  DC  B C4    1 
ATOM   241 N  N4    . DC  B 1 2 ? -9.175  7.583   1.233   1.00 8.99  ? 11  DC  B N4    1 
ATOM   242 C  C5    . DC  B 1 2 ? -7.899  9.135   2.540   1.00 8.99  ? 11  DC  B C5    1 
ATOM   243 C  C6    . DC  B 1 2 ? -7.502  9.481   3.767   1.00 8.88  ? 11  DC  B C6    1 
ATOM   244 P  P     . DG  B 1 3 ? -4.942  9.659   9.704   1.00 7.29  ? 12  DG  B P     1 
ATOM   245 O  OP1   . DG  B 1 3 ? -5.305  9.517   11.153  1.00 8.09  ? 12  DG  B OP1   1 
ATOM   246 O  OP2   . DG  B 1 3 ? -3.832  10.580  9.396   1.00 8.84  ? 12  DG  B OP2   1 
ATOM   247 O  "O5'" . DG  B 1 3 ? -4.559  8.224   9.137   1.00 7.39  ? 12  DG  B "O5'" 1 
ATOM   248 C  "C5'" . DG  B 1 3 ? -5.348  7.077   9.502   1.00 8.06  ? 12  DG  B "C5'" 1 
ATOM   249 C  "C4'" . DG  B 1 3 ? -4.929  5.965   8.570   1.00 7.31  ? 12  DG  B "C4'" 1 
ATOM   250 O  "O4'" . DG  B 1 3 ? -5.449  6.243   7.227   1.00 7.28  ? 12  DG  B "O4'" 1 
ATOM   251 C  "C3'" . DG  B 1 3 ? -3.443  5.747   8.357   1.00 7.32  ? 12  DG  B "C3'" 1 
ATOM   252 O  "O3'" . DG  B 1 3 ? -3.142  4.358   8.528   1.00 7.61  ? 12  DG  B "O3'" 1 
ATOM   253 C  "C2'" . DG  B 1 3 ? -3.148  6.127   6.954   1.00 7.87  ? 12  DG  B "C2'" 1 
ATOM   254 C  "C1'" . DG  B 1 3 ? -4.501  5.708   6.328   1.00 6.79  ? 12  DG  B "C1'" 1 
ATOM   255 N  N9    . DG  B 1 3 ? -4.742  6.229   5.002   1.00 7.03  ? 12  DG  B N9    1 
ATOM   256 C  C8    . DG  B 1 3 ? -4.155  7.300   4.364   1.00 7.78  ? 12  DG  B C8    1 
ATOM   257 N  N7    . DG  B 1 3 ? -4.571  7.415   3.122   1.00 7.95  ? 12  DG  B N7    1 
ATOM   258 C  C5    . DG  B 1 3 ? -5.482  6.377   2.946   1.00 7.40  ? 12  DG  B C5    1 
ATOM   259 C  C6    . DG  B 1 3 ? -6.199  5.948   1.803   1.00 6.75  ? 12  DG  B C6    1 
ATOM   260 O  O6    . DG  B 1 3 ? -6.208  6.433   0.660   1.00 7.44  ? 12  DG  B O6    1 
ATOM   261 N  N1    . DG  B 1 3 ? -6.983  4.823   2.070   1.00 6.55  ? 12  DG  B N1    1 
ATOM   262 C  C2    . DG  B 1 3 ? -7.038  4.179   3.291   1.00 6.61  ? 12  DG  B C2    1 
ATOM   263 N  N2    . DG  B 1 3 ? -7.886  3.141   3.338   1.00 7.04  ? 12  DG  B N2    1 
ATOM   264 N  N3    . DG  B 1 3 ? -6.382  4.575   4.372   1.00 6.42  ? 12  DG  B N3    1 
ATOM   265 C  C4    . DG  B 1 3 ? -5.586  5.650   4.107   1.00 6.26  ? 12  DG  B C4    1 
ATOM   266 P  P     . DA  B 1 4 ? -2.523  3.793   9.867   1.00 7.70  ? 13  DA  B P     1 
ATOM   267 O  OP1   . DA  B 1 4 ? -3.030  4.563   11.013  1.00 9.44  ? 13  DA  B OP1   1 
ATOM   268 O  OP2   . DA  B 1 4 ? -1.050  3.603   9.708   1.00 8.74  ? 13  DA  B OP2   1 
ATOM   269 O  "O5'" . DA  B 1 4 ? -3.098  2.319   9.876   1.00 7.90  ? 13  DA  B "O5'" 1 
ATOM   270 C  "C5'" . DA  B 1 4 ? -4.483  2.116   10.179  1.00 8.10  ? 13  DA  B "C5'" 1 
ATOM   271 C  "C4'" . DA  B 1 4 ? -5.014  0.974   9.309   1.00 8.02  ? 13  DA  B "C4'" 1 
ATOM   272 O  "O4'" . DA  B 1 4 ? -5.081  1.449   7.950   1.00 8.74  ? 13  DA  B "O4'" 1 
ATOM   273 C  "C3'" . DA  B 1 4 ? -4.164  -0.274  9.321   1.00 7.95  ? 13  DA  B "C3'" 1 
ATOM   274 O  "O3'" . DA  B 1 4 ? -5.043  -1.375  9.313   1.00 8.76  ? 13  DA  B "O3'" 1 
ATOM   275 C  "C2'" . DA  B 1 4 ? -3.366  -0.145  8.061   1.00 9.22  ? 13  DA  B "C2'" 1 
ATOM   276 C  "C1'" . DA  B 1 4 ? -4.306  0.552   7.096   1.00 8.97  ? 13  DA  B "C1'" 1 
ATOM   277 N  N9    . DA  B 1 4 ? -3.697  1.392   6.106   1.00 8.31  ? 13  DA  B N9    1 
ATOM   278 C  C8    . DA  B 1 4 ? -2.656  2.270   6.214   1.00 9.49  ? 13  DA  B C8    1 
ATOM   279 N  N7    . DA  B 1 4 ? -2.443  3.021   5.170   1.00 8.91  ? 13  DA  B N7    1 
ATOM   280 C  C5    . DA  B 1 4 ? -3.386  2.550   4.257   1.00 8.09  ? 13  DA  B C5    1 
ATOM   281 C  C6    . DA  B 1 4 ? -3.672  2.927   2.932   1.00 7.94  ? 13  DA  B C6    1 
ATOM   282 N  N6    . DA  B 1 4 ? -3.016  3.894   2.278   1.00 9.23  ? 13  DA  B N6    1 
ATOM   283 N  N1    . DA  B 1 4 ? -4.632  2.224   2.297   1.00 8.11  ? 13  DA  B N1    1 
ATOM   284 C  C2    . DA  B 1 4 ? -5.296  1.271   2.940   1.00 8.51  ? 13  DA  B C2    1 
ATOM   285 N  N3    . DA  B 1 4 ? -5.172  0.891   4.215   1.00 8.16  ? 13  DA  B N3    1 
ATOM   286 C  C4    . DA  B 1 4 ? -4.169  1.562   4.819   1.00 8.46  ? 13  DA  B C4    1 
ATOM   287 P  P     . DA  B 1 5 ? -4.592  -2.853  9.101   1.00 11.06 ? 14  DA  B P     1 
ATOM   288 O  OP1   . DA  B 1 5 ? -5.679  -3.645  9.750   1.00 12.91 ? 14  DA  B OP1   1 
ATOM   289 O  OP2   . DA  B 1 5 ? -3.202  -3.056  9.517   1.00 15.25 ? 14  DA  B OP2   1 
ATOM   290 O  "O5'" . DA  B 1 5 ? -4.602  -3.114  7.539   1.00 10.92 ? 14  DA  B "O5'" 1 
ATOM   291 C  "C5'" . DA  B 1 5 ? -5.878  -3.099  6.876   1.00 9.45  ? 14  DA  B "C5'" 1 
ATOM   292 C  "C4'" . DA  B 1 5 ? -5.623  -3.530  5.463   1.00 9.15  ? 14  DA  B "C4'" 1 
ATOM   293 O  "O4'" . DA  B 1 5 ? -4.913  -2.442  4.873   1.00 11.51 ? 14  DA  B "O4'" 1 
ATOM   294 C  "C3'" . DA  B 1 5 ? -4.750  -4.770  5.245   1.00 8.88  ? 14  DA  B "C3'" 1 
ATOM   295 O  "O3'" . DA  B 1 5 ? -5.533  -5.716  4.512   1.00 9.71  ? 14  DA  B "O3'" 1 
ATOM   296 C  "C2'" . DA  B 1 5 ? -3.551  -4.282  4.508   1.00 8.00  ? 14  DA  B "C2'" 1 
ATOM   297 C  "C1'" . DA  B 1 5 ? -3.999  -2.948  3.925   1.00 8.95  ? 14  DA  B "C1'" 1 
ATOM   298 N  N9    . DA  B 1 5 ? -2.980  -1.941  3.803   1.00 7.45  ? 14  DA  B N9    1 
ATOM   299 C  C8    . DA  B 1 5 ? -2.147  -1.454  4.770   1.00 8.47  ? 14  DA  B C8    1 
ATOM   300 N  N7    . DA  B 1 5 ? -1.409  -0.440  4.381   1.00 8.45  ? 14  DA  B N7    1 
ATOM   301 C  C5    . DA  B 1 5 ? -1.801  -0.247  3.065   1.00 7.16  ? 14  DA  B C5    1 
ATOM   302 C  C6    . DA  B 1 5 ? -1.390  0.696   2.099   1.00 7.41  ? 14  DA  B C6    1 
ATOM   303 N  N6    . DA  B 1 5 ? -0.478  1.653   2.347   1.00 8.42  ? 14  DA  B N6    1 
ATOM   304 N  N1    . DA  B 1 5 ? -1.973  0.605   0.882   1.00 7.55  ? 14  DA  B N1    1 
ATOM   305 C  C2    . DA  B 1 5 ? -2.890  -0.344  0.650   1.00 7.67  ? 14  DA  B C2    1 
ATOM   306 N  N3    . DA  B 1 5 ? -3.335  -1.285  1.491   1.00 7.98  ? 14  DA  B N3    1 
ATOM   307 C  C4    . DA  B 1 5 ? -2.767  -1.166  2.689   1.00 7.35  ? 14  DA  B C4    1 
ATOM   308 P  P     . DT  B 1 6 ? -5.012  -7.123  4.003   1.00 10.41 ? 15  DT  B P     1 
ATOM   309 O  OP1   . DT  B 1 6 ? -6.268  -7.915  3.845   1.00 17.15 ? 15  DT  B OP1   1 
ATOM   310 O  OP2   . DT  B 1 6 ? -3.826  -7.607  4.810   1.00 11.01 ? 15  DT  B OP2   1 
ATOM   311 O  "O5'" . DT  B 1 6 ? -4.400  -6.806  2.575   1.00 8.40  ? 15  DT  B "O5'" 1 
ATOM   312 C  "C5'" . DT  B 1 6 ? -5.258  -6.262  1.548   1.00 9.08  ? 15  DT  B "C5'" 1 
ATOM   313 C  "C4'" . DT  B 1 6 ? -4.408  -5.843  0.389   1.00 8.17  ? 15  DT  B "C4'" 1 
ATOM   314 O  "O4'" . DT  B 1 6 ? -3.590  -4.707  0.761   1.00 7.67  ? 15  DT  B "O4'" 1 
ATOM   315 C  "C3'" . DT  B 1 6 ? -3.407  -6.909  -0.130  1.00 7.56  ? 15  DT  B "C3'" 1 
ATOM   316 O  "O3'" . DT  B 1 6 ? -3.864  -7.309  -1.404  1.00 7.90  ? 15  DT  B "O3'" 1 
ATOM   317 C  "C2'" . DT  B 1 6 ? -2.049  -6.230  -0.101  1.00 7.42  ? 15  DT  B "C2'" 1 
ATOM   318 C  "C1'" . DT  B 1 6 ? -2.405  -4.751  -0.061  1.00 7.10  ? 15  DT  B "C1'" 1 
ATOM   319 N  N1    . DT  B 1 6 ? -1.379  -3.905  0.504   1.00 6.58  ? 15  DT  B N1    1 
ATOM   320 C  C2    . DT  B 1 6 ? -0.847  -2.887  -0.272  1.00 7.16  ? 15  DT  B C2    1 
ATOM   321 O  O2    . DT  B 1 6 ? -1.198  -2.712  -1.436  1.00 6.94  ? 15  DT  B O2    1 
ATOM   322 N  N3    . DT  B 1 6 ? 0.077   -2.114  0.355   1.00 6.36  ? 15  DT  B N3    1 
ATOM   323 C  C4    . DT  B 1 6 ? 0.524   -2.234  1.657   1.00 6.13  ? 15  DT  B C4    1 
ATOM   324 O  O4    . DT  B 1 6 ? 1.353   -1.429  2.087   1.00 6.80  ? 15  DT  B O4    1 
ATOM   325 C  C5    . DT  B 1 6 ? -0.053  -3.335  2.410   1.00 6.22  ? 15  DT  B C5    1 
ATOM   326 C  C7    . DT  B 1 6 ? 0.431   -3.588  3.799   1.00 7.57  ? 15  DT  B C7    1 
ATOM   327 C  C6    . DT  B 1 6 ? -0.970  -4.110  1.813   1.00 6.39  ? 15  DT  B C6    1 
ATOM   328 P  P     . DT  B 1 7 ? -2.994  -8.196  -2.424  1.00 8.24  ? 16  DT  B P     1 
ATOM   329 O  OP1   . DT  B 1 7 ? -3.944  -8.928  -3.290  1.00 10.35 ? 16  DT  B OP1   1 
ATOM   330 O  OP2   . DT  B 1 7 ? -1.974  -8.969  -1.682  1.00 8.95  ? 16  DT  B OP2   1 
ATOM   331 O  "O5'" . DT  B 1 7 ? -2.219  -7.113  -3.309  1.00 7.53  ? 16  DT  B "O5'" 1 
ATOM   332 C  "C5'" . DT  B 1 7 ? -2.993  -6.149  -4.006  1.00 8.16  ? 16  DT  B "C5'" 1 
ATOM   333 C  "C4'" . DT  B 1 7 ? -2.069  -5.363  -4.916  1.00 7.98  ? 16  DT  B "C4'" 1 
ATOM   334 O  "O4'" . DT  B 1 7 ? -1.150  -4.624  -4.100  1.00 7.12  ? 16  DT  B "O4'" 1 
ATOM   335 C  "C3'" . DT  B 1 7 ? -1.229  -6.208  -5.849  1.00 7.67  ? 16  DT  B "C3'" 1 
ATOM   336 O  "O3'" . DT  B 1 7 ? -1.289  -5.625  -7.138  1.00 10.19 ? 16  DT  B "O3'" 1 
ATOM   337 C  "C2'" . DT  B 1 7 ? 0.145   -6.169  -5.244  1.00 7.26  ? 16  DT  B "C2'" 1 
ATOM   338 C  "C1'" . DT  B 1 7 ? 0.196   -4.791  -4.571  1.00 6.48  ? 16  DT  B "C1'" 1 
ATOM   339 N  N1    . DT  B 1 7 ? 1.078   -4.656  -3.442  1.00 6.57  ? 16  DT  B N1    1 
ATOM   340 C  C2    . DT  B 1 7 ? 1.939   -3.583  -3.401  1.00 6.59  ? 16  DT  B C2    1 
ATOM   341 O  O2    . DT  B 1 7 ? 2.103   -2.820  -4.341  1.00 7.59  ? 16  DT  B O2    1 
ATOM   342 N  N3    . DT  B 1 7 ? 2.581   -3.406  -2.203  1.00 6.20  ? 16  DT  B N3    1 
ATOM   343 C  C4    . DT  B 1 7 ? 2.439   -4.165  -1.059  1.00 6.06  ? 16  DT  B C4    1 
ATOM   344 O  O4    . DT  B 1 7 ? 3.048   -3.850  -0.042  1.00 6.58  ? 16  DT  B O4    1 
ATOM   345 C  C5    . DT  B 1 7 ? 1.548   -5.318  -1.181  1.00 6.19  ? 16  DT  B C5    1 
ATOM   346 C  C7    . DT  B 1 7 ? 1.447   -6.231  -0.001  1.00 6.91  ? 16  DT  B C7    1 
ATOM   347 C  C6    . DT  B 1 7 ? 0.917   -5.469  -2.343  1.00 6.36  ? 16  DT  B C6    1 
ATOM   348 P  P     . DC  B 1 8 ? -0.840  -6.391  -8.443  1.00 11.74 ? 17  DC  B P     1 
ATOM   349 O  OP1   . DC  B 1 8 ? -1.615  -5.769  -9.538  1.00 14.75 ? 17  DC  B OP1   1 
ATOM   350 O  OP2   . DC  B 1 8 ? -0.960  -7.871  -8.275  1.00 13.17 ? 17  DC  B OP2   1 
ATOM   351 O  "O5'" . DC  B 1 8 ? 0.714   -6.108  -8.577  1.00 11.58 ? 17  DC  B "O5'" 1 
ATOM   352 C  "C5'" . DC  B 1 8 ? 1.254   -4.848  -8.978  1.00 12.09 ? 17  DC  B "C5'" 1 
ATOM   353 C  "C4'" . DC  B 1 8 ? 2.738   -4.922  -8.928  1.00 12.12 ? 17  DC  B "C4'" 1 
ATOM   354 O  "O4'" . DC  B 1 8 ? 3.108   -4.929  -7.508  1.00 10.06 ? 17  DC  B "O4'" 1 
ATOM   355 C  "C3'" . DC  B 1 8 ? 3.406   -6.148  -9.542  1.00 11.09 ? 17  DC  B "C3'" 1 
ATOM   356 O  "O3'" . DC  B 1 8 ? 4.595   -5.803  -10.177 1.00 13.13 ? 17  DC  B "O3'" 1 
ATOM   357 C  "C2'" . DC  B 1 8 ? 3.706   -7.043  -8.357  1.00 9.58  ? 17  DC  B "C2'" 1 
ATOM   358 C  "C1'" . DC  B 1 8 ? 4.107   -5.949  -7.356  1.00 9.62  ? 17  DC  B "C1'" 1 
ATOM   359 N  N1    . DC  B 1 8 ? 4.124   -6.324  -5.953  1.00 7.50  ? 17  DC  B N1    1 
ATOM   360 C  C2    . DC  B 1 8 ? 4.858   -5.502  -5.076  1.00 7.26  ? 17  DC  B C2    1 
ATOM   361 O  O2    . DC  B 1 8 ? 5.442   -4.523  -5.548  1.00 8.16  ? 17  DC  B O2    1 
ATOM   362 N  N3    . DC  B 1 8 ? 4.857   -5.793  -3.752  1.00 6.81  ? 17  DC  B N3    1 
ATOM   363 C  C4    . DC  B 1 8 ? 4.199   -6.870  -3.299  1.00 6.48  ? 17  DC  B C4    1 
ATOM   364 N  N4    . DC  B 1 8 ? 4.265   -7.110  -1.987  1.00 6.69  ? 17  DC  B N4    1 
ATOM   365 C  C5    . DC  B 1 8 ? 3.424   -7.701  -4.162  1.00 7.59  ? 17  DC  B C5    1 
ATOM   366 C  C6    . DC  B 1 8 ? 3.424   -7.385  -5.460  1.00 7.43  ? 17  DC  B C6    1 
ATOM   367 P  P     A DG  B 1 9 ? 4.630   -5.664  -11.733 0.54 12.17 ? 18  DG  B P     1 
ATOM   368 P  P     B DG  B 1 9 ? 4.955   -6.132  -11.675 0.46 19.90 ? 18  DG  B P     1 
ATOM   369 O  OP1   A DG  B 1 9 ? 3.755   -4.608  -12.212 0.54 14.29 ? 18  DG  B OP1   1 
ATOM   370 O  OP1   B DG  B 1 9 ? 3.805   -5.723  -12.513 0.46 17.10 ? 18  DG  B OP1   1 
ATOM   371 O  OP2   A DG  B 1 9 ? 4.612   -6.930  -12.452 0.54 13.31 ? 18  DG  B OP2   1 
ATOM   372 O  OP2   B DG  B 1 9 ? 5.316   -7.553  -11.743 0.46 30.74 ? 18  DG  B OP2   1 
ATOM   373 O  "O5'" . DG  B 1 9 ? 6.171   -5.123  -11.939 1.00 13.07 ? 18  DG  B "O5'" 1 
ATOM   374 C  "C5'" . DG  B 1 9 ? 6.411   -3.760  -11.628 1.00 14.95 ? 18  DG  B "C5'" 1 
ATOM   375 C  "C4'" . DG  B 1 9 ? 7.736   -3.644  -10.967 1.00 10.28 ? 18  DG  B "C4'" 1 
ATOM   376 O  "O4'" . DG  B 1 9 ? 7.613   -4.117  -9.603  1.00 10.27 ? 18  DG  B "O4'" 1 
ATOM   377 C  "C3'" . DG  B 1 9 ? 8.859   -4.494  -11.541 1.00 10.55 ? 18  DG  B "C3'" 1 
ATOM   378 O  "O3'" . DG  B 1 9 ? 10.050  -3.737  -11.554 1.00 14.76 ? 18  DG  B "O3'" 1 
ATOM   379 C  "C2'" . DG  B 1 9 ? 8.994   -5.709  -10.638 1.00 9.38  ? 18  DG  B "C2'" 1 
ATOM   380 C  "C1'" . DG  B 1 9 ? 8.668   -5.023  -9.292  1.00 8.91  ? 18  DG  B "C1'" 1 
ATOM   381 N  N9    . DG  B 1 9 ? 8.225   -5.908  -8.244  1.00 8.24  ? 18  DG  B N9    1 
ATOM   382 C  C8    . DG  B 1 9 ? 7.427   -7.030  -8.325  1.00 8.59  ? 18  DG  B C8    1 
ATOM   383 N  N7    . DG  B 1 9 ? 7.196   -7.586  -7.166  1.00 8.29  ? 18  DG  B N7    1 
ATOM   384 C  C5    . DG  B 1 9 ? 7.885   -6.787  -6.267  1.00 7.51  ? 18  DG  B C5    1 
ATOM   385 C  C6    . DG  B 1 9 ? 8.016   -6.919  -4.862  1.00 7.43  ? 18  DG  B C6    1 
ATOM   386 O  O6    . DG  B 1 9 ? 7.549   -7.798  -4.125  1.00 7.66  ? 18  DG  B O6    1 
ATOM   387 N  N1    . DG  B 1 9 ? 8.856   -5.940  -4.328  1.00 7.09  ? 18  DG  B N1    1 
ATOM   388 C  C2    . DG  B 1 9 ? 9.416   -4.928  -5.047  1.00 7.54  ? 18  DG  B C2    1 
ATOM   389 N  N2    . DG  B 1 9 ? 10.209  -4.070  -4.389  1.00 8.97  ? 18  DG  B N2    1 
ATOM   390 N  N3    . DG  B 1 9 ? 9.286   -4.784  -6.360  1.00 8.29  ? 18  DG  B N3    1 
ATOM   391 C  C4    . DG  B 1 9 ? 8.516   -5.750  -6.903  1.00 7.97  ? 18  DG  B C4    1 
HETATM 392 MG MG    . MG  C 2 . ? 4.707   -6.072  3.473   1.00 6.51  ? 19  MG  A MG    1 
HETATM 393 MG MG    . MG  D 2 . ? 6.467   -13.933 1.118   1.00 7.64  ? 26  MG  A MG    1 
HETATM 394 MG MG    . MG  E 2 . ? -9.086  -0.178  6.048   1.00 9.48  ? 31  MG  A MG    1 
HETATM 395 MG MG    . MG  F 2 . ? 7.535   5.536   2.314   1.00 10.48 ? 38  MG  A MG    1 
HETATM 396 MG MG    . MG  G 2 . ? 13.394  -1.711  -3.428  0.75 21.10 ? 50  MG  A MG    1 
HETATM 397 CL CL    . CL  H 3 . ? 5.961   -9.342  0.747   1.00 14.49 ? 51  CL  A CL    1 
HETATM 398 O  O     . O   I 4 . ? -12.871 -2.906  0.848   0.80 28.11 ? 180 O   A O     1 
HETATM 399 MG MG    . MG  J 2 . ? 9.859   -0.044  -6.909  1.00 29.52 ? 44  MG  B MG    1 
HETATM 400 MG MG    . MG  K 2 . ? -2.972  8.758   -0.624  1.00 22.31 ? 49  MG  B MG    1 
HETATM 401 O  O     . O   L 4 . ? -6.230  -2.731  9.476   0.72 16.20 ? 179 O   B O     1 
HETATM 402 O  O     . O   M 4 . ? -4.185  10.098  8.645   0.82 25.17 ? 181 O   B O     1 
HETATM 403 O  O     . HOH N 5 . ? 4.971   -6.868  1.597   1.00 6.91  ? 20  HOH A O     1 
HETATM 404 O  O     . HOH N 5 . ? 2.930   -7.148  3.527   1.00 8.76  ? 22  HOH A O     1 
HETATM 405 O  O     . HOH N 5 . ? 5.668   -7.650  4.360   1.00 10.41 ? 24  HOH A O     1 
HETATM 406 O  O     . HOH N 5 . ? 6.520   -5.093  3.394   1.00 7.63  ? 25  HOH A O     1 
HETATM 407 O  O     . HOH N 5 . ? 5.240   -15.640 1.272   1.00 10.41 ? 27  HOH A O     1 
HETATM 408 O  O     . HOH N 5 . ? 4.897   -12.678 0.710   1.00 8.67  ? 28  HOH A O     1 
HETATM 409 O  O     . HOH N 5 . ? 8.117   -15.162 1.484   1.00 10.86 ? 29  HOH A O     1 
HETATM 410 O  O     . HOH N 5 . ? 6.650   -14.279 -0.877  1.00 8.97  ? 30  HOH A O     1 
HETATM 411 O  O     . HOH N 5 . ? -9.930  0.001   4.176   1.00 13.94 ? 34  HOH A O     1 
HETATM 412 O  O     . HOH N 5 . ? 6.302   4.108   2.926   1.00 17.16 ? 39  HOH A O     1 
HETATM 413 O  O     . HOH N 5 . ? 8.578   7.179   1.658   1.00 12.10 ? 40  HOH A O     1 
HETATM 414 O  O     . HOH N 5 . ? 6.295   7.025   3.109   1.00 16.04 ? 41  HOH A O     1 
HETATM 415 O  O     . HOH N 5 . ? 8.328   5.316   4.164   1.00 13.35 ? 42  HOH A O     1 
HETATM 416 O  O     A HOH N 5 . ? 6.356   5.695   0.540   0.50 9.69  ? 43  HOH A O     1 
HETATM 417 O  O     B HOH N 5 . ? 6.105   5.267   1.008   0.50 24.76 ? 43  HOH A O     1 
HETATM 418 O  O     . HOH N 5 . ? 9.134   1.835   -6.137  0.58 22.89 ? 45  HOH A O     1 
HETATM 419 O  O     . HOH N 5 . ? 8.008   -0.923  -6.009  1.00 17.57 ? 48  HOH A O     1 
HETATM 420 O  O     . HOH N 5 . ? -3.006  6.905   -0.298  1.00 21.13 ? 52  HOH A O     1 
HETATM 421 O  O     A HOH N 5 . ? 1.740   7.807   -5.035  0.80 21.55 ? 55  HOH A O     1 
HETATM 422 O  O     B HOH N 5 . ? 1.980   7.778   -6.442  0.20 18.57 ? 55  HOH A O     1 
HETATM 423 O  O     . HOH N 5 . ? -2.943  8.321   -2.626  0.27 9.77  ? 58  HOH A O     1 
HETATM 424 O  O     . HOH N 5 . ? 10.310  -14.575 3.526   1.00 15.69 ? 60  HOH A O     1 
HETATM 425 O  O     . HOH N 5 . ? 12.674  -8.545  0.512   1.00 15.20 ? 61  HOH A O     1 
HETATM 426 O  O     . HOH N 5 . ? 12.730  -12.570 1.390   1.00 25.64 ? 62  HOH A O     1 
HETATM 427 O  O     . HOH N 5 . ? 7.410   -7.676  6.532   1.00 11.90 ? 63  HOH A O     1 
HETATM 428 O  O     . HOH N 5 . ? 7.959   -4.097  5.856   1.00 16.58 ? 64  HOH A O     1 
HETATM 429 O  O     . HOH N 5 . ? 14.518  -6.414  -0.388  1.00 34.78 ? 65  HOH A O     1 
HETATM 430 O  O     . HOH N 5 . ? 15.995  -0.178  5.242   1.00 18.09 ? 66  HOH A O     1 
HETATM 431 O  O     . HOH N 5 . ? 16.638  -2.373  2.477   1.00 27.81 ? 67  HOH A O     1 
HETATM 432 O  O     . HOH N 5 . ? 14.550  -3.249  5.891   1.00 15.45 ? 68  HOH A O     1 
HETATM 433 O  O     . HOH N 5 . ? 11.250  7.085   0.931   1.00 8.27  ? 69  HOH A O     1 
HETATM 434 O  O     . HOH N 5 . ? 6.226   0.882   -5.987  1.00 19.08 ? 70  HOH A O     1 
HETATM 435 O  O     . HOH N 5 . ? 8.536   6.429   -8.448  1.00 13.44 ? 72  HOH A O     1 
HETATM 436 O  O     . HOH N 5 . ? 3.454   6.898   -3.064  1.00 18.34 ? 73  HOH A O     1 
HETATM 437 O  O     . HOH N 5 . ? 4.625   9.565   -5.546  1.00 34.52 ? 74  HOH A O     1 
HETATM 438 O  O     . HOH N 5 . ? 0.831   -0.814  -5.893  1.00 14.47 ? 75  HOH A O     1 
HETATM 439 O  O     . HOH N 5 . ? 3.067   3.079   2.549   1.00 25.67 ? 76  HOH A O     1 
HETATM 440 O  O     . HOH N 5 . ? 3.764   4.629   0.641   1.00 18.29 ? 77  HOH A O     1 
HETATM 441 O  O     . HOH N 5 . ? -0.210  8.146   -9.628  1.00 41.49 ? 78  HOH A O     1 
HETATM 442 O  O     . HOH N 5 . ? -1.292  6.228   -5.729  1.00 24.82 ? 79  HOH A O     1 
HETATM 443 O  O     . HOH N 5 . ? 1.025   5.581   1.326   1.00 22.75 ? 81  HOH A O     1 
HETATM 444 O  O     . HOH N 5 . ? -7.346  4.357   -5.578  1.00 26.30 ? 82  HOH A O     1 
HETATM 445 O  O     . HOH N 5 . ? -5.583  -2.376  0.109   1.00 10.50 ? 83  HOH A O     1 
HETATM 446 O  O     . HOH N 5 . ? -11.174 1.457   -5.012  1.00 18.88 ? 84  HOH A O     1 
HETATM 447 O  O     . HOH N 5 . ? -8.353  -0.606  2.091   1.00 10.04 ? 85  HOH A O     1 
HETATM 448 O  O     . HOH N 5 . ? -7.466  6.644   -4.290  1.00 15.01 ? 86  HOH A O     1 
HETATM 449 O  O     . HOH N 5 . ? -11.538 -5.076  0.882   0.69 26.23 ? 87  HOH A O     1 
HETATM 450 O  O     . HOH N 5 . ? -15.105 1.288   -1.685  1.00 17.98 ? 88  HOH A O     1 
HETATM 451 O  O     . HOH N 5 . ? 13.781  -0.075  -2.245  1.00 17.72 ? 90  HOH A O     1 
HETATM 452 O  O     . HOH N 5 . ? 2.167   -8.991  1.680   1.00 7.15  ? 112 HOH A O     1 
HETATM 453 O  O     . HOH N 5 . ? 5.561   -10.189 3.411   1.00 10.10 ? 114 HOH A O     1 
HETATM 454 O  O     . HOH N 5 . ? 5.329   -15.944 -3.031  1.00 9.09  ? 115 HOH A O     1 
HETATM 455 O  O     . HOH N 5 . ? 6.767   8.242   -0.173  1.00 17.04 ? 116 HOH A O     1 
HETATM 456 O  O     . HOH N 5 . ? -7.917  -3.233  1.258   1.00 8.94  ? 118 HOH A O     1 
HETATM 457 O  O     . HOH N 5 . ? -4.975  -3.555  -2.367  1.00 13.58 ? 119 HOH A O     1 
HETATM 458 O  O     . HOH N 5 . ? -5.080  8.136   -4.433  1.00 26.48 ? 120 HOH A O     1 
HETATM 459 O  O     . HOH N 5 . ? 7.558   -10.436 7.006   1.00 12.17 ? 121 HOH A O     1 
HETATM 460 O  O     . HOH N 5 . ? 5.079   -10.296 8.499   1.00 25.73 ? 122 HOH A O     1 
HETATM 461 O  O     . HOH N 5 . ? 2.835   -16.855 -1.465  1.00 13.53 ? 123 HOH A O     1 
HETATM 462 O  O     . HOH N 5 . ? 14.268  0.443   7.436   1.00 10.75 ? 126 HOH A O     1 
HETATM 463 O  O     . HOH N 5 . ? 18.270  -0.913  5.937   1.00 31.13 ? 127 HOH A O     1 
HETATM 464 O  O     . HOH N 5 . ? 9.268   0.160   -3.072  1.00 15.11 ? 130 HOH A O     1 
HETATM 465 O  O     . HOH N 5 . ? 4.479   12.046  -0.093  1.00 25.74 ? 133 HOH A O     1 
HETATM 466 O  O     . HOH N 5 . ? 4.720   9.677   1.351   1.00 30.02 ? 134 HOH A O     1 
HETATM 467 O  O     . HOH N 5 . ? -8.870  -3.906  -9.472  1.00 41.73 ? 139 HOH A O     1 
HETATM 468 O  O     . HOH N 5 . ? 2.961   7.629   -0.558  1.00 39.66 ? 140 HOH A O     1 
HETATM 469 O  O     . HOH N 5 . ? 10.229  4.499   -6.680  0.50 18.79 ? 141 HOH A O     1 
HETATM 470 O  O     . HOH N 5 . ? 10.109  7.798   -7.242  1.00 13.60 ? 142 HOH A O     1 
HETATM 471 O  O     . HOH N 5 . ? 18.924  1.888   -0.070  1.00 31.58 ? 143 HOH A O     1 
HETATM 472 O  O     . HOH N 5 . ? 14.646  -11.620 3.778   0.50 49.22 ? 146 HOH A O     1 
HETATM 473 O  O     . HOH N 5 . ? 7.188   -5.649  10.422  1.00 31.63 ? 148 HOH A O     1 
HETATM 474 O  O     . HOH N 5 . ? 6.597   -6.967  9.124   1.00 49.71 ? 149 HOH A O     1 
HETATM 475 O  O     A HOH N 5 . ? 16.235  1.259   1.287   0.50 8.10  ? 152 HOH A O     1 
HETATM 476 O  O     B HOH N 5 . ? 15.828  1.892   1.997   0.50 14.27 ? 152 HOH A O     1 
HETATM 477 O  O     A HOH N 5 . ? -6.844  -5.419  -2.643  0.50 17.50 ? 156 HOH A O     1 
HETATM 478 O  O     B HOH N 5 . ? -7.797  -6.039  -2.257  0.50 29.86 ? 156 HOH A O     1 
HETATM 479 O  O     A HOH N 5 . ? 11.809  -1.896  -2.198  0.56 12.48 ? 158 HOH A O     1 
HETATM 480 O  O     B HOH N 5 . ? 12.835  -2.500  -1.824  0.44 11.07 ? 158 HOH A O     1 
HETATM 481 O  O     . HOH N 5 . ? 3.881   6.220   4.494   0.40 33.26 ? 162 HOH A O     1 
HETATM 482 O  O     . HOH N 5 . ? -2.526  11.935  -3.595  0.66 32.37 ? 163 HOH A O     1 
HETATM 483 O  O     . HOH N 5 . ? -4.178  6.284   -7.002  0.50 41.02 ? 165 HOH A O     1 
HETATM 484 O  O     . HOH N 5 . ? 4.596   7.860   -8.172  0.50 16.93 ? 166 HOH A O     1 
HETATM 485 O  O     . HOH N 5 . ? -7.555  -2.504  -8.670  0.40 20.56 ? 169 HOH A O     1 
HETATM 486 O  O     . HOH N 5 . ? -8.107  -5.085  -7.881  0.40 48.50 ? 170 HOH A O     1 
HETATM 487 O  O     . HOH N 5 . ? -3.089  7.536   -4.852  0.50 38.10 ? 172 HOH A O     1 
HETATM 488 O  O     . HOH N 5 . ? 3.417   9.468   -7.501  0.30 15.40 ? 173 HOH A O     1 
HETATM 489 O  O     . HOH N 5 . ? -16.617 -4.094  5.191   0.66 25.62 ? 174 HOH A O     1 
HETATM 490 O  O     . HOH N 5 . ? 10.606  -0.450  -4.962  0.49 16.69 ? 176 HOH A O     1 
HETATM 491 O  O     . HOH N 5 . ? 14.334  -2.523  -2.138  0.53 39.13 ? 177 HOH A O     1 
HETATM 492 O  O     . HOH N 5 . ? 7.436   -4.272  8.556   0.87 25.66 ? 178 HOH A O     1 
HETATM 493 O  O     . HOH O 5 . ? 3.893   -4.462  2.531   1.00 7.57  ? 21  HOH B O     1 
HETATM 494 O  O     . HOH O 5 . ? 4.264   -5.263  5.312   1.00 8.13  ? 23  HOH B O     1 
HETATM 495 O  O     . HOH O 5 . ? -8.632  1.775   5.978   1.00 18.14 ? 32  HOH B O     1 
HETATM 496 O  O     . HOH O 5 . ? -7.361  -0.632  4.973   1.00 13.24 ? 33  HOH B O     1 
HETATM 497 O  O     . HOH O 5 . ? -8.195  -0.198  7.888   1.00 14.43 ? 35  HOH B O     1 
HETATM 498 O  O     A HOH O 5 . ? -9.183  -2.317  6.094   0.75 16.16 ? 36  HOH B O     1 
HETATM 499 O  O     B HOH O 5 . ? -10.179 -1.730  6.412   0.25 18.12 ? 36  HOH B O     1 
HETATM 500 O  O     A HOH O 5 . ? -10.877 0.070   6.907   0.55 8.44  ? 37  HOH B O     1 
HETATM 501 O  O     B HOH O 5 . ? -10.866 1.304   6.631   0.45 9.27  ? 37  HOH B O     1 
HETATM 502 O  O     . HOH O 5 . ? 9.126   0.374   -8.666  1.00 24.53 ? 46  HOH B O     1 
HETATM 503 O  O     . HOH O 5 . ? 9.787   -2.183  -7.474  1.00 21.61 ? 47  HOH B O     1 
HETATM 504 O  O     . HOH O 5 . ? -3.400  9.310   1.477   1.00 21.71 ? 53  HOH B O     1 
HETATM 505 O  O     . HOH O 5 . ? -5.285  8.518   -0.691  0.61 16.43 ? 54  HOH B O     1 
HETATM 506 O  O     . HOH O 5 . ? -1.251  9.655   -0.562  0.72 37.46 ? 56  HOH B O     1 
HETATM 507 O  O     . HOH O 5 . ? -1.098  8.087   1.232   1.00 43.51 ? 57  HOH B O     1 
HETATM 508 O  O     . HOH O 5 . ? -8.036  -2.249  9.557   1.00 10.85 ? 59  HOH B O     1 
HETATM 509 O  O     . HOH O 5 . ? 3.820   -1.888  3.226   1.00 16.72 ? 71  HOH B O     1 
HETATM 510 O  O     . HOH O 5 . ? -2.879  -1.990  -3.548  1.00 10.40 ? 80  HOH B O     1 
HETATM 511 O  O     . HOH O 5 . ? -11.933 15.304  -0.533  1.00 10.95 ? 89  HOH B O     1 
HETATM 512 O  O     . HOH O 5 . ? -10.927 10.893  5.110   1.00 21.02 ? 91  HOH B O     1 
HETATM 513 O  O     . HOH O 5 . ? -11.251 8.289   6.359   1.00 23.77 ? 92  HOH B O     1 
HETATM 514 O  O     . HOH O 5 . ? 0.604   3.879   11.848  1.00 7.53  ? 93  HOH B O     1 
HETATM 515 O  O     . HOH O 5 . ? -2.352  7.068   11.720  1.00 8.37  ? 94  HOH B O     1 
HETATM 516 O  O     . HOH O 5 . ? 0.233   5.179   7.824   1.00 11.09 ? 95  HOH B O     1 
HETATM 517 O  O     . HOH O 5 . ? -0.960  5.837   3.245   1.00 25.39 ? 96  HOH B O     1 
HETATM 518 O  O     . HOH O 5 . ? -0.048  4.283   5.236   1.00 16.29 ? 97  HOH B O     1 
HETATM 519 O  O     . HOH O 5 . ? -6.109  -6.178  8.683   1.00 15.55 ? 98  HOH B O     1 
HETATM 520 O  O     . HOH O 5 . ? -1.008  -2.972  7.406   1.00 21.04 ? 99  HOH B O     1 
HETATM 521 O  O     . HOH O 5 . ? -1.993  -4.743  7.608   0.79 21.65 ? 100 HOH B O     1 
HETATM 522 O  O     . HOH O 5 . ? 0.474   0.167   6.314   1.00 30.65 ? 101 HOH B O     1 
HETATM 523 O  O     . HOH O 5 . ? -1.339  -6.897  3.638   1.00 8.61  ? 102 HOH B O     1 
HETATM 524 O  O     . HOH O 5 . ? -8.464  -6.516  4.877   1.00 23.91 ? 103 HOH B O     1 
HETATM 525 O  O     . HOH O 5 . ? -3.054  -10.271 5.145   1.00 9.41  ? 104 HOH B O     1 
HETATM 526 O  O     . HOH O 5 . ? -6.502  -8.263  -2.771  1.00 13.90 ? 105 HOH B O     1 
HETATM 527 O  O     . HOH O 5 . ? -2.633  -10.624 -5.011  1.00 12.97 ? 106 HOH B O     1 
HETATM 528 O  O     . HOH O 5 . ? -4.162  -6.909  -10.071 1.00 34.65 ? 107 HOH B O     1 
HETATM 529 O  O     . HOH O 5 . ? 1.162   -9.198  -7.043  1.00 12.67 ? 108 HOH B O     1 
HETATM 530 O  O     . HOH O 5 . ? 6.134   -2.895  -7.671  1.00 16.03 ? 109 HOH B O     1 
HETATM 531 O  O     . HOH O 5 . ? 2.699   -9.423  -0.991  1.00 7.76  ? 110 HOH B O     1 
HETATM 532 O  O     . HOH O 5 . ? 7.476   -7.485  -13.757 1.00 15.51 ? 111 HOH B O     1 
HETATM 533 O  O     . HOH O 5 . ? 4.114   -6.774  7.604   1.00 25.86 ? 113 HOH B O     1 
HETATM 534 O  O     . HOH O 5 . ? -1.892  -1.805  -6.056  1.00 18.44 ? 117 HOH B O     1 
HETATM 535 O  O     . HOH O 5 . ? 9.468   -2.656  -14.363 1.00 17.51 ? 124 HOH B O     1 
HETATM 536 O  O     . HOH O 5 . ? 7.413   -4.873  -15.160 1.00 18.82 ? 125 HOH B O     1 
HETATM 537 O  O     . HOH O 5 . ? 0.198   -10.493 -4.919  1.00 11.07 ? 128 HOH B O     1 
HETATM 538 O  O     . HOH O 5 . ? 2.245   -0.633  -8.032  1.00 31.32 ? 129 HOH B O     1 
HETATM 539 O  O     . HOH O 5 . ? -8.481  -6.158  7.520   1.00 19.48 ? 131 HOH B O     1 
HETATM 540 O  O     . HOH O 5 . ? 2.681   5.740   8.962   1.00 10.31 ? 132 HOH B O     1 
HETATM 541 O  O     . HOH O 5 . ? -9.049  -3.903  3.916   1.00 23.01 ? 135 HOH B O     1 
HETATM 542 O  O     . HOH O 5 . ? -0.100  7.978   7.661   1.00 20.67 ? 136 HOH B O     1 
HETATM 543 O  O     . HOH O 5 . ? 1.792   -2.132  7.744   1.00 33.81 ? 137 HOH B O     1 
HETATM 544 O  O     . HOH O 5 . ? 0.615   -1.061  -10.417 1.00 34.50 ? 138 HOH B O     1 
HETATM 545 O  O     . HOH O 5 . ? 3.385   -2.355  -13.205 0.50 42.31 ? 145 HOH B O     1 
HETATM 546 O  O     . HOH O 5 . ? -6.416  16.482  7.783   1.00 52.13 ? 147 HOH B O     1 
HETATM 547 O  O     . HOH O 5 . ? -2.659  -2.814  -8.453  1.00 39.21 ? 150 HOH B O     1 
HETATM 548 O  O     . HOH O 5 . ? 1.920   2.869   4.505   1.00 25.41 ? 151 HOH B O     1 
HETATM 549 O  O     A HOH O 5 . ? -4.970  -5.457  11.668  0.50 7.53  ? 153 HOH B O     1 
HETATM 550 O  O     B HOH O 5 . ? -3.706  -4.787  11.562  0.50 17.52 ? 153 HOH B O     1 
HETATM 551 O  O     A HOH O 5 . ? -3.566  -7.136  7.576   0.80 9.75  ? 154 HOH B O     1 
HETATM 552 O  O     B HOH O 5 . ? -4.481  -7.931  8.198   0.20 24.87 ? 154 HOH B O     1 
HETATM 553 O  O     A HOH O 5 . ? 1.930   -4.930  6.748   0.70 13.44 ? 155 HOH B O     1 
HETATM 554 O  O     B HOH O 5 . ? 0.939   -4.743  7.273   0.30 13.66 ? 155 HOH B O     1 
HETATM 555 O  O     A HOH O 5 . ? 0.359   -10.189 -2.195  0.80 6.33  ? 157 HOH B O     1 
HETATM 556 O  O     B HOH O 5 . ? 0.516   -8.904  -2.643  0.20 25.27 ? 157 HOH B O     1 
HETATM 557 O  O     A HOH O 5 . ? -1.022  8.583   3.378   0.49 14.30 ? 159 HOH B O     1 
HETATM 558 O  O     B HOH O 5 . ? -1.327  10.009  2.176   0.51 13.50 ? 159 HOH B O     1 
HETATM 559 O  O     A HOH O 5 . ? 12.590  -2.159  -6.878  0.33 13.59 ? 160 HOH B O     1 
HETATM 560 O  O     B HOH O 5 . ? 12.551  -2.219  -5.207  0.33 14.03 ? 160 HOH B O     1 
HETATM 561 O  O     C HOH O 5 . ? 13.378  -3.229  -4.411  0.33 13.97 ? 160 HOH B O     1 
HETATM 562 O  O     A HOH O 5 . ? -4.295  4.484   13.238  0.50 11.36 ? 161 HOH B O     1 
HETATM 563 O  O     B HOH O 5 . ? -3.647  3.189   13.467  0.50 20.46 ? 161 HOH B O     1 
HETATM 564 O  O     . HOH O 5 . ? -9.438  15.660  6.774   0.77 25.51 ? 164 HOH B O     1 
HETATM 565 O  O     . HOH O 5 . ? 3.962   -2.257  -7.026  0.60 26.86 ? 167 HOH B O     1 
HETATM 566 O  O     . HOH O 5 . ? -4.755  18.147  6.988   0.50 41.25 ? 168 HOH B O     1 
HETATM 567 O  O     . HOH O 5 . ? -7.233  16.674  5.370   0.30 28.59 ? 171 HOH B O     1 
HETATM 568 O  O     . HOH O 5 . ? -0.451  12.998  -3.747  0.30 49.24 ? 175 HOH B O     1 
# 
loop_
_atom_site_anisotrop.id 
_atom_site_anisotrop.type_symbol 
_atom_site_anisotrop.pdbx_label_atom_id 
_atom_site_anisotrop.pdbx_label_alt_id 
_atom_site_anisotrop.pdbx_label_comp_id 
_atom_site_anisotrop.pdbx_label_asym_id 
_atom_site_anisotrop.pdbx_label_seq_id 
_atom_site_anisotrop.pdbx_PDB_ins_code 
_atom_site_anisotrop.U[1][1] 
_atom_site_anisotrop.U[2][2] 
_atom_site_anisotrop.U[3][3] 
_atom_site_anisotrop.U[1][2] 
_atom_site_anisotrop.U[1][3] 
_atom_site_anisotrop.U[2][3] 
_atom_site_anisotrop.pdbx_auth_seq_id 
_atom_site_anisotrop.pdbx_auth_comp_id 
_atom_site_anisotrop.pdbx_auth_asym_id 
_atom_site_anisotrop.pdbx_auth_atom_id 
1   O  "O5'" A DG  A 1 ? 0.1802 0.1726 0.3289 -0.0332 -0.1100 0.0876  1   DG  A "O5'" 
2   O  "O5'" B DG  A 1 ? 0.3379 0.8317 0.1556 0.2749  -0.1071 0.0139  1   DG  A "O5'" 
3   C  "C5'" . DG  A 1 ? 0.1831 0.1041 0.1767 0.0093  -0.0451 0.0101  1   DG  A "C5'" 
4   C  "C4'" . DG  A 1 ? 0.1940 0.1551 0.1629 0.0377  -0.0867 -0.0077 1   DG  A "C4'" 
5   O  "O4'" . DG  A 1 ? 0.0999 0.1077 0.1384 0.0071  -0.0330 -0.0084 1   DG  A "O4'" 
6   C  "C3'" . DG  A 1 ? 0.1695 0.0884 0.1007 -0.0316 -0.0196 -0.0041 1   DG  A "C3'" 
7   O  "O3'" . DG  A 1 ? 0.1438 0.1390 0.1049 -0.0629 0.0036  -0.0170 1   DG  A "O3'" 
8   C  "C2'" . DG  A 1 ? 0.1175 0.0907 0.1029 -0.0207 0.0088  0.0013  1   DG  A "C2'" 
9   C  "C1'" . DG  A 1 ? 0.0908 0.0907 0.1024 -0.0099 -0.0155 -0.0041 1   DG  A "C1'" 
10  N  N9    . DG  A 1 ? 0.0822 0.0733 0.1295 -0.0082 -0.0011 -0.0048 1   DG  A N9    
11  C  C8    . DG  A 1 ? 0.0780 0.0808 0.1344 -0.0197 -0.0195 -0.0122 1   DG  A C8    
12  N  N7    . DG  A 1 ? 0.0786 0.0804 0.1268 -0.0140 -0.0002 -0.0054 1   DG  A N7    
13  C  C5    . DG  A 1 ? 0.0729 0.0776 0.1196 0.0068  -0.0059 -0.0151 1   DG  A C5    
14  C  C6    . DG  A 1 ? 0.0642 0.0839 0.1304 0.0059  0.0120  -0.0120 1   DG  A C6    
15  O  O6    . DG  A 1 ? 0.0755 0.0881 0.1285 -0.0030 -0.0035 -0.0436 1   DG  A O6    
16  N  N1    . DG  A 1 ? 0.0633 0.0873 0.1264 0.0042  0.0001  -0.0274 1   DG  A N1    
17  C  C2    . DG  A 1 ? 0.0625 0.0942 0.1058 0.0051  0.0051  -0.0186 1   DG  A C2    
18  N  N2    . DG  A 1 ? 0.0812 0.0949 0.1226 -0.0063 0.0060  -0.0242 1   DG  A N2    
19  N  N3    . DG  A 1 ? 0.0736 0.0723 0.1081 0.0024  -0.0021 -0.0098 1   DG  A N3    
20  C  C4    . DG  A 1 ? 0.0673 0.0789 0.1053 0.0005  -0.0024 -0.0154 1   DG  A C4    
21  P  P     A DC  A 2 ? 0.1479 0.0738 0.0927 -0.0236 0.0158  -0.0042 2   DC  A P     
22  P  P     B DC  A 2 ? 0.0885 0.0939 0.1068 -0.0111 -0.0046 0.0231  2   DC  A P     
23  O  OP1   A DC  A 2 ? 0.2304 0.1010 0.0601 -0.0503 0.0419  -0.0267 2   DC  A OP1   
24  O  OP1   B DC  A 2 ? 0.0978 0.1658 0.1012 -0.0155 -0.0254 0.0262  2   DC  A OP1   
25  O  OP2   A DC  A 2 ? 0.1264 0.0863 0.1460 -0.0309 0.0666  -0.0220 2   DC  A OP2   
26  O  OP2   B DC  A 2 ? 0.0901 0.1428 0.1860 0.0130  -0.0077 0.0389  2   DC  A OP2   
27  O  "O5'" . DC  A 2 ? 0.2815 0.0819 0.1986 0.0171  0.1252  0.0355  2   DC  A "O5'" 
28  C  "C5'" . DC  A 2 ? 0.1790 0.0845 0.1157 -0.0061 0.0010  0.0223  2   DC  A "C5'" 
29  C  "C4'" . DC  A 2 ? 0.0879 0.0699 0.0955 -0.0051 -0.0110 -0.0035 2   DC  A "C4'" 
30  O  "O4'" . DC  A 2 ? 0.0743 0.0819 0.1162 0.0179  -0.0239 -0.0173 2   DC  A "O4'" 
31  C  "C3'" . DC  A 2 ? 0.0804 0.0666 0.1082 -0.0122 0.0024  0.0079  2   DC  A "C3'" 
32  O  "O3'" . DC  A 2 ? 0.0765 0.0608 0.0979 -0.0045 -0.0080 -0.0022 2   DC  A "O3'" 
33  C  "C2'" . DC  A 2 ? 0.0768 0.0686 0.0900 -0.0071 -0.0020 0.0071  2   DC  A "C2'" 
34  C  "C1'" . DC  A 2 ? 0.0618 0.0761 0.1007 -0.0032 -0.0027 -0.0079 2   DC  A "C1'" 
35  N  N1    . DC  A 2 ? 0.0803 0.0775 0.0902 -0.0054 -0.0187 0.0004  2   DC  A N1    
36  C  C2    . DC  A 2 ? 0.0802 0.0673 0.0925 0.0036  0.0045  -0.0049 2   DC  A C2    
37  O  O2    . DC  A 2 ? 0.1067 0.0942 0.0985 -0.0248 0.0063  -0.0108 2   DC  A O2    
38  N  N3    . DC  A 2 ? 0.0781 0.0773 0.0880 0.0035  -0.0085 -0.0163 2   DC  A N3    
39  C  C4    . DC  A 2 ? 0.0683 0.0681 0.1103 0.0073  -0.0123 -0.0057 2   DC  A C4    
40  N  N4    . DC  A 2 ? 0.0755 0.0786 0.1132 0.0014  -0.0102 -0.0161 2   DC  A N4    
41  C  C5    . DC  A 2 ? 0.0781 0.0809 0.0973 -0.0009 -0.0083 0.0002  2   DC  A C5    
42  C  C6    . DC  A 2 ? 0.0616 0.0806 0.0922 0.0030  -0.0085 -0.0029 2   DC  A C6    
43  P  P     . DG  A 3 ? 0.1030 0.0643 0.1081 -0.0073 -0.0254 0.0022  3   DG  A P     
44  O  OP1   . DG  A 3 ? 0.0730 0.0867 0.1642 -0.0218 -0.0264 0.0116  3   DG  A OP1   
45  O  OP2   . DG  A 3 ? 0.1298 0.0897 0.0916 0.0062  -0.0242 -0.0070 3   DG  A OP2   
46  O  "O5'" . DG  A 3 ? 0.0878 0.0698 0.0995 0.0032  -0.0127 0.0113  3   DG  A "O5'" 
47  C  "C5'" . DG  A 3 ? 0.0825 0.0776 0.0938 -0.0143 -0.0023 0.0222  3   DG  A "C5'" 
48  C  "C4'" . DG  A 3 ? 0.0846 0.0723 0.0919 -0.0187 -0.0067 -0.0010 3   DG  A "C4'" 
49  O  "O4'" . DG  A 3 ? 0.0820 0.0665 0.1026 -0.0100 -0.0011 -0.0014 3   DG  A "O4'" 
50  C  "C3'" . DG  A 3 ? 0.0901 0.0577 0.0949 -0.0016 -0.0036 0.0091  3   DG  A "C3'" 
51  O  "O3'" . DG  A 3 ? 0.1081 0.0610 0.1044 -0.0107 -0.0346 0.0062  3   DG  A "O3'" 
52  C  "C2'" . DG  A 3 ? 0.0873 0.0712 0.1047 -0.0068 -0.0115 -0.0115 3   DG  A "C2'" 
53  C  "C1'" . DG  A 3 ? 0.0722 0.0703 0.0953 -0.0047 -0.0039 -0.0024 3   DG  A "C1'" 
54  N  N9    . DG  A 3 ? 0.0644 0.0662 0.0892 -0.0073 -0.0039 -0.0103 3   DG  A N9    
55  C  C8    . DG  A 3 ? 0.0769 0.0682 0.0922 -0.0059 -0.0093 0.0005  3   DG  A C8    
56  N  N7    . DG  A 3 ? 0.0731 0.0677 0.0948 0.0011  -0.0029 -0.0098 3   DG  A N7    
57  C  C5    . DG  A 3 ? 0.0681 0.0764 0.0783 0.0097  -0.0051 -0.0038 3   DG  A C5    
58  C  C6    . DG  A 3 ? 0.0708 0.0663 0.0858 0.0043  -0.0003 0.0054  3   DG  A C6    
59  O  O6    . DG  A 3 ? 0.0824 0.0800 0.0831 -0.0030 -0.0102 -0.0006 3   DG  A O6    
60  N  N1    . DG  A 3 ? 0.0725 0.0668 0.0889 0.0036  0.0023  -0.0076 3   DG  A N1    
61  C  C2    . DG  A 3 ? 0.0752 0.0829 0.0840 0.0173  0.0132  0.0015  3   DG  A C2    
62  N  N2    . DG  A 3 ? 0.0997 0.1014 0.0799 0.0143  0.0021  -0.0017 3   DG  A N2    
63  N  N3    . DG  A 3 ? 0.0807 0.0675 0.0901 0.0021  0.0006  0.0012  3   DG  A N3    
64  C  C4    . DG  A 3 ? 0.0760 0.0661 0.0875 0.0018  0.0010  0.0070  3   DG  A C4    
65  P  P     . DA  A 4 ? 0.1059 0.0646 0.1202 -0.0011 -0.0290 -0.0034 4   DA  A P     
66  O  OP1   . DA  A 4 ? 0.1123 0.0783 0.1851 -0.0084 -0.0650 -0.0071 4   DA  A OP1   
67  O  OP2   . DA  A 4 ? 0.1436 0.1107 0.1314 0.0256  -0.0264 -0.0021 4   DA  A OP2   
68  O  "O5'" . DA  A 4 ? 0.0950 0.0690 0.1244 -0.0005 -0.0224 0.0113  4   DA  A "O5'" 
69  C  "C5'" . DA  A 4 ? 0.0798 0.1129 0.1088 -0.0144 -0.0015 0.0311  4   DA  A "C5'" 
70  C  "C4'" . DA  A 4 ? 0.0820 0.0795 0.1293 -0.0159 0.0034  0.0236  4   DA  A "C4'" 
71  O  "O4'" . DA  A 4 ? 0.0912 0.0975 0.1510 -0.0084 0.0259  0.0232  4   DA  A "O4'" 
72  C  "C3'" . DA  A 4 ? 0.0967 0.0993 0.1214 -0.0015 -0.0120 0.0276  4   DA  A "C3'" 
73  O  "O3'" . DA  A 4 ? 0.1136 0.1197 0.1352 -0.0174 -0.0289 0.0368  4   DA  A "O3'" 
74  C  "C2'" . DA  A 4 ? 0.0878 0.0818 0.1324 -0.0055 0.0044  0.0180  4   DA  A "C2'" 
75  C  "C1'" . DA  A 4 ? 0.0826 0.0848 0.1104 -0.0106 -0.0065 0.0170  4   DA  A "C1'" 
76  N  N9    . DA  A 4 ? 0.0758 0.0801 0.0988 -0.0077 -0.0060 0.0059  4   DA  A N9    
77  C  C8    . DA  A 4 ? 0.0643 0.0945 0.1181 -0.0083 -0.0079 0.0067  4   DA  A C8    
78  N  N7    . DA  A 4 ? 0.0746 0.1015 0.1197 0.0002  -0.0127 -0.0039 4   DA  A N7    
79  C  C5    . DA  A 4 ? 0.0633 0.0818 0.1079 0.0099  -0.0039 0.0065  4   DA  A C5    
80  C  C6    . DA  A 4 ? 0.0565 0.0724 0.1016 0.0022  -0.0052 0.0068  4   DA  A C6    
81  N  N6    . DA  A 4 ? 0.0665 0.0833 0.1032 0.0071  0.0009  0.0171  4   DA  A N6    
82  N  N1    . DA  A 4 ? 0.0655 0.0658 0.1112 0.0054  0.0098  0.0053  4   DA  A N1    
83  C  C2    . DA  A 4 ? 0.0695 0.0774 0.1054 0.0036  0.0047  0.0036  4   DA  A C2    
84  N  N3    . DA  A 4 ? 0.0745 0.0794 0.0995 -0.0032 -0.0106 0.0035  4   DA  A N3    
85  C  C4    . DA  A 4 ? 0.0659 0.0665 0.1022 -0.0023 -0.0081 0.0125  4   DA  A C4    
86  P  P     . DA  A 5 ? 0.1352 0.1208 0.1530 -0.0123 -0.0371 0.0362  5   DA  A P     
87  O  OP1   . DA  A 5 ? 0.1643 0.1341 0.1697 -0.0376 -0.0393 0.0625  5   DA  A OP1   
88  O  OP2   . DA  A 5 ? 0.1666 0.1054 0.1659 0.0190  -0.0531 -0.0149 5   DA  A OP2   
89  O  "O5'" . DA  A 5 ? 0.1147 0.1221 0.1182 -0.0078 -0.0221 0.0158  5   DA  A "O5'" 
90  C  "C5'" . DA  A 5 ? 0.1008 0.1452 0.1150 -0.0073 -0.0017 0.0191  5   DA  A "C5'" 
91  C  "C4'" . DA  A 5 ? 0.1054 0.1499 0.1147 -0.0065 0.0088  0.0122  5   DA  A "C4'" 
92  O  "O4'" . DA  A 5 ? 0.0922 0.1363 0.1318 0.0089  0.0199  0.0523  5   DA  A "O4'" 
93  C  "C3'" . DA  A 5 ? 0.1157 0.1317 0.1094 -0.0014 -0.0086 0.0105  5   DA  A "C3'" 
94  O  "O3'" . DA  A 5 ? 0.1242 0.1966 0.1069 0.0085  -0.0161 0.0312  5   DA  A "O3'" 
95  C  "C2'" . DA  A 5 ? 0.0923 0.1307 0.1237 -0.0006 -0.0042 0.0358  5   DA  A "C2'" 
96  C  "C1'" . DA  A 5 ? 0.0859 0.1193 0.0970 0.0039  0.0038  0.0303  5   DA  A "C1'" 
97  N  N9    . DA  A 5 ? 0.0728 0.1074 0.0940 0.0024  0.0054  0.0166  5   DA  A N9    
98  C  C8    . DA  A 5 ? 0.0814 0.0985 0.1200 0.0009  0.0054  0.0196  5   DA  A C8    
99  N  N7    . DA  A 5 ? 0.0752 0.0863 0.1223 0.0019  -0.0047 0.0073  5   DA  A N7    
100 C  C5    . DA  A 5 ? 0.0691 0.0749 0.0995 0.0102  -0.0026 -0.0018 5   DA  A C5    
101 C  C6    . DA  A 5 ? 0.0639 0.0812 0.0932 0.0212  0.0052  0.0054  5   DA  A C6    
102 N  N6    . DA  A 5 ? 0.0831 0.0914 0.1013 0.0157  0.0038  0.0037  5   DA  A N6    
103 N  N1    . DA  A 5 ? 0.0724 0.0834 0.0883 0.0080  -0.0011 -0.0018 5   DA  A N1    
104 C  C2    . DA  A 5 ? 0.0769 0.0857 0.1014 0.0096  -0.0076 -0.0046 5   DA  A C2    
105 N  N3    . DA  A 5 ? 0.0805 0.0896 0.0985 0.0059  -0.0045 0.0119  5   DA  A N3    
106 C  C4    . DA  A 5 ? 0.0640 0.0900 0.0919 0.0121  0.0028  0.0051  5   DA  A C4    
107 P  P     . DT  A 6 ? 0.1259 0.2201 0.1209 -0.0038 -0.0201 0.0615  6   DT  A P     
108 O  OP1   . DT  A 6 ? 0.1652 0.4298 0.0875 -0.0329 -0.0138 0.0660  6   DT  A OP1   
109 O  OP2   . DT  A 6 ? 0.1632 0.1974 0.2081 0.0243  -0.0669 0.0617  6   DT  A OP2   
110 O  "O5'" . DT  A 6 ? 0.1147 0.2311 0.1049 0.0110  -0.0073 0.0263  6   DT  A "O5'" 
111 C  "C5'" . DT  A 6 ? 0.1294 0.2010 0.1227 -0.0101 0.0044  0.0074  6   DT  A "C5'" 
112 C  "C4'" . DT  A 6 ? 0.1180 0.3506 0.1101 -0.0436 -0.0015 0.0477  6   DT  A "C4'" 
113 O  "O4'" A DT  A 6 ? 0.0869 0.2951 0.0947 0.0259  0.0205  0.0260  6   DT  A "O4'" 
114 O  "O4'" B DT  A 6 ? 0.1523 0.2332 0.1160 0.0367  -0.0479 0.0468  6   DT  A "O4'" 
115 C  "C3'" A DT  A 6 ? 0.1207 0.4349 0.1680 0.0274  -0.0666 0.0785  6   DT  A "C3'" 
116 C  "C3'" B DT  A 6 ? 0.0795 0.3660 0.1502 0.0076  0.0646  0.0905  6   DT  A "C3'" 
117 O  "O3'" A DT  A 6 ? 0.1377 0.4844 0.1037 -0.0532 0.0220  0.0611  6   DT  A "O3'" 
118 O  "O3'" B DT  A 6 ? 0.1619 0.4975 0.2180 -0.0701 -0.1269 0.1056  6   DT  A "O3'" 
119 C  "C2'" A DT  A 6 ? 0.0739 0.2594 0.1734 0.0193  0.0237  0.0974  6   DT  A "C2'" 
120 C  "C2'" B DT  A 6 ? 0.1795 0.2554 0.1535 0.0426  -0.0840 0.0128  6   DT  A "C2'" 
121 C  "C1'" . DT  A 6 ? 0.1058 0.1931 0.1142 0.0180  0.0082  0.0212  6   DT  A "C1'" 
122 N  N1    . DT  A 6 ? 0.1115 0.1370 0.1276 0.0453  0.0121  0.0263  6   DT  A N1    
123 C  C2    . DT  A 6 ? 0.1041 0.1017 0.1285 0.0323  0.0248  0.0431  6   DT  A C2    
124 O  O2    . DT  A 6 ? 0.1192 0.1360 0.0991 0.0319  0.0103  0.0160  6   DT  A O2    
125 N  N3    . DT  A 6 ? 0.0884 0.1019 0.1133 0.0340  0.0144  0.0168  6   DT  A N3    
126 C  C4    . DT  A 6 ? 0.0868 0.0910 0.1538 0.0326  0.0263  0.0211  6   DT  A C4    
127 O  O4    . DT  A 6 ? 0.1008 0.1037 0.1351 0.0251  0.0270  0.0201  6   DT  A O4    
128 C  C5    . DT  A 6 ? 0.1054 0.1138 0.1288 0.0339  0.0253  0.0417  6   DT  A C5    
129 C  C7    . DT  A 6 ? 0.1574 0.1482 0.1431 -0.0069 0.0245  0.0465  6   DT  A C7    
130 C  C6    . DT  A 6 ? 0.1077 0.1280 0.1600 0.0452  0.0313  0.0682  6   DT  A C6    
131 P  P     A DT  A 7 ? 0.1149 0.4865 0.1549 -0.0556 -0.0228 0.0884  7   DT  A P     
132 P  P     B DT  A 7 ? 0.1742 0.7480 0.1870 -0.1444 -0.0540 0.0642  7   DT  A P     
133 O  OP1   A DT  A 7 ? 0.1437 0.4111 0.2009 -0.0597 -0.0905 0.0594  7   DT  A OP1   
134 O  OP1   B DT  A 7 ? 0.1176 0.1794 0.6814 0.0337  0.0957  0.1908  7   DT  A OP1   
135 O  OP2   A DT  A 7 ? 0.2357 0.3134 0.5336 -0.0248 -0.2419 0.1459  7   DT  A OP2   
136 O  OP2   B DT  A 7 ? 0.3774 0.6217 0.5740 -0.2024 -0.3456 0.0341  7   DT  A OP2   
137 O  "O5'" A DT  A 7 ? 0.0811 0.3593 0.1687 -0.0040 0.0001  0.0117  7   DT  A "O5'" 
138 O  "O5'" B DT  A 7 ? 0.3746 0.4464 0.2480 -0.0780 0.0126  0.1392  7   DT  A "O5'" 
139 C  "C5'" A DT  A 7 ? 0.0998 0.2201 0.1528 -0.0323 0.0153  -0.0297 7   DT  A "C5'" 
140 C  "C5'" B DT  A 7 ? 0.1674 0.4070 0.1517 -0.0263 0.0324  -0.1343 7   DT  A "C5'" 
141 C  "C4'" A DT  A 7 ? 0.1040 0.2557 0.1367 0.0140  0.0080  -0.0950 7   DT  A "C4'" 
142 C  "C4'" B DT  A 7 ? 0.0790 0.2703 0.1142 0.0123  0.0037  -0.0713 7   DT  A "C4'" 
143 O  "O4'" A DT  A 7 ? 0.0663 0.1969 0.1349 0.0467  -0.0055 -0.0605 7   DT  A "O4'" 
144 O  "O4'" B DT  A 7 ? 0.2052 0.2245 0.1699 0.0771  0.0010  0.0005  7   DT  A "O4'" 
145 C  "C3'" . DT  A 7 ? 0.1037 0.1615 0.1218 0.0005  -0.0045 -0.0258 7   DT  A "C3'" 
146 O  "O3'" . DT  A 7 ? 0.1342 0.1908 0.1359 0.0512  -0.0030 -0.0488 7   DT  A "O3'" 
147 C  "C2'" A DT  A 7 ? 0.0717 0.1713 0.1156 0.0361  0.0108  0.0015  7   DT  A "C2'" 
148 C  "C2'" B DT  A 7 ? 0.1043 0.1977 0.1590 -0.0047 -0.0301 -0.0848 7   DT  A "C2'" 
149 C  "C1'" . DT  A 7 ? 0.1823 0.1991 0.2133 0.0213  0.0843  -0.0798 7   DT  A "C1'" 
150 N  N1    . DT  A 7 ? 0.1056 0.1137 0.1155 0.0266  -0.0034 -0.0016 7   DT  A N1    
151 C  C2    . DT  A 7 ? 0.1015 0.1377 0.0887 0.0480  0.0105  0.0148  7   DT  A C2    
152 O  O2    . DT  A 7 ? 0.1080 0.1140 0.1212 0.0182  -0.0081 0.0033  7   DT  A O2    
153 N  N3    . DT  A 7 ? 0.1029 0.1047 0.1038 0.0271  -0.0030 -0.0088 7   DT  A N3    
154 C  C4    . DT  A 7 ? 0.1041 0.1195 0.1108 0.0473  0.0154  0.0194  7   DT  A C4    
155 O  O4    . DT  A 7 ? 0.1333 0.1093 0.1330 0.0368  0.0050  -0.0010 7   DT  A O4    
156 C  C5    . DT  A 7 ? 0.1054 0.1326 0.1355 0.0486  0.0078  0.0282  7   DT  A C5    
157 C  C7    . DT  A 7 ? 0.1126 0.1200 0.1421 0.0126  0.0065  0.0419  7   DT  A C7    
158 C  C6    . DT  A 7 ? 0.1015 0.1369 0.1069 0.0369  -0.0129 0.0053  7   DT  A C6    
159 P  P     . DC  A 8 ? 0.1410 0.1802 0.1541 0.0244  -0.0090 -0.0683 8   DC  A P     
160 O  OP1   . DC  A 8 ? 0.2252 0.1920 0.1917 0.0247  -0.0259 -0.0689 8   DC  A OP1   
161 O  OP2   . DC  A 8 ? 0.1363 0.2570 0.1325 0.0307  -0.0225 -0.0276 8   DC  A OP2   
162 O  "O5'" . DC  A 8 ? 0.1187 0.1407 0.1266 0.0122  -0.0026 -0.0245 8   DC  A "O5'" 
163 C  "C5'" . DC  A 8 ? 0.1563 0.1189 0.1887 0.0244  0.0201  -0.0495 8   DC  A "C5'" 
164 C  "C4'" . DC  A 8 ? 0.0994 0.1100 0.1408 -0.0039 0.0215  -0.0220 8   DC  A "C4'" 
165 O  "O4'" . DC  A 8 ? 0.1062 0.1046 0.1426 0.0072  -0.0177 -0.0296 8   DC  A "O4'" 
166 C  "C3'" . DC  A 8 ? 0.1089 0.1142 0.1237 -0.0152 0.0010  -0.0120 8   DC  A "C3'" 
167 O  "O3'" . DC  A 8 ? 0.1038 0.1245 0.1542 -0.0181 0.0061  -0.0333 8   DC  A "O3'" 
168 C  "C2'" . DC  A 8 ? 0.0975 0.1067 0.1530 0.0100  -0.0201 -0.0293 8   DC  A "C2'" 
169 C  "C1'" . DC  A 8 ? 0.1097 0.0984 0.1068 0.0060  -0.0080 -0.0205 8   DC  A "C1'" 
170 N  N1    . DC  A 8 ? 0.0845 0.0986 0.1134 0.0106  -0.0037 -0.0115 8   DC  A N1    
171 C  C2    . DC  A 8 ? 0.0898 0.0947 0.1027 0.0118  0.0022  -0.0066 8   DC  A C2    
172 O  O2    . DC  A 8 ? 0.1299 0.0902 0.1083 -0.0069 0.0060  -0.0019 8   DC  A O2    
173 N  N3    . DC  A 8 ? 0.0831 0.0985 0.1079 0.0080  0.0034  0.0021  8   DC  A N3    
174 C  C4    . DC  A 8 ? 0.0797 0.0969 0.1017 0.0150  0.0049  -0.0024 8   DC  A C4    
175 N  N4    . DC  A 8 ? 0.0932 0.0940 0.1011 0.0171  0.0089  0.0091  8   DC  A N4    
176 C  C5    . DC  A 8 ? 0.0867 0.1035 0.1129 0.0176  0.0092  0.0063  8   DC  A C5    
177 C  C6    . DC  A 8 ? 0.0773 0.0994 0.1096 0.0143  0.0007  -0.0093 8   DC  A C6    
178 P  P     . DG  A 9 ? 0.1209 0.1510 0.1364 -0.0265 0.0035  -0.0291 9   DG  A P     
179 O  OP1   . DG  A 9 ? 0.2125 0.3525 0.1807 -0.1571 0.0342  -0.1648 9   DG  A OP1   
180 O  OP2   . DG  A 9 ? 0.1348 0.2483 0.1372 0.0072  -0.0263 0.0174  9   DG  A OP2   
181 O  "O5'" . DG  A 9 ? 0.1376 0.1229 0.1175 0.0031  0.0070  -0.0258 9   DG  A "O5'" 
182 C  "C5'" . DG  A 9 ? 0.1624 0.0867 0.2375 -0.0041 0.0704  0.0332  9   DG  A "C5'" 
183 C  "C4'" . DG  A 9 ? 0.1266 0.0851 0.1485 0.0031  -0.0094 0.0026  9   DG  A "C4'" 
184 O  "O4'" . DG  A 9 ? 0.1026 0.1077 0.1487 0.0114  -0.0377 -0.0167 9   DG  A "O4'" 
185 C  "C3'" . DG  A 9 ? 0.1125 0.1072 0.1061 -0.0155 0.0123  -0.0040 9   DG  A "C3'" 
186 O  "O3'" . DG  A 9 ? 0.1437 0.1770 0.1658 -0.0309 0.0240  -0.0097 9   DG  A "O3'" 
187 C  "C2'" . DG  A 9 ? 0.0994 0.1178 0.1428 0.0206  0.0093  -0.0027 9   DG  A "C2'" 
188 C  "C1'" . DG  A 9 ? 0.1235 0.0958 0.1073 -0.0062 -0.0082 -0.0137 9   DG  A "C1'" 
189 N  N9    . DG  A 9 ? 0.0968 0.0905 0.1073 0.0024  -0.0171 -0.0145 9   DG  A N9    
190 C  C8    . DG  A 9 ? 0.0954 0.1011 0.1151 0.0035  -0.0271 -0.0178 9   DG  A C8    
191 N  N7    . DG  A 9 ? 0.0978 0.0819 0.1158 0.0012  -0.0105 -0.0197 9   DG  A N7    
192 C  C5    . DG  A 9 ? 0.0782 0.0770 0.1446 0.0130  -0.0096 -0.0161 9   DG  A C5    
193 C  C6    . DG  A 9 ? 0.0734 0.0841 0.1452 0.0140  -0.0227 -0.0127 9   DG  A C6    
194 O  O6    . DG  A 9 ? 0.0897 0.0795 0.1369 0.0120  -0.0202 -0.0150 9   DG  A O6    
195 N  N1    . DG  A 9 ? 0.0872 0.0824 0.1442 0.0172  -0.0336 -0.0308 9   DG  A N1    
196 C  C2    . DG  A 9 ? 0.0914 0.0866 0.1331 0.0163  -0.0138 -0.0061 9   DG  A C2    
197 N  N2    . DG  A 9 ? 0.1390 0.1147 0.1356 0.0053  -0.0464 -0.0257 9   DG  A N2    
198 N  N3    . DG  A 9 ? 0.1110 0.0872 0.1251 0.0055  -0.0228 -0.0068 9   DG  A N3    
199 C  C4    . DG  A 9 ? 0.0962 0.0699 0.1502 0.0155  -0.0131 -0.0111 9   DG  A C4    
200 O  "O5'" . DG  B 1 ? 0.1323 0.1703 0.2370 0.0119  -0.0510 -0.0094 10  DG  B "O5'" 
201 C  "C5'" . DG  B 1 ? 0.1975 0.0972 0.2202 0.0077  -0.0672 -0.0477 10  DG  B "C5'" 
202 C  "C4'" . DG  B 1 ? 0.2043 0.1031 0.2073 0.0009  -0.1038 -0.0351 10  DG  B "C4'" 
203 O  "O4'" . DG  B 1 ? 0.1331 0.1007 0.1949 0.0287  -0.0779 -0.0514 10  DG  B "O4'" 
204 C  "C3'" . DG  B 1 ? 0.1346 0.1090 0.2059 0.0126  -0.0915 -0.0082 10  DG  B "C3'" 
205 O  "O3'" . DG  B 1 ? 0.1644 0.1208 0.2041 0.0018  -0.0917 -0.0029 10  DG  B "O3'" 
206 C  "C2'" . DG  B 1 ? 0.1041 0.1033 0.1716 -0.0049 -0.0466 -0.0283 10  DG  B "C2'" 
207 C  "C1'" . DG  B 1 ? 0.1066 0.0868 0.1665 0.0022  -0.0622 -0.0497 10  DG  B "C1'" 
208 N  N9    . DG  B 1 ? 0.1056 0.0801 0.1520 0.0070  -0.0451 -0.0222 10  DG  B N9    
209 C  C8    . DG  B 1 ? 0.0964 0.1016 0.1422 -0.0008 -0.0426 -0.0245 10  DG  B C8    
210 N  N7    . DG  B 1 ? 0.0873 0.0869 0.1402 0.0020  -0.0229 -0.0236 10  DG  B N7    
211 C  C5    . DG  B 1 ? 0.0729 0.0857 0.1283 0.0111  -0.0270 -0.0340 10  DG  B C5    
212 C  C6    . DG  B 1 ? 0.0686 0.0715 0.1207 0.0135  -0.0182 -0.0190 10  DG  B C6    
213 O  O6    . DG  B 1 ? 0.0720 0.0946 0.1229 0.0031  -0.0126 -0.0327 10  DG  B O6    
214 N  N1    . DG  B 1 ? 0.0684 0.0904 0.1490 0.0098  -0.0285 -0.0388 10  DG  B N1    
215 C  C2    . DG  B 1 ? 0.0716 0.0845 0.1165 0.0212  -0.0204 -0.0210 10  DG  B C2    
216 N  N2    . DG  B 1 ? 0.0927 0.0908 0.1274 0.0138  -0.0221 -0.0227 10  DG  B N2    
217 N  N3    . DG  B 1 ? 0.0799 0.0910 0.1540 0.0235  -0.0406 -0.0442 10  DG  B N3    
218 C  C4    . DG  B 1 ? 0.0776 0.0673 0.1482 0.0132  -0.0341 -0.0210 10  DG  B C4    
219 P  P     A DC  B 2 ? 0.1477 0.0955 0.1594 -0.0189 -0.0667 0.0165  11  DC  B P     
220 P  P     B DC  B 2 ? 0.1388 0.1757 0.2883 0.0267  -0.1163 -0.0677 11  DC  B P     
221 O  OP1   A DC  B 2 ? 0.2285 0.1044 0.2221 -0.0055 -0.1282 -0.0256 11  DC  B OP1   
222 O  OP1   B DC  B 2 ? 0.3146 0.2324 0.4390 -0.0979 -0.1591 -0.0935 11  DC  B OP1   
223 O  OP2   A DC  B 2 ? 0.1207 0.3115 0.2007 -0.0205 0.0133  -0.0174 11  DC  B OP2   
224 O  OP2   B DC  B 2 ? 0.2093 0.5712 0.2118 -0.0731 0.0559  -0.1575 11  DC  B OP2   
225 O  "O5'" A DC  B 2 ? 0.1776 0.1314 0.2777 -0.0525 -0.0914 0.1313  11  DC  B "O5'" 
226 O  "O5'" B DC  B 2 ? 0.2187 0.2237 0.3621 -0.0108 -0.2377 0.0719  11  DC  B "O5'" 
227 C  "C5'" A DC  B 2 ? 0.2307 0.1594 0.2052 -0.0314 -0.1694 -0.0221 11  DC  B "C5'" 
228 C  "C5'" B DC  B 2 ? 0.3154 0.0563 0.3998 0.0615  -0.0645 0.0526  11  DC  B "C5'" 
229 C  "C4'" . DC  B 2 ? 0.1933 0.1072 0.2185 0.0626  -0.1010 -0.0360 11  DC  B "C4'" 
230 O  "O4'" A DC  B 2 ? 0.2631 0.2432 0.2309 -0.0277 -0.1816 -0.0579 11  DC  B "O4'" 
231 O  "O4'" B DC  B 2 ? 0.0902 0.0918 0.1621 0.0471  -0.0420 -0.0539 11  DC  B "O4'" 
232 C  "C3'" . DC  B 2 ? 0.1127 0.0870 0.1364 -0.0052 -0.0234 0.0162  11  DC  B "C3'" 
233 O  "O3'" . DC  B 2 ? 0.0880 0.1009 0.1284 -0.0047 -0.0193 -0.0057 11  DC  B "O3'" 
234 C  "C2'" . DC  B 2 ? 0.0825 0.1296 0.1353 0.0080  -0.0352 -0.0110 11  DC  B "C2'" 
235 C  "C1'" . DC  B 2 ? 0.1046 0.1014 0.1671 0.0110  -0.0294 -0.0644 11  DC  B "C1'" 
236 N  N1    . DC  B 2 ? 0.0935 0.0887 0.1428 -0.0024 -0.0159 -0.0003 11  DC  B N1    
237 C  C2    . DC  B 2 ? 0.0819 0.0860 0.1736 0.0121  -0.0366 -0.0466 11  DC  B C2    
238 O  O2    . DC  B 2 ? 0.1290 0.1033 0.1542 0.0045  -0.0344 -0.0284 11  DC  B O2    
239 N  N3    . DC  B 2 ? 0.0780 0.0891 0.1337 0.0107  -0.0365 -0.0281 11  DC  B N3    
240 C  C4    . DC  B 2 ? 0.0675 0.0856 0.1599 0.0265  -0.0315 -0.0341 11  DC  B C4    
241 N  N4    . DC  B 2 ? 0.0756 0.0938 0.1725 0.0203  -0.0383 -0.0499 11  DC  B N4    
242 C  C5    . DC  B 2 ? 0.0819 0.0884 0.1713 0.0110  -0.0448 -0.0325 11  DC  B C5    
243 C  C6    . DC  B 2 ? 0.0840 0.0870 0.1665 0.0105  -0.0202 -0.0301 11  DC  B C6    
244 P  P     . DG  B 3 ? 0.0849 0.0882 0.1039 -0.0051 -0.0065 0.0013  12  DG  B P     
245 O  OP1   . DG  B 3 ? 0.1043 0.0932 0.1099 -0.0090 0.0055  0.0050  12  DG  B OP1   
246 O  OP2   . DG  B 3 ? 0.0950 0.0931 0.1477 -0.0103 -0.0325 -0.0032 12  DG  B OP2   
247 O  "O5'" . DG  B 3 ? 0.0860 0.0952 0.0999 0.0036  -0.0074 -0.0008 12  DG  B "O5'" 
248 C  "C5'" . DG  B 3 ? 0.1010 0.0849 0.1205 -0.0080 -0.0012 -0.0023 12  DG  B "C5'" 
249 C  "C4'" . DG  B 3 ? 0.0917 0.0956 0.0907 -0.0016 -0.0020 0.0019  12  DG  B "C4'" 
250 O  "O4'" . DG  B 3 ? 0.0806 0.0994 0.0966 0.0023  -0.0233 -0.0058 12  DG  B "O4'" 
251 C  "C3'" . DG  B 3 ? 0.0989 0.0646 0.1147 0.0093  -0.0090 0.0138  12  DG  B "C3'" 
252 O  "O3'" . DG  B 3 ? 0.1066 0.0835 0.0990 0.0074  -0.0128 0.0084  12  DG  B "O3'" 
253 C  "C2'" . DG  B 3 ? 0.0690 0.1013 0.1287 -0.0108 -0.0082 0.0143  12  DG  B "C2'" 
254 C  "C1'" . DG  B 3 ? 0.0794 0.0854 0.0931 0.0034  -0.0105 0.0035  12  DG  B "C1'" 
255 N  N9    . DG  B 3 ? 0.0972 0.0833 0.0866 0.0035  0.0021  0.0093  12  DG  B N9    
256 C  C8    . DG  B 3 ? 0.0907 0.0955 0.1095 -0.0131 -0.0088 0.0215  12  DG  B C8    
257 N  N7    . DG  B 3 ? 0.0989 0.0844 0.1189 0.0053  -0.0057 0.0005  12  DG  B N7    
258 C  C5    . DG  B 3 ? 0.0857 0.0759 0.1196 0.0083  0.0209  0.0146  12  DG  B C5    
259 C  C6    . DG  B 3 ? 0.0789 0.0784 0.0990 0.0158  0.0042  0.0016  12  DG  B C6    
260 O  O6    . DG  B 3 ? 0.0959 0.0874 0.0996 0.0113  0.0014  0.0046  12  DG  B O6    
261 N  N1    . DG  B 3 ? 0.0793 0.0762 0.0935 0.0156  0.0017  0.0031  12  DG  B N1    
262 C  C2    . DG  B 3 ? 0.0700 0.0808 0.1004 0.0101  0.0078  0.0015  12  DG  B C2    
263 N  N2    . DG  B 3 ? 0.0830 0.0798 0.1047 0.0120  0.0084  0.0055  12  DG  B N2    
264 N  N3    . DG  B 3 ? 0.0682 0.0794 0.0965 0.0038  -0.0096 -0.0058 12  DG  B N3    
265 C  C4    . DG  B 3 ? 0.0809 0.0728 0.0843 0.0101  -0.0050 0.0034  12  DG  B C4    
266 P  P     . DA  B 4 ? 0.1053 0.0899 0.0972 0.0073  -0.0126 0.0009  13  DA  B P     
267 O  OP1   . DA  B 4 ? 0.1531 0.1086 0.0971 0.0212  -0.0068 -0.0062 13  DA  B OP1   
268 O  OP2   . DA  B 4 ? 0.0900 0.1127 0.1294 -0.0008 -0.0250 0.0069  13  DA  B OP2   
269 O  "O5'" . DA  B 4 ? 0.1076 0.0933 0.0990 0.0104  0.0056  0.0096  13  DA  B "O5'" 
270 C  "C5'" . DA  B 4 ? 0.1146 0.0934 0.1000 -0.0040 0.0351  0.0054  13  DA  B "C5'" 
271 C  "C4'" . DA  B 4 ? 0.1130 0.1071 0.0844 0.0305  0.0029  0.0055  13  DA  B "C4'" 
272 O  "O4'" . DA  B 4 ? 0.1023 0.1315 0.0983 0.0374  0.0184  0.0074  13  DA  B "O4'" 
273 C  "C3'" . DA  B 4 ? 0.1030 0.0921 0.1068 0.0133  -0.0032 -0.0123 13  DA  B "C3'" 
274 O  "O3'" . DA  B 4 ? 0.1378 0.0943 0.1009 0.0172  -0.0096 -0.0211 13  DA  B "O3'" 
275 C  "C2'" . DA  B 4 ? 0.1213 0.1311 0.0981 0.0476  0.0030  -0.0097 13  DA  B "C2'" 
276 C  "C1'" . DA  B 4 ? 0.1065 0.1277 0.1067 0.0317  -0.0107 -0.0145 13  DA  B "C1'" 
277 N  N9    . DA  B 4 ? 0.1020 0.1362 0.0777 0.0205  0.0000  -0.0226 13  DA  B N9    
278 C  C8    . DA  B 4 ? 0.1020 0.1378 0.1210 0.0071  0.0015  -0.0313 13  DA  B C8    
279 N  N7    . DA  B 4 ? 0.0967 0.1401 0.1019 0.0023  0.0066  -0.0357 13  DA  B N7    
280 C  C5    . DA  B 4 ? 0.1004 0.1149 0.0922 0.0273  0.0236  -0.0109 13  DA  B C5    
281 C  C6    . DA  B 4 ? 0.1000 0.1029 0.0988 0.0346  0.0014  -0.0147 13  DA  B C6    
282 N  N6    . DA  B 4 ? 0.1233 0.1084 0.1192 0.0362  0.0134  -0.0110 13  DA  B N6    
283 N  N1    . DA  B 4 ? 0.1104 0.1038 0.0941 0.0337  0.0195  0.0000  13  DA  B N1    
284 C  C2    . DA  B 4 ? 0.1045 0.1157 0.1033 0.0378  0.0029  -0.0158 13  DA  B C2    
285 N  N3    . DA  B 4 ? 0.1111 0.1022 0.0966 0.0302  -0.0019 -0.0055 13  DA  B N3    
286 C  C4    . DA  B 4 ? 0.1008 0.1277 0.0929 0.0533  0.0012  -0.0181 13  DA  B C4    
287 P  P     . DA  B 5 ? 0.1785 0.0903 0.1513 0.0314  -0.0388 -0.0222 14  DA  B P     
288 O  OP1   . DA  B 5 ? 0.2331 0.0997 0.1578 0.0759  -0.0623 -0.0428 14  DA  B OP1   
289 O  OP2   . DA  B 5 ? 0.1984 0.1450 0.2360 0.0613  -0.0749 -0.0401 14  DA  B OP2   
290 O  "O5'" . DA  B 5 ? 0.1304 0.1315 0.1530 0.0327  -0.0042 -0.0607 14  DA  B "O5'" 
291 C  "C5'" . DA  B 5 ? 0.1167 0.1382 0.1043 -0.0091 0.0162  -0.0327 14  DA  B "C5'" 
292 C  "C4'" . DA  B 5 ? 0.1389 0.0970 0.1118 0.0025  0.0382  -0.0374 14  DA  B "C4'" 
293 O  "O4'" . DA  B 5 ? 0.1556 0.0949 0.1869 0.0201  0.0922  -0.0099 14  DA  B "O4'" 
294 C  "C3'" . DA  B 5 ? 0.1384 0.0935 0.1054 -0.0081 0.0209  -0.0235 14  DA  B "C3'" 
295 O  "O3'" . DA  B 5 ? 0.1325 0.1017 0.1349 -0.0042 0.0433  -0.0268 14  DA  B "O3'" 
296 C  "C2'" . DA  B 5 ? 0.1069 0.0769 0.1202 0.0159  0.0297  0.0083  14  DA  B "C2'" 
297 C  "C1'" . DA  B 5 ? 0.1294 0.0851 0.1257 0.0269  0.0346  -0.0106 14  DA  B "C1'" 
298 N  N9    . DA  B 5 ? 0.1140 0.0763 0.0926 0.0251  0.0208  -0.0021 14  DA  B N9    
299 C  C8    . DA  B 5 ? 0.1174 0.0861 0.1185 0.0312  0.0061  -0.0177 14  DA  B C8    
300 N  N7    . DA  B 5 ? 0.1124 0.1038 0.1050 0.0361  0.0105  -0.0056 14  DA  B N7    
301 C  C5    . DA  B 5 ? 0.1017 0.0760 0.0944 0.0296  0.0060  -0.0136 14  DA  B C5    
302 C  C6    . DA  B 5 ? 0.0995 0.0833 0.0986 0.0279  0.0118  -0.0045 14  DA  B C6    
303 N  N6    . DA  B 5 ? 0.0958 0.0921 0.1320 0.0263  0.0174  -0.0108 14  DA  B N6    
304 N  N1    . DA  B 5 ? 0.0971 0.0817 0.1081 0.0164  0.0173  0.0011  14  DA  B N1    
305 C  C2    . DA  B 5 ? 0.0971 0.0987 0.0955 0.0242  0.0174  0.0080  14  DA  B C2    
306 N  N3    . DA  B 5 ? 0.1103 0.0970 0.0959 0.0298  0.0100  -0.0131 14  DA  B N3    
307 C  C4    . DA  B 5 ? 0.0914 0.0865 0.1014 0.0180  0.0024  -0.0209 14  DA  B C4    
308 P  P     . DT  B 6 ? 0.1515 0.0953 0.1488 -0.0095 0.0583  -0.0213 15  DT  B P     
309 O  OP1   . DT  B 6 ? 0.2507 0.0991 0.3017 -0.0616 0.1863  -0.0491 15  DT  B OP1   
310 O  OP2   . DT  B 6 ? 0.1515 0.1174 0.1494 0.0229  0.0300  0.0007  15  DT  B OP2   
311 O  "O5'" . DT  B 6 ? 0.1102 0.0973 0.1118 0.0029  0.0349  -0.0124 15  DT  B "O5'" 
312 C  "C5'" . DT  B 6 ? 0.0994 0.1017 0.1439 0.0009  0.0228  -0.0385 15  DT  B "C5'" 
313 C  "C4'" . DT  B 6 ? 0.0906 0.0929 0.1271 -0.0016 0.0279  -0.0200 15  DT  B "C4'" 
314 O  "O4'" . DT  B 6 ? 0.0853 0.0755 0.1306 0.0059  0.0208  -0.0277 15  DT  B "O4'" 
315 C  "C3'" . DT  B 6 ? 0.0914 0.0778 0.1183 0.0023  0.0180  -0.0140 15  DT  B "C3'" 
316 O  "O3'" . DT  B 6 ? 0.0935 0.0961 0.1106 -0.0149 0.0206  -0.0364 15  DT  B "O3'" 
317 C  "C2'" . DT  B 6 ? 0.0833 0.0792 0.1194 0.0074  0.0156  -0.0197 15  DT  B "C2'" 
318 C  "C1'" . DT  B 6 ? 0.0807 0.0812 0.1080 0.0038  -0.0006 -0.0071 15  DT  B "C1'" 
319 N  N1    . DT  B 6 ? 0.0742 0.0710 0.1047 0.0060  0.0046  0.0039  15  DT  B N1    
320 C  C2    . DT  B 6 ? 0.0898 0.0776 0.1047 0.0173  0.0020  -0.0001 15  DT  B C2    
321 O  O2    . DT  B 6 ? 0.0885 0.0835 0.0919 0.0015  -0.0082 0.0003  15  DT  B O2    
322 N  N3    . DT  B 6 ? 0.0748 0.0746 0.0923 0.0125  0.0008  -0.0023 15  DT  B N3    
323 C  C4    . DT  B 6 ? 0.0756 0.0695 0.0878 0.0186  -0.0068 -0.0098 15  DT  B C4    
324 O  O4    . DT  B 6 ? 0.0840 0.0773 0.0971 0.0089  -0.0003 0.0006  15  DT  B O4    
325 C  C5    . DT  B 6 ? 0.0882 0.0680 0.0800 0.0136  0.0039  -0.0043 15  DT  B C5    
326 C  C7    . DT  B 6 ? 0.1093 0.0907 0.0878 0.0174  -0.0014 0.0121  15  DT  B C7    
327 C  C6    . DT  B 6 ? 0.0955 0.0652 0.0821 0.0111  0.0101  0.0029  15  DT  B C6    
328 P  P     . DT  B 7 ? 0.1048 0.0915 0.1166 -0.0130 0.0332  -0.0250 16  DT  B P     
329 O  OP1   . DT  B 7 ? 0.1232 0.1264 0.1436 -0.0357 0.0288  -0.0487 16  DT  B OP1   
330 O  OP2   . DT  B 7 ? 0.1402 0.0800 0.1197 0.0060  0.0369  -0.0085 16  DT  B OP2   
331 O  "O5'" . DT  B 7 ? 0.0829 0.0973 0.1061 -0.0049 0.0191  0.0015  16  DT  B "O5'" 
332 C  "C5'" . DT  B 7 ? 0.0739 0.1156 0.1203 -0.0057 0.0061  0.0006  16  DT  B "C5'" 
333 C  "C4'" . DT  B 7 ? 0.0812 0.1176 0.1043 0.0099  -0.0051 0.0042  16  DT  B "C4'" 
334 O  "O4'" . DT  B 7 ? 0.0692 0.0910 0.1104 0.0088  -0.0040 -0.0025 16  DT  B "O4'" 
335 C  "C3'" . DT  B 7 ? 0.0920 0.1299 0.0697 0.0090  0.0023  0.0096  16  DT  B "C3'" 
336 O  "O3'" . DT  B 7 ? 0.0942 0.2047 0.0883 0.0014  0.0005  0.0128  16  DT  B "O3'" 
337 C  "C2'" . DT  B 7 ? 0.0794 0.1146 0.0818 0.0106  -0.0004 -0.0148 16  DT  B "C2'" 
338 C  "C1'" . DT  B 7 ? 0.0672 0.0854 0.0935 0.0016  -0.0078 -0.0084 16  DT  B "C1'" 
339 N  N1    . DT  B 7 ? 0.0803 0.0787 0.0907 -0.0023 0.0024  0.0075  16  DT  B N1    
340 C  C2    . DT  B 7 ? 0.0780 0.0715 0.1009 -0.0067 0.0055  0.0031  16  DT  B C2    
341 O  O2    . DT  B 7 ? 0.0969 0.1035 0.0879 -0.0109 0.0014  0.0227  16  DT  B O2    
342 N  N3    . DT  B 7 ? 0.0724 0.0720 0.0911 0.0006  -0.0011 0.0074  16  DT  B N3    
343 C  C4    . DT  B 7 ? 0.0752 0.0625 0.0925 0.0075  0.0102  0.0125  16  DT  B C4    
344 O  O4    . DT  B 7 ? 0.0833 0.0753 0.0914 0.0040  -0.0131 0.0034  16  DT  B O4    
345 C  C5    . DT  B 7 ? 0.0710 0.0774 0.0867 0.0080  0.0020  -0.0100 16  DT  B C5    
346 C  C7    . DT  B 7 ? 0.0890 0.0687 0.1048 0.0078  0.0066  0.0124  16  DT  B C7    
347 C  C6    . DT  B 7 ? 0.0640 0.0802 0.0976 0.0084  0.0011  -0.0022 16  DT  B C6    
348 P  P     . DC  B 8 ? 0.1078 0.2541 0.0841 -0.0005 -0.0136 -0.0102 17  DC  B P     
349 O  OP1   . DC  B 8 ? 0.1013 0.2757 0.1833 0.0173  0.0087  0.0204  17  DC  B OP1   
350 O  OP2   . DC  B 8 ? 0.1403 0.2320 0.1282 -0.0060 0.0020  -0.0719 17  DC  B OP2   
351 O  "O5'" . DC  B 8 ? 0.1054 0.2494 0.0854 -0.0004 0.0033  0.0034  17  DC  B "O5'" 
352 C  "C5'" . DC  B 8 ? 0.1309 0.2334 0.0949 0.0158  -0.0139 0.0192  17  DC  B "C5'" 
353 C  "C4'" . DC  B 8 ? 0.1373 0.2258 0.0975 0.0033  -0.0063 0.0329  17  DC  B "C4'" 
354 O  "O4'" . DC  B 8 ? 0.1317 0.1740 0.0766 0.0263  -0.0059 0.0027  17  DC  B "O4'" 
355 C  "C3'" . DC  B 8 ? 0.1333 0.1890 0.0992 0.0133  0.0220  0.0106  17  DC  B "C3'" 
356 O  "O3'" . DC  B 8 ? 0.1143 0.3092 0.0755 0.0019  -0.0069 -0.0186 17  DC  B "O3'" 
357 C  "C2'" . DC  B 8 ? 0.1033 0.1727 0.0882 0.0073  -0.0212 -0.0390 17  DC  B "C2'" 
358 C  "C1'" . DC  B 8 ? 0.1083 0.1863 0.0709 0.0326  -0.0119 -0.0346 17  DC  B "C1'" 
359 N  N1    . DC  B 8 ? 0.0793 0.1265 0.0789 0.0125  -0.0049 -0.0177 17  DC  B N1    
360 C  C2    . DC  B 8 ? 0.0751 0.1095 0.0915 0.0056  -0.0056 -0.0231 17  DC  B C2    
361 O  O2    . DC  B 8 ? 0.1152 0.1114 0.0833 0.0046  0.0089  -0.0113 17  DC  B O2    
362 N  N3    . DC  B 8 ? 0.0754 0.0953 0.0880 0.0158  -0.0080 -0.0184 17  DC  B N3    
363 C  C4    . DC  B 8 ? 0.0606 0.0851 0.1004 0.0101  0.0056  -0.0083 17  DC  B C4    
364 N  N4    . DC  B 8 ? 0.0710 0.0953 0.0880 0.0057  -0.0098 -0.0069 17  DC  B N4    
365 C  C5    . DC  B 8 ? 0.0779 0.1098 0.1006 0.0299  -0.0205 -0.0375 17  DC  B C5    
366 C  C6    . DC  B 8 ? 0.0721 0.1120 0.0983 0.0113  -0.0072 -0.0187 17  DC  B C6    
367 P  P     A DG  B 9 ? 0.0907 0.2930 0.0789 -0.0058 0.0088  -0.0247 18  DG  B P     
368 P  P     B DG  B 9 ? 0.0891 0.5241 0.1427 0.0556  0.0006  -0.1148 18  DG  B P     
369 O  OP1   A DG  B 9 ? 0.2034 0.2283 0.1112 0.0539  -0.0167 -0.0366 18  DG  B OP1   
370 O  OP1   B DG  B 9 ? 0.0906 0.4411 0.1181 -0.0659 -0.0260 0.0763  18  DG  B OP1   
371 O  OP2   A DG  B 9 ? 0.2142 0.2024 0.0893 -0.0687 -0.0079 -0.0255 18  DG  B OP2   
372 O  OP2   B DG  B 9 ? 0.2603 0.4179 0.4900 -0.1785 0.2265  -0.3376 18  DG  B OP2   
373 O  "O5'" . DG  B 9 ? 0.1098 0.2958 0.0912 -0.0007 0.0126  -0.0362 18  DG  B "O5'" 
374 C  "C5'" . DG  B 9 ? 0.1723 0.2888 0.1068 0.1077  -0.0069 0.0013  18  DG  B "C5'" 
375 C  "C4'" . DG  B 9 ? 0.1145 0.1329 0.1431 0.0116  0.0086  0.0069  18  DG  B "C4'" 
376 O  "O4'" . DG  B 9 ? 0.1292 0.1434 0.1176 0.0394  0.0073  0.0118  18  DG  B "O4'" 
377 C  "C3'" . DG  B 9 ? 0.1037 0.1593 0.1380 0.0217  0.0255  0.0238  18  DG  B "C3'" 
378 O  "O3'" . DG  B 9 ? 0.1206 0.2003 0.2401 0.0142  0.0307  0.0403  18  DG  B "O3'" 
379 C  "C2'" . DG  B 9 ? 0.1376 0.1314 0.0872 0.0139  -0.0071 -0.0165 18  DG  B "C2'" 
380 C  "C1'" . DG  B 9 ? 0.1018 0.1186 0.1183 0.0308  -0.0041 -0.0163 18  DG  B "C1'" 
381 N  N9    . DG  B 9 ? 0.1026 0.1185 0.0920 0.0150  -0.0021 -0.0178 18  DG  B N9    
382 C  C8    . DG  B 9 ? 0.0939 0.1323 0.1004 0.0167  -0.0027 -0.0174 18  DG  B C8    
383 N  N7    . DG  B 9 ? 0.0977 0.1132 0.1039 0.0111  -0.0140 -0.0252 18  DG  B N7    
384 C  C5    . DG  B 9 ? 0.0834 0.1012 0.1009 0.0190  -0.0052 -0.0228 18  DG  B C5    
385 C  C6    . DG  B 9 ? 0.0968 0.1022 0.0834 0.0225  -0.0007 -0.0089 18  DG  B C6    
386 O  O6    . DG  B 9 ? 0.0942 0.0892 0.1076 0.0066  -0.0136 -0.0194 18  DG  B O6    
387 N  N1    . DG  B 9 ? 0.0866 0.0884 0.0943 0.0051  -0.0098 -0.0147 18  DG  B N1    
388 C  C2    . DG  B 9 ? 0.1066 0.0971 0.0827 0.0229  -0.0206 -0.0172 18  DG  B C2    
389 N  N2    . DG  B 9 ? 0.1320 0.1002 0.1089 -0.0099 -0.0158 -0.0021 18  DG  B N2    
390 N  N3    . DG  B 9 ? 0.1158 0.0881 0.1112 0.0196  -0.0052 -0.0288 18  DG  B N3    
391 C  C4    . DG  B 9 ? 0.1000 0.1097 0.0930 0.0341  0.0079  -0.0092 18  DG  B C4    
392 MG MG    . MG  C . ? 0.0878 0.0730 0.0867 0.0011  -0.0004 0.0036  19  MG  A MG    
393 MG MG    . MG  D . ? 0.0926 0.0850 0.1127 -0.0046 0.0029  -0.0114 26  MG  A MG    
394 MG MG    . MG  E . ? 0.0950 0.1566 0.1085 -0.0165 -0.0138 0.0269  31  MG  A MG    
395 MG MG    . MG  F . ? 0.1312 0.1073 0.1596 0.0009  0.0142  -0.0202 38  MG  A MG    
396 MG MG    . MG  G . ? 0.2715 0.2488 0.2816 -0.0074 -0.0172 0.0139  50  MG  A MG    
397 CL CL    . CL  H . ? 0.1926 0.1583 0.1996 0.0023  -0.0057 -0.0223 51  CL  A CL    
398 O  O     . O   I . ? 0.4146 0.3389 0.3147 0.0220  -0.0058 0.0657  180 O   A O     
399 MG MG    . MG  J . ? 0.4956 0.2472 0.3789 0.0760  0.2045  0.0451  44  MG  B MG    
400 MG MG    . MG  K . ? 0.3193 0.2939 0.2347 -0.0603 0.0011  0.0081  49  MG  B MG    
401 O  O     . O   L . ? 0.2577 0.1995 0.1585 0.0001  0.0205  -0.0361 179 O   B O     
402 O  O     . O   M . ? 0.3105 0.3809 0.2650 -0.0576 -0.0223 0.0240  181 O   B O     
403 O  O     . HOH N . ? 0.0892 0.0751 0.0980 0.0001  0.0025  0.0019  20  HOH A O     
404 O  O     . HOH N . ? 0.1093 0.1173 0.1065 -0.0242 0.0202  -0.0041 22  HOH A O     
405 O  O     . HOH N . ? 0.1693 0.0911 0.1352 -0.0011 -0.0434 0.0057  24  HOH A O     
406 O  O     . HOH N . ? 0.0897 0.1037 0.0964 -0.0072 -0.0012 0.0005  25  HOH A O     
407 O  O     . HOH N . ? 0.1641 0.0923 0.1390 -0.0273 0.0049  -0.0176 27  HOH A O     
408 O  O     . HOH N . ? 0.0847 0.1100 0.1347 -0.0009 -0.0093 -0.0185 28  HOH A O     
409 O  O     . HOH N . ? 0.1064 0.1344 0.1719 0.0264  -0.0013 -0.0184 29  HOH A O     
410 O  O     . HOH N . ? 0.1253 0.0906 0.1248 -0.0139 0.0063  -0.0194 30  HOH A O     
411 O  O     . HOH N . ? 0.1049 0.2978 0.1272 0.0176  -0.0211 0.0392  34  HOH A O     
412 O  O     . HOH N . ? 0.3122 0.1518 0.1881 -0.0076 0.0411  0.0251  39  HOH A O     
413 O  O     . HOH N . ? 0.1517 0.1060 0.2020 0.0220  0.0471  0.0420  40  HOH A O     
414 O  O     . HOH N . ? 0.2047 0.1396 0.2651 0.0077  0.0678  -0.0532 41  HOH A O     
415 O  O     . HOH N . ? 0.1793 0.1637 0.1643 0.0391  0.0298  0.0303  42  HOH A O     
416 O  O     A HOH N . ? 0.1213 0.0945 0.1525 -0.0215 -0.0184 0.0106  43  HOH A O     
417 O  O     B HOH N . ? 0.2941 0.2914 0.3550 0.1219  -0.0709 -0.1882 43  HOH A O     
418 O  O     . HOH N . ? 0.3253 0.3229 0.2215 -0.1542 0.1033  -0.1666 45  HOH A O     
419 O  O     . HOH N . ? 0.2581 0.1818 0.2279 -0.0079 0.0758  0.0417  48  HOH A O     
420 O  O     . HOH N . ? 0.3171 0.1940 0.2918 -0.0383 0.0419  0.0186  52  HOH A O     
421 O  O     A HOH N . ? 0.2540 0.2012 0.3635 0.0106  0.0931  0.0253  55  HOH A O     
422 O  O     B HOH N . ? 0.2120 0.1995 0.2940 -0.0077 -0.0700 0.0004  55  HOH A O     
423 O  O     . HOH N . ? 0.1270 0.1313 0.1131 -0.0174 -0.0233 0.0038  58  HOH A O     
424 O  O     . HOH N . ? 0.1216 0.2403 0.2343 0.0493  -0.0462 -0.0351 60  HOH A O     
425 O  O     . HOH N . ? 0.1266 0.2627 0.1881 -0.0959 -0.0114 0.0154  61  HOH A O     
426 O  O     . HOH N . ? 0.2210 0.3114 0.4417 -0.0307 0.1242  -0.0144 62  HOH A O     
427 O  O     . HOH N . ? 0.1754 0.1240 0.1529 -0.0048 -0.0331 0.0188  63  HOH A O     
428 O  O     . HOH N . ? 0.1236 0.2542 0.2522 0.0026  -0.0190 0.0484  64  HOH A O     
429 O  O     . HOH N . ? 0.7618 0.2318 0.3279 0.0677  -0.0819 -0.0802 65  HOH A O     
430 O  O     . HOH N . ? 0.2672 0.2256 0.1946 0.0411  -0.0643 -0.0697 66  HOH A O     
431 O  O     . HOH N . ? 0.2399 0.3029 0.5138 0.0951  0.0962  0.1972  67  HOH A O     
432 O  O     . HOH N . ? 0.3488 0.1067 0.1316 0.0048  -0.0338 0.0129  68  HOH A O     
433 O  O     . HOH N . ? 0.1216 0.0740 0.1187 -0.0121 0.0092  -0.0111 69  HOH A O     
434 O  O     . HOH N . ? 0.2929 0.2208 0.2111 0.0844  0.1386  0.0639  70  HOH A O     
435 O  O     . HOH N . ? 0.2010 0.1195 0.1902 -0.0114 -0.0196 0.0010  72  HOH A O     
436 O  O     . HOH N . ? 0.2066 0.1045 0.3858 0.0116  0.0485  -0.0165 73  HOH A O     
437 O  O     . HOH N . ? 0.4350 0.2725 0.6042 -0.0036 -0.2358 0.1731  74  HOH A O     
438 O  O     . HOH N . ? 0.1821 0.2098 0.1578 0.0510  -0.0556 -0.0672 75  HOH A O     
439 O  O     . HOH N . ? 0.3420 0.3550 0.2783 -0.0075 -0.0633 -0.0886 76  HOH A O     
440 O  O     . HOH N . ? 0.1486 0.3164 0.2299 -0.0410 -0.0160 -0.1432 77  HOH A O     
441 O  O     . HOH N . ? 0.6342 0.7539 0.1883 0.4671  -0.0267 0.0957  78  HOH A O     
442 O  O     . HOH N . ? 0.4102 0.1794 0.3533 0.0135  -0.0299 0.1354  79  HOH A O     
443 O  O     . HOH N . ? 0.3892 0.2109 0.2644 0.0140  -0.0464 -0.0162 81  HOH A O     
444 O  O     . HOH N . ? 0.3404 0.2707 0.3881 0.0088  -0.0182 0.0583  82  HOH A O     
445 O  O     . HOH N . ? 0.1365 0.1059 0.1564 0.0099  -0.0136 -0.0121 83  HOH A O     
446 O  O     . HOH N . ? 0.1986 0.3379 0.1806 0.0538  -0.0816 -0.0329 84  HOH A O     
447 O  O     . HOH N . ? 0.1311 0.1245 0.1258 -0.0072 -0.0181 -0.0153 85  HOH A O     
448 O  O     . HOH N . ? 0.2048 0.1749 0.1907 0.0671  -0.0154 0.0674  86  HOH A O     
449 O  O     . HOH N . ? 0.2432 0.3681 0.3853 -0.0305 0.0062  -0.0362 87  HOH A O     
450 O  O     . HOH N . ? 0.0974 0.1274 0.4582 0.0109  -0.0294 -0.0509 88  HOH A O     
451 O  O     . HOH N . ? 0.1852 0.1570 0.3310 -0.0108 -0.0420 0.0196  90  HOH A O     
452 O  O     . HOH N . ? 0.0887 0.0803 0.1027 0.0038  -0.0064 0.0086  112 HOH A O     
453 O  O     . HOH N . ? 0.1248 0.0926 0.1663 0.0005  -0.0063 0.0281  114 HOH A O     
454 O  O     . HOH N . ? 0.1095 0.1322 0.1038 -0.0302 0.0040  -0.0373 115 HOH A O     
455 O  O     . HOH N . ? 0.2163 0.1940 0.2371 0.0031  -0.0720 0.0027  116 HOH A O     
456 O  O     . HOH N . ? 0.1124 0.1094 0.1180 0.0068  0.0234  0.0014  118 HOH A O     
457 O  O     . HOH N . ? 0.1736 0.1392 0.2034 0.0149  -0.0218 -0.0016 119 HOH A O     
458 O  O     . HOH N . ? 0.2454 0.2915 0.4691 -0.0118 -0.0840 0.1671  120 HOH A O     
459 O  O     . HOH N . ? 0.1614 0.1410 0.1600 0.0142  0.0169  0.0526  121 HOH A O     
460 O  O     . HOH N . ? 0.3417 0.2420 0.3940 -0.1751 0.1464  -0.1048 122 HOH A O     
461 O  O     . HOH N . ? 0.1686 0.1898 0.1555 -0.0202 -0.0026 -0.0288 123 HOH A O     
462 O  O     . HOH N . ? 0.1414 0.1236 0.1436 -0.0133 -0.0349 0.0180  126 HOH A O     
463 O  O     . HOH N . ? 0.5491 0.4216 0.2122 -0.1263 -0.1160 0.1142  127 HOH A O     
464 O  O     . HOH N . ? 0.1438 0.1606 0.2699 -0.0092 -0.0001 0.0680  130 HOH A O     
465 O  O     . HOH N . ? 0.3833 0.2211 0.3736 -0.1240 -0.1098 0.0680  133 HOH A O     
466 O  O     . HOH N . ? 0.2781 0.2430 0.6196 0.0265  0.1654  0.1226  134 HOH A O     
467 O  O     . HOH N . ? 0.5282 0.4821 0.5754 -0.0375 0.0368  -0.1033 139 HOH A O     
468 O  O     . HOH N . ? 0.4847 0.4215 0.6005 0.0215  0.0440  -0.0661 140 HOH A O     
469 O  O     . HOH N . ? 0.3226 0.2023 0.1892 -0.0314 -0.1011 0.0274  141 HOH A O     
470 O  O     . HOH N . ? 0.1401 0.1493 0.2273 -0.0422 -0.0597 0.0386  142 HOH A O     
471 O  O     . HOH N . ? 0.3588 0.4923 0.3489 0.0383  0.0542  0.0299  143 HOH A O     
472 O  O     . HOH N . ? 0.4954 0.9496 0.4251 0.2364  0.0350  0.0383  146 HOH A O     
473 O  O     . HOH N . ? 0.2550 0.4460 0.5009 0.0423  0.1293  0.1135  148 HOH A O     
474 O  O     . HOH N . ? 0.4321 0.7313 0.7253 -0.0358 -0.0721 -0.0929 149 HOH A O     
475 O  O     A HOH N . ? 0.1095 0.0586 0.1396 -0.0080 0.0212  -0.0043 152 HOH A O     
476 O  O     B HOH N . ? 0.1409 0.0961 0.3054 -0.0166 0.0694  -0.0257 152 HOH A O     
477 O  O     A HOH N . ? 0.1715 0.1130 0.3803 -0.0157 -0.0887 0.0116  156 HOH A O     
478 O  O     B HOH N . ? 0.2991 0.3499 0.4855 0.0082  -0.1602 0.1495  156 HOH A O     
479 O  O     A HOH N . ? 0.1659 0.1414 0.1668 -0.0394 -0.0052 -0.0109 158 HOH A O     
480 O  O     B HOH N . ? 0.1282 0.1358 0.1567 -0.0390 -0.0043 -0.0261 158 HOH A O     
481 O  O     . HOH N . ? 0.7188 0.2916 0.2532 0.0561  0.1167  -0.0004 162 HOH A O     
482 O  O     . HOH N . ? 0.3299 0.3388 0.5612 -0.0299 -0.0613 0.0870  163 HOH A O     
483 O  O     . HOH N . ? 0.3989 0.5954 0.5643 0.1000  -0.0078 0.4531  165 HOH A O     
484 O  O     . HOH N . ? 0.2080 0.2216 0.2136 -0.0073 -0.0282 0.0377  166 HOH A O     
485 O  O     . HOH N . ? 0.2567 0.2342 0.2901 -0.0532 -0.0504 -0.0318 169 HOH A O     
486 O  O     . HOH N . ? 0.6572 0.5449 0.6407 0.2579  -0.4984 -0.1708 170 HOH A O     
487 O  O     . HOH N . ? 0.1886 0.8189 0.4403 -0.0602 0.1293  -0.1220 172 HOH A O     
488 O  O     . HOH N . ? 0.2153 0.1804 0.1893 0.0168  -0.0429 0.0685  173 HOH A O     
489 O  O     . HOH N . ? 0.3491 0.3149 0.3096 -0.0260 -0.0815 0.0696  174 HOH A O     
490 O  O     . HOH N . ? 0.2537 0.1846 0.1957 0.0075  0.0903  0.0277  176 HOH A O     
491 O  O     . HOH N . ? 0.5660 0.5788 0.3419 0.1689  0.1920  0.1082  177 HOH A O     
492 O  O     . HOH N . ? 0.3019 0.3196 0.3535 -0.0343 -0.0582 -0.0352 178 HOH A O     
493 O  O     . HOH O . ? 0.1123 0.0853 0.0901 0.0038  -0.0094 -0.0075 21  HOH B O     
494 O  O     . HOH O . ? 0.1156 0.0950 0.0983 -0.0014 0.0037  -0.0022 23  HOH B O     
495 O  O     . HOH O . ? 0.4252 0.1128 0.1512 -0.0553 0.0831  -0.0046 32  HOH B O     
496 O  O     . HOH O . ? 0.1370 0.1780 0.1882 0.0356  -0.0284 -0.0493 33  HOH B O     
497 O  O     . HOH O . ? 0.2714 0.1150 0.1617 -0.0598 -0.1091 0.0388  35  HOH B O     
498 O  O     A HOH O . ? 0.2836 0.1597 0.1708 -0.0384 -0.0291 -0.0063 36  HOH B O     
499 O  O     B HOH O . ? 0.2574 0.1879 0.2432 0.0508  0.0994  -0.1296 36  HOH B O     
500 O  O     A HOH O . ? 0.0887 0.1226 0.1092 -0.0238 -0.0173 0.0218  37  HOH B O     
501 O  O     B HOH O . ? 0.0981 0.1524 0.1017 0.0104  -0.0078 -0.0065 37  HOH B O     
502 O  O     . HOH O . ? 0.3891 0.2990 0.2442 0.1513  0.0400  0.0749  46  HOH B O     
503 O  O     . HOH O . ? 0.4486 0.1337 0.2390 0.0140  0.0324  -0.0277 47  HOH B O     
504 O  O     . HOH O . ? 0.2231 0.2732 0.3284 -0.0068 0.0912  0.1456  53  HOH B O     
505 O  O     . HOH O . ? 0.1835 0.2258 0.2147 -0.0332 -0.0025 0.0592  54  HOH B O     
506 O  O     . HOH O . ? 0.2904 0.6774 0.4555 -0.0938 0.0432  -0.0859 56  HOH B O     
507 O  O     . HOH O . ? 0.1864 0.6832 0.7835 -0.1259 0.0575  -0.2495 57  HOH B O     
508 O  O     . HOH O . ? 0.1802 0.1286 0.1036 0.0142  0.0300  0.0310  59  HOH B O     
509 O  O     . HOH O . ? 0.2262 0.1380 0.2710 0.0425  -0.1284 -0.0520 71  HOH B O     
510 O  O     . HOH O . ? 0.1445 0.1373 0.1133 0.0278  -0.0279 -0.0044 80  HOH B O     
511 O  O     . HOH O . ? 0.1155 0.1550 0.1454 -0.0171 -0.0023 -0.0413 89  HOH B O     
512 O  O     . HOH O . ? 0.1792 0.3906 0.2287 0.0708  -0.0919 -0.1189 91  HOH B O     
513 O  O     . HOH O . ? 0.1872 0.4727 0.2431 0.1028  -0.0755 -0.1247 92  HOH B O     
514 O  O     . HOH O . ? 0.0806 0.0914 0.1143 -0.0010 0.0003  -0.0073 93  HOH B O     
515 O  O     . HOH O . ? 0.0959 0.1059 0.1161 0.0129  -0.0187 -0.0143 94  HOH B O     
516 O  O     . HOH O . ? 0.1126 0.1660 0.1428 -0.0083 -0.0135 -0.0117 95  HOH B O     
517 O  O     . HOH O . ? 0.2702 0.2401 0.4543 -0.0907 0.0180  -0.0742 96  HOH B O     
518 O  O     . HOH O . ? 0.1317 0.2437 0.2436 -0.0247 0.0185  -0.1099 97  HOH B O     
519 O  O     . HOH O . ? 0.2530 0.1412 0.1967 0.0111  0.0401  0.0206  98  HOH B O     
520 O  O     . HOH O . ? 0.2689 0.2567 0.2739 0.1135  0.0138  0.0311  99  HOH B O     
521 O  O     . HOH O . ? 0.2275 0.3146 0.2804 -0.0060 0.0019  -0.0614 100 HOH B O     
522 O  O     . HOH O . ? 0.2448 0.5114 0.4083 0.1148  -0.0985 -0.2811 101 HOH B O     
523 O  O     . HOH O . ? 0.1172 0.0803 0.1297 0.0004  0.0043  0.0107  102 HOH B O     
524 O  O     . HOH O . ? 0.3078 0.4085 0.1922 -0.0143 -0.0243 -0.0039 103 HOH B O     
525 O  O     . HOH O . ? 0.1205 0.1048 0.1323 0.0001  0.0144  0.0027  104 HOH B O     
526 O  O     . HOH O . ? 0.1600 0.1535 0.2146 0.0154  -0.0489 -0.0456 105 HOH B O     
527 O  O     . HOH O . ? 0.1292 0.1762 0.1873 -0.0081 0.0170  -0.0584 106 HOH B O     
528 O  O     . HOH O . ? 0.2918 0.5467 0.4780 -0.1443 -0.1227 0.3446  107 HOH B O     
529 O  O     . HOH O . ? 0.1445 0.1695 0.1675 -0.0302 -0.0087 -0.0107 108 HOH B O     
530 O  O     . HOH O . ? 0.3170 0.1540 0.1383 0.0187  0.0341  0.0059  109 HOH B O     
531 O  O     . HOH O . ? 0.0891 0.0922 0.1136 0.0065  0.0061  -0.0141 110 HOH B O     
532 O  O     . HOH O . ? 0.2033 0.2050 0.1809 -0.0150 0.0458  -0.0591 111 HOH B O     
533 O  O     . HOH O . ? 0.5348 0.2264 0.2213 -0.0105 -0.0107 0.0658  113 HOH B O     
534 O  O     . HOH O . ? 0.3223 0.2447 0.1335 -0.0201 -0.0282 0.0107  117 HOH B O     
535 O  O     . HOH O . ? 0.2681 0.1993 0.1977 0.0455  -0.0237 0.0592  124 HOH B O     
536 O  O     . HOH O . ? 0.2188 0.3277 0.1686 0.0503  0.0049  0.0496  125 HOH B O     
537 O  O     . HOH O . ? 0.1173 0.1712 0.1322 0.0022  -0.0102 -0.0480 128 HOH B O     
538 O  O     . HOH O . ? 0.4252 0.3406 0.4243 -0.0077 0.0722  0.0157  129 HOH B O     
539 O  O     . HOH O . ? 0.2490 0.3088 0.1824 -0.1564 0.0670  -0.0541 131 HOH B O     
540 O  O     . HOH O . ? 0.0980 0.1552 0.1387 -0.0124 -0.0108 -0.0197 132 HOH B O     
541 O  O     . HOH O . ? 0.4484 0.1802 0.2457 0.0868  -0.0738 -0.0546 135 HOH B O     
542 O  O     . HOH O . ? 0.2888 0.1598 0.3369 0.0337  -0.0380 -0.0782 136 HOH B O     
543 O  O     . HOH O . ? 0.4809 0.3922 0.4116 0.0404  -0.0435 0.0469  137 HOH B O     
544 O  O     . HOH O . ? 0.4449 0.5556 0.3102 0.0022  0.0069  -0.1769 138 HOH B O     
545 O  O     . HOH O . ? 0.9885 0.5837 1.1754 0.4598  -0.2160 0.3015  145 HOH B O     
546 O  O     . HOH O . ? 1.0533 0.3650 0.5623 0.2977  -0.1816 0.0761  147 HOH B O     
547 O  O     . HOH O . ? 0.6039 0.4654 0.4204 0.0136  -0.0473 -0.1322 150 HOH B O     
548 O  O     . HOH O . ? 0.1782 0.4580 0.3293 0.0870  -0.0750 -0.2127 151 HOH B O     
549 O  O     A HOH O . ? 0.1127 0.0808 0.0929 -0.0031 -0.0058 0.0095  153 HOH B O     
550 O  O     B HOH O . ? 0.2744 0.1804 0.2107 0.0113  -0.0116 -0.0445 153 HOH B O     
551 O  O     A HOH O . ? 0.1357 0.1106 0.1242 0.0163  0.0133  0.0097  154 HOH B O     
552 O  O     B HOH O . ? 0.3821 0.2468 0.3159 -0.0466 0.0416  -0.0128 154 HOH B O     
553 O  O     A HOH O . ? 0.1289 0.1877 0.1939 0.0314  -0.0082 -0.0435 155 HOH B O     
554 O  O     B HOH O . ? 0.1762 0.1801 0.1630 0.0090  -0.0195 -0.0640 155 HOH B O     
555 O  O     A HOH O . ? 0.0804 0.0815 0.0785 -0.0005 0.0059  -0.0127 157 HOH B O     
556 O  O     B HOH O . ? 0.3461 0.3891 0.2250 0.0768  -0.0409 -0.0426 157 HOH B O     
557 O  O     A HOH O . ? 0.1855 0.1617 0.1963 -0.0233 0.0196  -0.0065 159 HOH B O     
558 O  O     B HOH O . ? 0.1352 0.1836 0.1940 -0.0456 0.0210  0.0412  159 HOH B O     
559 O  O     A HOH O . ? 0.1302 0.1752 0.2111 -0.0292 -0.0215 -0.0365 160 HOH B O     
560 O  O     B HOH O . ? 0.2115 0.1403 0.1816 -0.0169 0.0048  -0.0048 160 HOH B O     
561 O  O     C HOH O . ? 0.2357 0.1284 0.1669 0.0191  0.0347  -0.0099 160 HOH B O     
562 O  O     A HOH O . ? 0.0837 0.1914 0.1566 0.0304  0.0278  -0.0090 161 HOH B O     
563 O  O     B HOH O . ? 0.2798 0.2407 0.2570 -0.0008 0.0951  0.0074  161 HOH B O     
564 O  O     . HOH O . ? 0.3957 0.2667 0.3068 0.0746  0.0756  0.0314  164 HOH B O     
565 O  O     . HOH O . ? 0.4444 0.3046 0.2715 0.0425  -0.0201 -0.0049 167 HOH B O     
566 O  O     . HOH O . ? 0.7232 0.5692 1.0345 0.0430  -0.3241 0.2883  168 HOH B O     
567 O  O     . HOH O . ? 0.4137 0.1563 0.5163 -0.0158 -0.1717 0.0014  171 HOH B O     
568 O  O     . HOH O . ? 0.9430 0.9052 1.5424 -0.1883 -0.2816 -0.1437 175 HOH B O     
# 
